data_1P03
# 
_entry.id   1P03 
# 
_audit_conform.dict_name       mmcif_pdbx.dic 
_audit_conform.dict_version    5.397 
_audit_conform.dict_location   http://mmcif.pdb.org/dictionaries/ascii/mmcif_pdbx.dic 
# 
loop_
_database_2.database_id 
_database_2.database_code 
_database_2.pdbx_database_accession 
_database_2.pdbx_DOI 
PDB   1P03         pdb_00001p03 10.2210/pdb1p03/pdb 
WWPDB D_1000175542 ?            ?                   
# 
loop_
_pdbx_audit_revision_history.ordinal 
_pdbx_audit_revision_history.data_content_type 
_pdbx_audit_revision_history.major_revision 
_pdbx_audit_revision_history.minor_revision 
_pdbx_audit_revision_history.revision_date 
1 'Structure model' 1 0 1990-04-15 
2 'Structure model' 1 1 2008-03-24 
3 'Structure model' 1 2 2011-07-13 
4 'Structure model' 1 3 2012-12-12 
5 'Structure model' 1 4 2024-06-05 
6 'Structure model' 1 5 2024-10-09 
# 
_pdbx_audit_revision_details.ordinal             1 
_pdbx_audit_revision_details.revision_ordinal    1 
_pdbx_audit_revision_details.data_content_type   'Structure model' 
_pdbx_audit_revision_details.provider            repository 
_pdbx_audit_revision_details.type                'Initial release' 
_pdbx_audit_revision_details.description         ? 
_pdbx_audit_revision_details.details             ? 
# 
loop_
_pdbx_audit_revision_group.ordinal 
_pdbx_audit_revision_group.revision_ordinal 
_pdbx_audit_revision_group.data_content_type 
_pdbx_audit_revision_group.group 
1  2 'Structure model' 'Version format compliance' 
2  3 'Structure model' 'Atomic model'              
3  3 'Structure model' 'Database references'       
4  3 'Structure model' 'Derived calculations'      
5  3 'Structure model' 'Non-polymer description'   
6  3 'Structure model' 'Structure summary'         
7  3 'Structure model' 'Version format compliance' 
8  4 'Structure model' Other                       
9  5 'Structure model' 'Data collection'           
10 5 'Structure model' 'Database references'       
11 5 'Structure model' 'Derived calculations'      
12 5 'Structure model' Other                       
13 6 'Structure model' 'Structure summary'         
# 
loop_
_pdbx_audit_revision_category.ordinal 
_pdbx_audit_revision_category.revision_ordinal 
_pdbx_audit_revision_category.data_content_type 
_pdbx_audit_revision_category.category 
1  5 'Structure model' chem_comp_atom            
2  5 'Structure model' chem_comp_bond            
3  5 'Structure model' database_2                
4  5 'Structure model' pdbx_database_status      
5  5 'Structure model' struct_conn               
6  5 'Structure model' struct_ref_seq            
7  5 'Structure model' struct_sheet              
8  5 'Structure model' struct_site               
9  6 'Structure model' pdbx_entry_details        
10 6 'Structure model' pdbx_modification_feature 
# 
loop_
_pdbx_audit_revision_item.ordinal 
_pdbx_audit_revision_item.revision_ordinal 
_pdbx_audit_revision_item.data_content_type 
_pdbx_audit_revision_item.item 
1  5 'Structure model' '_database_2.pdbx_DOI'                         
2  5 'Structure model' '_database_2.pdbx_database_accession'          
3  5 'Structure model' '_pdbx_database_status.process_site'           
4  5 'Structure model' '_struct_conn.pdbx_dist_value'                 
5  5 'Structure model' '_struct_conn.pdbx_leaving_atom_flag'          
6  5 'Structure model' '_struct_conn.ptnr1_auth_asym_id'              
7  5 'Structure model' '_struct_conn.ptnr1_auth_comp_id'              
8  5 'Structure model' '_struct_conn.ptnr1_auth_seq_id'               
9  5 'Structure model' '_struct_conn.ptnr1_label_asym_id'             
10 5 'Structure model' '_struct_conn.ptnr1_label_atom_id'             
11 5 'Structure model' '_struct_conn.ptnr1_label_comp_id'             
12 5 'Structure model' '_struct_conn.ptnr1_label_seq_id'              
13 5 'Structure model' '_struct_conn.ptnr2_auth_asym_id'              
14 5 'Structure model' '_struct_conn.ptnr2_auth_comp_id'              
15 5 'Structure model' '_struct_conn.ptnr2_auth_seq_id'               
16 5 'Structure model' '_struct_conn.ptnr2_label_asym_id'             
17 5 'Structure model' '_struct_conn.ptnr2_label_atom_id'             
18 5 'Structure model' '_struct_conn.ptnr2_label_comp_id'             
19 5 'Structure model' '_struct_conn.ptnr2_label_seq_id'              
20 5 'Structure model' '_struct_ref_seq.db_align_beg'                 
21 5 'Structure model' '_struct_ref_seq.db_align_end'                 
22 5 'Structure model' '_struct_sheet.number_strands'                 
23 5 'Structure model' '_struct_site.pdbx_auth_asym_id'               
24 5 'Structure model' '_struct_site.pdbx_auth_comp_id'               
25 5 'Structure model' '_struct_site.pdbx_auth_seq_id'                
26 6 'Structure model' '_pdbx_entry_details.has_protein_modification' 
# 
_pdbx_database_status.status_code                     REL 
_pdbx_database_status.entry_id                        1P03 
_pdbx_database_status.recvd_initial_deposition_date   1989-04-24 
_pdbx_database_status.deposit_site                    ? 
_pdbx_database_status.process_site                    BNL 
_pdbx_database_status.SG_entry                        . 
_pdbx_database_status.status_code_sf                  ? 
_pdbx_database_status.status_code_mr                  ? 
_pdbx_database_status.status_code_cs                  ? 
_pdbx_database_status.pdb_format_compatible           Y 
_pdbx_database_status.status_code_nmr_data            ? 
_pdbx_database_status.methods_development_category    ? 
# 
loop_
_audit_author.name 
_audit_author.pdbx_ordinal 
'Bone, R.'    1 
'Agard, D.A.' 2 
# 
loop_
_citation.id 
_citation.title 
_citation.journal_abbrev 
_citation.journal_volume 
_citation.page_first 
_citation.page_last 
_citation.year 
_citation.journal_id_ASTM 
_citation.country 
_citation.journal_id_ISSN 
_citation.journal_id_CSD 
_citation.book_publisher 
_citation.pdbx_database_id_PubMed 
_citation.pdbx_database_id_DOI 
primary 'Structural analysis of specificity: alpha-lytic protease complexes with analogues of reaction intermediates.' 
Biochemistry      28  7600 7609 1989 BICHAW US 0006-2960 0033 ? 2611204 10.1021/bi00445a015 
1       'Structural Plasticity as a Determinant of Enzyme Specificity. Creating Broadly Specific Proteases' 'To be Published' ?   
?    ?    ?    ?      ?  ?         0353 ? ?       ?                   
2       'Kinetic Properties of the Binding of Alpha-Lytic Protease to Peptide Boronic Acids' Biochemistry      27  7682 ?    1988 
BICHAW US 0006-2960 0033 ? ?       ?                   
3       
'Serine Protease Mechanism. Structure of an Inhibitory Complex of Alpha-Lytic Protease and a Tightly Bound Peptide Boronic Acid' 
Biochemistry      26  7609 ?    1987 BICHAW US 0006-2960 0033 ? ?       ?                   
4       
'Refined Structure of Alpha-Lytic Protease at 1.7 Angstroms Resolution. Analysis of Hydrogen Bonding and Solvent Structure'      
J.Mol.Biol.       184 479  ?    1985 JMOBAK UK 0022-2836 0070 ? ?       ?                   
5       'Molecular Structure of the Alpha-Lytic Protease from Myxobacter 495 at 2.8 Angstroms Resolution' J.Mol.Biol.       131 
743  ?    1979 JMOBAK UK 0022-2836 0070 ? ?       ?                   
# 
loop_
_citation_author.citation_id 
_citation_author.name 
_citation_author.ordinal 
_citation_author.identifier_ORCID 
primary 'Bone, R.'         1  ? 
primary 'Frank, D.'        2  ? 
primary 'Kettner, C.A.'    3  ? 
primary 'Agard, D.A.'      4  ? 
1       'Bone, R.'         5  ? 
1       'Silen, J.L.'      6  ? 
1       'Agard, D.A.'      7  ? 
2       'Kettner, C.A.'    8  ? 
2       'Bone, R.'         9  ? 
2       'Agard, D.A.'      10 ? 
2       'Bachovchin, W.W.' 11 ? 
3       'Bone, R.'         12 ? 
3       'Shenvi, A.B.'     13 ? 
3       'Kettner, C.A.'    14 ? 
3       'Agard, D.A.'      15 ? 
4       'Fujinaga, M.'     16 ? 
4       'Delbaere, L.T.J.' 17 ? 
4       'Brayer, G.D.'     18 ? 
4       'James, M.N.G.'    19 ? 
5       'Brayer, G.D.'     20 ? 
5       'Delbaere, L.T.J.' 21 ? 
5       'James, M.N.G.'    22 ? 
# 
loop_
_entity.id 
_entity.type 
_entity.src_method 
_entity.pdbx_description 
_entity.formula_weight 
_entity.pdbx_number_of_molecules 
_entity.pdbx_ec 
_entity.pdbx_mutation 
_entity.pdbx_fragment 
_entity.details 
1 polymer     man 'ALPHA-LYTIC PROTEASE'                                      19875.131 1   3.4.21.12 ? ? ? 
2 polymer     syn 'METHOXYSUCCINYL-ALA-ALA-PRO-VALINE BORONIC ACID INHIBITOR' 470.325   1   ?         ? ? ? 
3 non-polymer syn 'SULFATE ION'                                               96.063    1   ?         ? ? ? 
4 water       nat water                                                       18.015    141 ?         ? ? ? 
# 
loop_
_entity_poly.entity_id 
_entity_poly.type 
_entity_poly.nstd_linkage 
_entity_poly.nstd_monomer 
_entity_poly.pdbx_seq_one_letter_code 
_entity_poly.pdbx_seq_one_letter_code_can 
_entity_poly.pdbx_strand_id 
_entity_poly.pdbx_target_identifier 
1 'polypeptide(L)' no no  
;ANIVGGIEYSINNASLCSVGFSVTRGATKGFVTAGHCGTVNATARIGGAVVGTFAARVFPGNDRAWVSLTSAQTLLPRVA
NGSSFVTVRGSTEAAVGAAVCRSGRTTGYQCGTITAKNVTANYAEGAVRGLTQGNACMGRGDSGGSWITSAGQAQGVMSG
GNVQSNGNNCGIPASQRSSLFERLQPILSQYGLSLVTG
;
;ANIVGGIEYSINNASLCSVGFSVTRGATKGFVTAGHCGTVNATARIGGAVVGTFAARVFPGNDRAWVSLTSAQTLLPRVA
NGSSFVTVRGSTEAAVGAAVCRSGRTTGYQCGTITAKNVTANYAEGAVRGLTQGNACMGRGDSGGSWITSAGQAQGVMSG
GNVQSNGNNCGIPASQRSSLFERLQPILSQYGLSLVTG
;
A ? 
2 'polypeptide(L)' no yes '(MSU)AAP(B2V)' XAAPV P ? 
# 
loop_
_pdbx_entity_nonpoly.entity_id 
_pdbx_entity_nonpoly.name 
_pdbx_entity_nonpoly.comp_id 
3 'SULFATE ION' SO4 
4 water         HOH 
# 
loop_
_entity_poly_seq.entity_id 
_entity_poly_seq.num 
_entity_poly_seq.mon_id 
_entity_poly_seq.hetero 
1 1   ALA n 
1 2   ASN n 
1 3   ILE n 
1 4   VAL n 
1 5   GLY n 
1 6   GLY n 
1 7   ILE n 
1 8   GLU n 
1 9   TYR n 
1 10  SER n 
1 11  ILE n 
1 12  ASN n 
1 13  ASN n 
1 14  ALA n 
1 15  SER n 
1 16  LEU n 
1 17  CYS n 
1 18  SER n 
1 19  VAL n 
1 20  GLY n 
1 21  PHE n 
1 22  SER n 
1 23  VAL n 
1 24  THR n 
1 25  ARG n 
1 26  GLY n 
1 27  ALA n 
1 28  THR n 
1 29  LYS n 
1 30  GLY n 
1 31  PHE n 
1 32  VAL n 
1 33  THR n 
1 34  ALA n 
1 35  GLY n 
1 36  HIS n 
1 37  CYS n 
1 38  GLY n 
1 39  THR n 
1 40  VAL n 
1 41  ASN n 
1 42  ALA n 
1 43  THR n 
1 44  ALA n 
1 45  ARG n 
1 46  ILE n 
1 47  GLY n 
1 48  GLY n 
1 49  ALA n 
1 50  VAL n 
1 51  VAL n 
1 52  GLY n 
1 53  THR n 
1 54  PHE n 
1 55  ALA n 
1 56  ALA n 
1 57  ARG n 
1 58  VAL n 
1 59  PHE n 
1 60  PRO n 
1 61  GLY n 
1 62  ASN n 
1 63  ASP n 
1 64  ARG n 
1 65  ALA n 
1 66  TRP n 
1 67  VAL n 
1 68  SER n 
1 69  LEU n 
1 70  THR n 
1 71  SER n 
1 72  ALA n 
1 73  GLN n 
1 74  THR n 
1 75  LEU n 
1 76  LEU n 
1 77  PRO n 
1 78  ARG n 
1 79  VAL n 
1 80  ALA n 
1 81  ASN n 
1 82  GLY n 
1 83  SER n 
1 84  SER n 
1 85  PHE n 
1 86  VAL n 
1 87  THR n 
1 88  VAL n 
1 89  ARG n 
1 90  GLY n 
1 91  SER n 
1 92  THR n 
1 93  GLU n 
1 94  ALA n 
1 95  ALA n 
1 96  VAL n 
1 97  GLY n 
1 98  ALA n 
1 99  ALA n 
1 100 VAL n 
1 101 CYS n 
1 102 ARG n 
1 103 SER n 
1 104 GLY n 
1 105 ARG n 
1 106 THR n 
1 107 THR n 
1 108 GLY n 
1 109 TYR n 
1 110 GLN n 
1 111 CYS n 
1 112 GLY n 
1 113 THR n 
1 114 ILE n 
1 115 THR n 
1 116 ALA n 
1 117 LYS n 
1 118 ASN n 
1 119 VAL n 
1 120 THR n 
1 121 ALA n 
1 122 ASN n 
1 123 TYR n 
1 124 ALA n 
1 125 GLU n 
1 126 GLY n 
1 127 ALA n 
1 128 VAL n 
1 129 ARG n 
1 130 GLY n 
1 131 LEU n 
1 132 THR n 
1 133 GLN n 
1 134 GLY n 
1 135 ASN n 
1 136 ALA n 
1 137 CYS n 
1 138 MET n 
1 139 GLY n 
1 140 ARG n 
1 141 GLY n 
1 142 ASP n 
1 143 SER n 
1 144 GLY n 
1 145 GLY n 
1 146 SER n 
1 147 TRP n 
1 148 ILE n 
1 149 THR n 
1 150 SER n 
1 151 ALA n 
1 152 GLY n 
1 153 GLN n 
1 154 ALA n 
1 155 GLN n 
1 156 GLY n 
1 157 VAL n 
1 158 MET n 
1 159 SER n 
1 160 GLY n 
1 161 GLY n 
1 162 ASN n 
1 163 VAL n 
1 164 GLN n 
1 165 SER n 
1 166 ASN n 
1 167 GLY n 
1 168 ASN n 
1 169 ASN n 
1 170 CYS n 
1 171 GLY n 
1 172 ILE n 
1 173 PRO n 
1 174 ALA n 
1 175 SER n 
1 176 GLN n 
1 177 ARG n 
1 178 SER n 
1 179 SER n 
1 180 LEU n 
1 181 PHE n 
1 182 GLU n 
1 183 ARG n 
1 184 LEU n 
1 185 GLN n 
1 186 PRO n 
1 187 ILE n 
1 188 LEU n 
1 189 SER n 
1 190 GLN n 
1 191 TYR n 
1 192 GLY n 
1 193 LEU n 
1 194 SER n 
1 195 LEU n 
1 196 VAL n 
1 197 THR n 
1 198 GLY n 
2 1   MSU n 
2 2   ALA n 
2 3   ALA n 
2 4   PRO n 
2 5   B2V n 
# 
_entity_src_gen.entity_id                          1 
_entity_src_gen.pdbx_src_id                        1 
_entity_src_gen.pdbx_alt_source_flag               sample 
_entity_src_gen.pdbx_seq_type                      ? 
_entity_src_gen.pdbx_beg_seq_num                   ? 
_entity_src_gen.pdbx_end_seq_num                   ? 
_entity_src_gen.gene_src_common_name               ? 
_entity_src_gen.gene_src_genus                     ? 
_entity_src_gen.pdbx_gene_src_gene                 ? 
_entity_src_gen.gene_src_species                   ? 
_entity_src_gen.gene_src_strain                    ? 
_entity_src_gen.gene_src_tissue                    ? 
_entity_src_gen.gene_src_tissue_fraction           ? 
_entity_src_gen.gene_src_details                   ? 
_entity_src_gen.pdbx_gene_src_fragment             ? 
_entity_src_gen.pdbx_gene_src_scientific_name      'Lysobacter enzymogenes' 
_entity_src_gen.pdbx_gene_src_ncbi_taxonomy_id     69 
_entity_src_gen.pdbx_gene_src_variant              ? 
_entity_src_gen.pdbx_gene_src_cell_line            ? 
_entity_src_gen.pdbx_gene_src_atcc                 ? 
_entity_src_gen.pdbx_gene_src_organ                ? 
_entity_src_gen.pdbx_gene_src_organelle            ? 
_entity_src_gen.pdbx_gene_src_cell                 ? 
_entity_src_gen.pdbx_gene_src_cellular_location    ? 
_entity_src_gen.host_org_common_name               ? 
_entity_src_gen.pdbx_host_org_scientific_name      ? 
_entity_src_gen.pdbx_host_org_ncbi_taxonomy_id     ? 
_entity_src_gen.host_org_genus                     ? 
_entity_src_gen.pdbx_host_org_gene                 ? 
_entity_src_gen.pdbx_host_org_organ                ? 
_entity_src_gen.host_org_species                   ? 
_entity_src_gen.pdbx_host_org_tissue               ? 
_entity_src_gen.pdbx_host_org_tissue_fraction      ? 
_entity_src_gen.pdbx_host_org_strain               ? 
_entity_src_gen.pdbx_host_org_variant              ? 
_entity_src_gen.pdbx_host_org_cell_line            ? 
_entity_src_gen.pdbx_host_org_atcc                 ? 
_entity_src_gen.pdbx_host_org_culture_collection   ? 
_entity_src_gen.pdbx_host_org_cell                 ? 
_entity_src_gen.pdbx_host_org_organelle            ? 
_entity_src_gen.pdbx_host_org_cellular_location    ? 
_entity_src_gen.pdbx_host_org_vector_type          ? 
_entity_src_gen.pdbx_host_org_vector               ? 
_entity_src_gen.host_org_details                   ? 
_entity_src_gen.expression_system_id               ? 
_entity_src_gen.plasmid_name                       ? 
_entity_src_gen.plasmid_details                    ? 
_entity_src_gen.pdbx_description                   ? 
# 
loop_
_chem_comp.id 
_chem_comp.type 
_chem_comp.mon_nstd_flag 
_chem_comp.name 
_chem_comp.pdbx_synonyms 
_chem_comp.formula 
_chem_comp.formula_weight 
ALA 'L-peptide linking' y ALANINE                          ? 'C3 H7 N O2'     89.093  
ARG 'L-peptide linking' y ARGININE                         ? 'C6 H15 N4 O2 1' 175.209 
ASN 'L-peptide linking' y ASPARAGINE                       ? 'C4 H8 N2 O3'    132.118 
ASP 'L-peptide linking' y 'ASPARTIC ACID'                  ? 'C4 H7 N O4'     133.103 
B2V peptide-like        n 'VALINE BORONIC ACID'            ? 'C4 H12 B N O2'  116.955 
CYS 'L-peptide linking' y CYSTEINE                         ? 'C3 H7 N O2 S'   121.158 
GLN 'L-peptide linking' y GLUTAMINE                        ? 'C5 H10 N2 O3'   146.144 
GLU 'L-peptide linking' y 'GLUTAMIC ACID'                  ? 'C5 H9 N O4'     147.129 
GLY 'peptide linking'   y GLYCINE                          ? 'C2 H5 N O2'     75.067  
HIS 'L-peptide linking' y HISTIDINE                        ? 'C6 H10 N3 O2 1' 156.162 
HOH non-polymer         . WATER                            ? 'H2 O'           18.015  
ILE 'L-peptide linking' y ISOLEUCINE                       ? 'C6 H13 N O2'    131.173 
LEU 'L-peptide linking' y LEUCINE                          ? 'C6 H13 N O2'    131.173 
LYS 'L-peptide linking' y LYSINE                           ? 'C6 H15 N2 O2 1' 147.195 
MET 'L-peptide linking' y METHIONINE                       ? 'C5 H11 N O2 S'  149.211 
MSU non-polymer         . 'SUCCINIC ACID MONOMETHYL ESTER' ? 'C5 H8 O4'       132.115 
PHE 'L-peptide linking' y PHENYLALANINE                    ? 'C9 H11 N O2'    165.189 
PRO 'L-peptide linking' y PROLINE                          ? 'C5 H9 N O2'     115.130 
SER 'L-peptide linking' y SERINE                           ? 'C3 H7 N O3'     105.093 
SO4 non-polymer         . 'SULFATE ION'                    ? 'O4 S -2'        96.063  
THR 'L-peptide linking' y THREONINE                        ? 'C4 H9 N O3'     119.119 
TRP 'L-peptide linking' y TRYPTOPHAN                       ? 'C11 H12 N2 O2'  204.225 
TYR 'L-peptide linking' y TYROSINE                         ? 'C9 H11 N O3'    181.189 
VAL 'L-peptide linking' y VALINE                           ? 'C5 H11 N O2'    117.146 
# 
loop_
_pdbx_poly_seq_scheme.asym_id 
_pdbx_poly_seq_scheme.entity_id 
_pdbx_poly_seq_scheme.seq_id 
_pdbx_poly_seq_scheme.mon_id 
_pdbx_poly_seq_scheme.ndb_seq_num 
_pdbx_poly_seq_scheme.pdb_seq_num 
_pdbx_poly_seq_scheme.auth_seq_num 
_pdbx_poly_seq_scheme.pdb_mon_id 
_pdbx_poly_seq_scheme.auth_mon_id 
_pdbx_poly_seq_scheme.pdb_strand_id 
_pdbx_poly_seq_scheme.pdb_ins_code 
_pdbx_poly_seq_scheme.hetero 
A 1 1   ALA 1   15  15  ALA ALA A A n 
A 1 2   ASN 2   15  15  ASN ASN A B n 
A 1 3   ILE 3   16  16  ILE ILE A . n 
A 1 4   VAL 4   17  17  VAL VAL A . n 
A 1 5   GLY 5   18  18  GLY GLY A . n 
A 1 6   GLY 6   19  19  GLY GLY A . n 
A 1 7   ILE 7   29  29  ILE ILE A . n 
A 1 8   GLU 8   30  30  GLU GLU A . n 
A 1 9   TYR 9   31  31  TYR TYR A . n 
A 1 10  SER 10  32  32  SER SER A . n 
A 1 11  ILE 11  33  33  ILE ILE A . n 
A 1 12  ASN 12  34  34  ASN ASN A . n 
A 1 13  ASN 13  35  35  ASN ASN A . n 
A 1 14  ALA 14  39  39  ALA ALA A . n 
A 1 15  SER 15  40  40  SER SER A . n 
A 1 16  LEU 16  41  41  LEU LEU A . n 
A 1 17  CYS 17  42  42  CYS CYS A . n 
A 1 18  SER 18  43  43  SER SER A . n 
A 1 19  VAL 19  44  44  VAL VAL A . n 
A 1 20  GLY 20  45  45  GLY GLY A . n 
A 1 21  PHE 21  46  46  PHE PHE A . n 
A 1 22  SER 22  47  47  SER SER A . n 
A 1 23  VAL 23  48  48  VAL VAL A . n 
A 1 24  THR 24  48  48  THR THR A A n 
A 1 25  ARG 25  48  48  ARG ARG A B n 
A 1 26  GLY 26  48  48  GLY GLY A C n 
A 1 27  ALA 27  48  48  ALA ALA A D n 
A 1 28  THR 28  49  49  THR THR A . n 
A 1 29  LYS 29  50  50  LYS LYS A . n 
A 1 30  GLY 30  51  51  GLY GLY A . n 
A 1 31  PHE 31  52  52  PHE PHE A . n 
A 1 32  VAL 32  53  53  VAL VAL A . n 
A 1 33  THR 33  54  54  THR THR A . n 
A 1 34  ALA 34  55  55  ALA ALA A . n 
A 1 35  GLY 35  56  56  GLY GLY A . n 
A 1 36  HIS 36  57  57  HIS HIS A . n 
A 1 37  CYS 37  58  58  CYS CYS A . n 
A 1 38  GLY 38  59  59  GLY GLY A . n 
A 1 39  THR 39  62  62  THR THR A . n 
A 1 40  VAL 40  63  63  VAL VAL A . n 
A 1 41  ASN 41  64  64  ASN ASN A . n 
A 1 42  ALA 42  65  65  ALA ALA A . n 
A 1 43  THR 43  65  65  THR THR A A n 
A 1 44  ALA 44  66  66  ALA ALA A . n 
A 1 45  ARG 45  67  67  ARG ARG A . n 
A 1 46  ILE 46  80  80  ILE ILE A . n 
A 1 47  GLY 47  81  81  GLY GLY A . n 
A 1 48  GLY 48  82  82  GLY GLY A . n 
A 1 49  ALA 49  83  83  ALA ALA A . n 
A 1 50  VAL 50  84  84  VAL VAL A . n 
A 1 51  VAL 51  85  85  VAL VAL A . n 
A 1 52  GLY 52  86  86  GLY GLY A . n 
A 1 53  THR 53  87  87  THR THR A . n 
A 1 54  PHE 54  88  88  PHE PHE A . n 
A 1 55  ALA 55  89  89  ALA ALA A . n 
A 1 56  ALA 56  90  90  ALA ALA A . n 
A 1 57  ARG 57  91  91  ARG ARG A . n 
A 1 58  VAL 58  93  93  VAL VAL A . n 
A 1 59  PHE 59  94  94  PHE PHE A . n 
A 1 60  PRO 60  99  99  PRO PRO A A n 
A 1 61  GLY 61  100 100 GLY GLY A . n 
A 1 62  ASN 62  101 101 ASN ASN A . n 
A 1 63  ASP 63  102 102 ASP ASP A . n 
A 1 64  ARG 64  103 103 ARG ARG A . n 
A 1 65  ALA 65  104 104 ALA ALA A . n 
A 1 66  TRP 66  105 105 TRP TRP A . n 
A 1 67  VAL 67  106 106 VAL VAL A . n 
A 1 68  SER 68  107 107 SER SER A . n 
A 1 69  LEU 69  108 108 LEU LEU A . n 
A 1 70  THR 70  109 109 THR THR A . n 
A 1 71  SER 71  110 110 SER SER A . n 
A 1 72  ALA 72  111 111 ALA ALA A . n 
A 1 73  GLN 73  112 112 GLN GLN A . n 
A 1 74  THR 74  113 113 THR THR A . n 
A 1 75  LEU 75  114 114 LEU LEU A . n 
A 1 76  LEU 76  115 115 LEU LEU A . n 
A 1 77  PRO 77  116 116 PRO PRO A . n 
A 1 78  ARG 78  117 117 ARG ARG A . n 
A 1 79  VAL 79  118 118 VAL VAL A . n 
A 1 80  ALA 80  119 119 ALA ALA A . n 
A 1 81  ASN 81  120 120 ASN ASN A . n 
A 1 82  GLY 82  120 120 GLY GLY A B n 
A 1 83  SER 83  120 120 SER SER A C n 
A 1 84  SER 84  120 120 SER SER A D n 
A 1 85  PHE 85  121 121 PHE PHE A . n 
A 1 86  VAL 86  122 122 VAL VAL A . n 
A 1 87  THR 87  123 123 THR THR A . n 
A 1 88  VAL 88  124 124 VAL VAL A . n 
A 1 89  ARG 89  125 125 ARG ARG A . n 
A 1 90  GLY 90  126 126 GLY GLY A . n 
A 1 91  SER 91  127 127 SER SER A . n 
A 1 92  THR 92  128 128 THR THR A . n 
A 1 93  GLU 93  129 129 GLU GLU A . n 
A 1 94  ALA 94  130 130 ALA ALA A . n 
A 1 95  ALA 95  131 131 ALA ALA A . n 
A 1 96  VAL 96  132 132 VAL VAL A . n 
A 1 97  GLY 97  133 133 GLY GLY A . n 
A 1 98  ALA 98  134 134 ALA ALA A . n 
A 1 99  ALA 99  135 135 ALA ALA A . n 
A 1 100 VAL 100 136 136 VAL VAL A . n 
A 1 101 CYS 101 137 137 CYS CYS A . n 
A 1 102 ARG 102 138 138 ARG ARG A . n 
A 1 103 SER 103 139 139 SER SER A . n 
A 1 104 GLY 104 140 140 GLY GLY A . n 
A 1 105 ARG 105 141 141 ARG ARG A . n 
A 1 106 THR 106 142 142 THR THR A . n 
A 1 107 THR 107 143 143 THR THR A . n 
A 1 108 GLY 108 156 156 GLY GLY A . n 
A 1 109 TYR 109 157 157 TYR TYR A . n 
A 1 110 GLN 110 158 158 GLN GLN A . n 
A 1 111 CYS 111 159 159 CYS CYS A . n 
A 1 112 GLY 112 160 160 GLY GLY A . n 
A 1 113 THR 113 161 161 THR THR A . n 
A 1 114 ILE 114 162 162 ILE ILE A . n 
A 1 115 THR 115 163 163 THR THR A . n 
A 1 116 ALA 116 164 164 ALA ALA A . n 
A 1 117 LYS 117 165 165 LYS LYS A . n 
A 1 118 ASN 118 166 166 ASN ASN A . n 
A 1 119 VAL 119 167 167 VAL VAL A . n 
A 1 120 THR 120 168 168 THR THR A . n 
A 1 121 ALA 121 169 169 ALA ALA A . n 
A 1 122 ASN 122 170 170 ASN ASN A . n 
A 1 123 TYR 123 171 171 TYR TYR A . n 
A 1 124 ALA 124 172 172 ALA ALA A . n 
A 1 125 GLU 125 174 174 GLU GLU A . n 
A 1 126 GLY 126 175 175 GLY GLY A . n 
A 1 127 ALA 127 176 176 ALA ALA A . n 
A 1 128 VAL 128 177 177 VAL VAL A . n 
A 1 129 ARG 129 178 178 ARG ARG A . n 
A 1 130 GLY 130 179 179 GLY GLY A . n 
A 1 131 LEU 131 180 180 LEU LEU A . n 
A 1 132 THR 132 181 181 THR THR A . n 
A 1 133 GLN 133 182 182 GLN GLN A . n 
A 1 134 GLY 134 183 183 GLY GLY A . n 
A 1 135 ASN 135 184 184 ASN ASN A . n 
A 1 136 ALA 136 190 190 ALA ALA A . n 
A 1 137 CYS 137 191 191 CYS CYS A . n 
A 1 138 MET 138 192 192 MET MET A . n 
A 1 139 GLY 139 192 192 GLY GLY A A n 
A 1 140 ARG 140 192 192 ARG ARG A B n 
A 1 141 GLY 141 193 193 GLY GLY A . n 
A 1 142 ASP 142 194 194 ASP ASP A . n 
A 1 143 SER 143 195 195 SER SER A . n 
A 1 144 GLY 144 196 196 GLY GLY A . n 
A 1 145 GLY 145 197 197 GLY GLY A . n 
A 1 146 SER 146 198 198 SER SER A . n 
A 1 147 TRP 147 199 199 TRP TRP A . n 
A 1 148 ILE 148 200 200 ILE ILE A . n 
A 1 149 THR 149 201 201 THR THR A . n 
A 1 150 SER 150 202 202 SER SER A . n 
A 1 151 ALA 151 203 203 ALA ALA A . n 
A 1 152 GLY 152 207 207 GLY GLY A . n 
A 1 153 GLN 153 208 208 GLN GLN A . n 
A 1 154 ALA 154 209 209 ALA ALA A . n 
A 1 155 GLN 155 210 210 GLN GLN A . n 
A 1 156 GLY 156 211 211 GLY GLY A . n 
A 1 157 VAL 157 212 212 VAL VAL A . n 
A 1 158 MET 158 213 213 MET MET A . n 
A 1 159 SER 159 214 214 SER SER A . n 
A 1 160 GLY 160 215 215 GLY GLY A . n 
A 1 161 GLY 161 216 216 GLY GLY A . n 
A 1 162 ASN 162 217 217 ASN ASN A . n 
A 1 163 VAL 163 217 217 VAL VAL A A n 
A 1 164 GLN 164 217 217 GLN GLN A B n 
A 1 165 SER 165 217 217 SER SER A C n 
A 1 166 ASN 166 217 217 ASN ASN A D n 
A 1 167 GLY 167 217 217 GLY GLY A E n 
A 1 168 ASN 168 218 218 ASN ASN A . n 
A 1 169 ASN 169 219 219 ASN ASN A . n 
A 1 170 CYS 170 220 220 CYS CYS A . n 
A 1 171 GLY 171 221 221 GLY GLY A . n 
A 1 172 ILE 172 221 221 ILE ILE A A n 
A 1 173 PRO 173 221 221 PRO PRO A B n 
A 1 174 ALA 174 221 221 ALA ALA A C n 
A 1 175 SER 175 222 222 SER SER A . n 
A 1 176 GLN 176 223 223 GLN GLN A . n 
A 1 177 ARG 177 224 224 ARG ARG A . n 
A 1 178 SER 178 225 225 SER SER A . n 
A 1 179 SER 179 226 226 SER SER A . n 
A 1 180 LEU 180 227 227 LEU LEU A . n 
A 1 181 PHE 181 228 228 PHE PHE A . n 
A 1 182 GLU 182 229 229 GLU GLU A . n 
A 1 183 ARG 183 230 230 ARG ARG A . n 
A 1 184 LEU 184 231 231 LEU LEU A . n 
A 1 185 GLN 185 232 232 GLN GLN A . n 
A 1 186 PRO 186 233 233 PRO PRO A . n 
A 1 187 ILE 187 234 234 ILE ILE A . n 
A 1 188 LEU 188 235 235 LEU LEU A . n 
A 1 189 SER 189 235 235 SER SER A A n 
A 1 190 GLN 190 236 236 GLN GLN A . n 
A 1 191 TYR 191 237 237 TYR TYR A . n 
A 1 192 GLY 192 238 238 GLY GLY A . n 
A 1 193 LEU 193 239 239 LEU LEU A . n 
A 1 194 SER 194 240 240 SER SER A . n 
A 1 195 LEU 195 241 241 LEU LEU A . n 
A 1 196 VAL 196 242 242 VAL VAL A . n 
A 1 197 THR 197 243 243 THR THR A . n 
A 1 198 GLY 198 244 244 GLY GLY A . n 
B 2 1   MSU 1   5   ?   ?   ?   P . n 
B 2 2   ALA 2   4   4   ALA ALA P . n 
B 2 3   ALA 3   3   3   ALA ALA P . n 
B 2 4   PRO 4   2   2   PRO PRO P . n 
B 2 5   B2V 5   1   1   B2V B2V P . n 
# 
loop_
_pdbx_nonpoly_scheme.asym_id 
_pdbx_nonpoly_scheme.entity_id 
_pdbx_nonpoly_scheme.mon_id 
_pdbx_nonpoly_scheme.ndb_seq_num 
_pdbx_nonpoly_scheme.pdb_seq_num 
_pdbx_nonpoly_scheme.auth_seq_num 
_pdbx_nonpoly_scheme.pdb_mon_id 
_pdbx_nonpoly_scheme.auth_mon_id 
_pdbx_nonpoly_scheme.pdb_strand_id 
_pdbx_nonpoly_scheme.pdb_ins_code 
C 3 SO4 1   1   1   SO4 SO4 A . 
D 4 HOH 1   245 2   HOH HOH A . 
D 4 HOH 2   246 3   HOH HOH A . 
D 4 HOH 3   247 4   HOH HOH A . 
D 4 HOH 4   248 5   HOH HOH A . 
D 4 HOH 5   249 6   HOH HOH A . 
D 4 HOH 6   250 7   HOH HOH A . 
D 4 HOH 7   251 8   HOH HOH A . 
D 4 HOH 8   252 9   HOH HOH A . 
D 4 HOH 9   253 10  HOH HOH A . 
D 4 HOH 10  254 11  HOH HOH A . 
D 4 HOH 11  255 12  HOH HOH A . 
D 4 HOH 12  256 13  HOH HOH A . 
D 4 HOH 13  257 14  HOH HOH A . 
D 4 HOH 14  258 15  HOH HOH A . 
D 4 HOH 15  259 16  HOH HOH A . 
D 4 HOH 16  260 17  HOH HOH A . 
D 4 HOH 17  261 18  HOH HOH A . 
D 4 HOH 18  262 19  HOH HOH A . 
D 4 HOH 19  263 20  HOH HOH A . 
D 4 HOH 20  264 21  HOH HOH A . 
D 4 HOH 21  265 22  HOH HOH A . 
D 4 HOH 22  266 23  HOH HOH A . 
D 4 HOH 23  267 24  HOH HOH A . 
D 4 HOH 24  268 25  HOH HOH A . 
D 4 HOH 25  269 26  HOH HOH A . 
D 4 HOH 26  270 27  HOH HOH A . 
D 4 HOH 27  271 28  HOH HOH A . 
D 4 HOH 28  272 29  HOH HOH A . 
D 4 HOH 29  273 30  HOH HOH A . 
D 4 HOH 30  274 31  HOH HOH A . 
D 4 HOH 31  275 32  HOH HOH A . 
D 4 HOH 32  276 33  HOH HOH A . 
D 4 HOH 33  277 34  HOH HOH A . 
D 4 HOH 34  278 35  HOH HOH A . 
D 4 HOH 35  279 36  HOH HOH A . 
D 4 HOH 36  280 37  HOH HOH A . 
D 4 HOH 37  281 38  HOH HOH A . 
D 4 HOH 38  282 39  HOH HOH A . 
D 4 HOH 39  283 40  HOH HOH A . 
D 4 HOH 40  284 41  HOH HOH A . 
D 4 HOH 41  285 42  HOH HOH A . 
D 4 HOH 42  286 43  HOH HOH A . 
D 4 HOH 43  287 44  HOH HOH A . 
D 4 HOH 44  288 45  HOH HOH A . 
D 4 HOH 45  289 46  HOH HOH A . 
D 4 HOH 46  290 47  HOH HOH A . 
D 4 HOH 47  291 48  HOH HOH A . 
D 4 HOH 48  292 49  HOH HOH A . 
D 4 HOH 49  293 50  HOH HOH A . 
D 4 HOH 50  294 51  HOH HOH A . 
D 4 HOH 51  295 52  HOH HOH A . 
D 4 HOH 52  296 53  HOH HOH A . 
D 4 HOH 53  297 55  HOH HOH A . 
D 4 HOH 54  298 56  HOH HOH A . 
D 4 HOH 55  299 57  HOH HOH A . 
D 4 HOH 56  300 58  HOH HOH A . 
D 4 HOH 57  301 59  HOH HOH A . 
D 4 HOH 58  302 60  HOH HOH A . 
D 4 HOH 59  303 61  HOH HOH A . 
D 4 HOH 60  304 62  HOH HOH A . 
D 4 HOH 61  305 63  HOH HOH A . 
D 4 HOH 62  306 64  HOH HOH A . 
D 4 HOH 63  307 65  HOH HOH A . 
D 4 HOH 64  308 66  HOH HOH A . 
D 4 HOH 65  309 67  HOH HOH A . 
D 4 HOH 66  310 68  HOH HOH A . 
D 4 HOH 67  311 69  HOH HOH A . 
D 4 HOH 68  312 70  HOH HOH A . 
D 4 HOH 69  313 71  HOH HOH A . 
D 4 HOH 70  314 72  HOH HOH A . 
D 4 HOH 71  315 73  HOH HOH A . 
D 4 HOH 72  316 74  HOH HOH A . 
D 4 HOH 73  317 75  HOH HOH A . 
D 4 HOH 74  318 76  HOH HOH A . 
D 4 HOH 75  319 77  HOH HOH A . 
D 4 HOH 76  320 78  HOH HOH A . 
D 4 HOH 77  321 79  HOH HOH A . 
D 4 HOH 78  322 80  HOH HOH A . 
D 4 HOH 79  323 81  HOH HOH A . 
D 4 HOH 80  324 82  HOH HOH A . 
D 4 HOH 81  325 83  HOH HOH A . 
D 4 HOH 82  326 84  HOH HOH A . 
D 4 HOH 83  327 85  HOH HOH A . 
D 4 HOH 84  328 86  HOH HOH A . 
D 4 HOH 85  329 88  HOH HOH A . 
D 4 HOH 86  330 89  HOH HOH A . 
D 4 HOH 87  331 91  HOH HOH A . 
D 4 HOH 88  332 92  HOH HOH A . 
D 4 HOH 89  333 93  HOH HOH A . 
D 4 HOH 90  334 94  HOH HOH A . 
D 4 HOH 91  335 95  HOH HOH A . 
D 4 HOH 92  336 96  HOH HOH A . 
D 4 HOH 93  337 97  HOH HOH A . 
D 4 HOH 94  338 98  HOH HOH A . 
D 4 HOH 95  339 99  HOH HOH A . 
D 4 HOH 96  340 100 HOH HOH A . 
D 4 HOH 97  341 101 HOH HOH A . 
D 4 HOH 98  342 102 HOH HOH A . 
D 4 HOH 99  343 104 HOH HOH A . 
D 4 HOH 100 344 105 HOH HOH A . 
D 4 HOH 101 345 106 HOH HOH A . 
D 4 HOH 102 346 107 HOH HOH A . 
D 4 HOH 103 347 108 HOH HOH A . 
D 4 HOH 104 348 109 HOH HOH A . 
D 4 HOH 105 349 110 HOH HOH A . 
D 4 HOH 106 350 111 HOH HOH A . 
D 4 HOH 107 351 112 HOH HOH A . 
D 4 HOH 108 352 113 HOH HOH A . 
D 4 HOH 109 353 114 HOH HOH A . 
D 4 HOH 110 354 115 HOH HOH A . 
D 4 HOH 111 355 116 HOH HOH A . 
D 4 HOH 112 356 117 HOH HOH A . 
D 4 HOH 113 357 118 HOH HOH A . 
D 4 HOH 114 358 119 HOH HOH A . 
D 4 HOH 115 359 120 HOH HOH A . 
D 4 HOH 116 360 121 HOH HOH A . 
D 4 HOH 117 361 122 HOH HOH A . 
D 4 HOH 118 362 123 HOH HOH A . 
D 4 HOH 119 363 124 HOH HOH A . 
D 4 HOH 120 364 125 HOH HOH A . 
D 4 HOH 121 365 126 HOH HOH A . 
D 4 HOH 122 366 127 HOH HOH A . 
D 4 HOH 123 367 128 HOH HOH A . 
D 4 HOH 124 368 129 HOH HOH A . 
D 4 HOH 125 369 130 HOH HOH A . 
D 4 HOH 126 370 131 HOH HOH A . 
D 4 HOH 127 371 132 HOH HOH A . 
D 4 HOH 128 372 133 HOH HOH A . 
D 4 HOH 129 373 134 HOH HOH A . 
D 4 HOH 130 374 135 HOH HOH A . 
D 4 HOH 131 375 136 HOH HOH A . 
D 4 HOH 132 376 137 HOH HOH A . 
D 4 HOH 133 377 138 HOH HOH A . 
D 4 HOH 134 378 139 HOH HOH A . 
D 4 HOH 135 379 140 HOH HOH A . 
D 4 HOH 136 380 141 HOH HOH A . 
D 4 HOH 137 381 142 HOH HOH A . 
E 4 HOH 1   54  54  HOH HOH P . 
E 4 HOH 2   87  87  HOH HOH P . 
E 4 HOH 3   90  90  HOH HOH P . 
E 4 HOH 4   103 103 HOH HOH P . 
# 
_software.name             PROLSQ 
_software.classification   refinement 
_software.version          . 
_software.citation_id      ? 
_software.pdbx_ordinal     1 
# 
_cell.entry_id           1P03 
_cell.length_a           66.350 
_cell.length_b           66.350 
_cell.length_c           80.310 
_cell.angle_alpha        90.00 
_cell.angle_beta         90.00 
_cell.angle_gamma        120.00 
_cell.Z_PDB              6 
_cell.pdbx_unique_axis   ? 
_cell.length_a_esd       ? 
_cell.length_b_esd       ? 
_cell.length_c_esd       ? 
_cell.angle_alpha_esd    ? 
_cell.angle_beta_esd     ? 
_cell.angle_gamma_esd    ? 
# 
_symmetry.entry_id                         1P03 
_symmetry.space_group_name_H-M             'P 32 2 1' 
_symmetry.pdbx_full_space_group_name_H-M   ? 
_symmetry.cell_setting                     ? 
_symmetry.Int_Tables_number                154 
_symmetry.space_group_name_Hall            ? 
# 
_exptl.entry_id          1P03 
_exptl.method            'X-RAY DIFFRACTION' 
_exptl.crystals_number   ? 
# 
_exptl_crystal.id                    1 
_exptl_crystal.density_meas          ? 
_exptl_crystal.density_Matthews      2.52 
_exptl_crystal.density_percent_sol   51.22 
_exptl_crystal.description           ? 
_exptl_crystal.F_000                 ? 
_exptl_crystal.preparation           ? 
# 
_diffrn.id                     1 
_diffrn.ambient_temp           ? 
_diffrn.ambient_temp_details   ? 
_diffrn.crystal_id             1 
# 
_diffrn_radiation.diffrn_id                        1 
_diffrn_radiation.wavelength_id                    1 
_diffrn_radiation.monochromator                    ? 
_diffrn_radiation.pdbx_monochromatic_or_laue_m_l   ? 
_diffrn_radiation.pdbx_diffrn_protocol             ? 
_diffrn_radiation.pdbx_scattering_type             x-ray 
# 
_diffrn_radiation_wavelength.id           1 
_diffrn_radiation_wavelength.wavelength   . 
_diffrn_radiation_wavelength.wt           1.0 
# 
_reflns.entry_id                     1P03 
_reflns.number_all                   ? 
_reflns.number_obs                   ? 
_reflns.percent_possible_obs         ? 
_reflns.observed_criterion_sigma_F   ? 
_reflns.observed_criterion_sigma_I   ? 
_reflns.d_resolution_high            2.15 
_reflns.d_resolution_low             ? 
_reflns.pdbx_Rmerge_I_obs            ? 
_reflns.pdbx_Rsym_value              ? 
_reflns.pdbx_netI_over_sigmaI        ? 
_reflns.B_iso_Wilson_estimate        ? 
_reflns.pdbx_redundancy              ? 
_reflns.R_free_details               ? 
_reflns.limit_h_max                  ? 
_reflns.limit_h_min                  ? 
_reflns.limit_k_max                  ? 
_reflns.limit_k_min                  ? 
_reflns.limit_l_max                  ? 
_reflns.limit_l_min                  ? 
_reflns.observed_criterion_F_max     ? 
_reflns.observed_criterion_F_min     ? 
_reflns.pdbx_chi_squared             ? 
_reflns.pdbx_scaling_rejects         ? 
_reflns.pdbx_ordinal                 1 
_reflns.pdbx_diffrn_id               1 
# 
_refine.entry_id                                 1P03 
_refine.ls_number_reflns_obs                     ? 
_refine.ls_number_reflns_all                     ? 
_refine.pdbx_ls_sigma_I                          ? 
_refine.pdbx_ls_sigma_F                          ? 
_refine.pdbx_data_cutoff_high_absF               ? 
_refine.pdbx_data_cutoff_low_absF                ? 
_refine.pdbx_data_cutoff_high_rms_absF           ? 
_refine.ls_d_res_low                             ? 
_refine.ls_d_res_high                            2.15 
_refine.ls_percent_reflns_obs                    ? 
_refine.ls_R_factor_obs                          0.142 
_refine.ls_R_factor_all                          ? 
_refine.ls_R_factor_R_work                       ? 
_refine.ls_R_factor_R_free                       ? 
_refine.ls_R_factor_R_free_error                 ? 
_refine.ls_R_factor_R_free_error_details         ? 
_refine.ls_percent_reflns_R_free                 ? 
_refine.ls_number_reflns_R_free                  ? 
_refine.ls_number_parameters                     ? 
_refine.ls_number_restraints                     ? 
_refine.occupancy_min                            ? 
_refine.occupancy_max                            ? 
_refine.B_iso_mean                               ? 
_refine.aniso_B[1][1]                            ? 
_refine.aniso_B[2][2]                            ? 
_refine.aniso_B[3][3]                            ? 
_refine.aniso_B[1][2]                            ? 
_refine.aniso_B[1][3]                            ? 
_refine.aniso_B[2][3]                            ? 
_refine.solvent_model_details                    ? 
_refine.solvent_model_param_ksol                 ? 
_refine.solvent_model_param_bsol                 ? 
_refine.pdbx_ls_cross_valid_method               ? 
_refine.details                                  
'THE METHOXYSUCCINYL PORTION OF THE INHIBITOR WAS DISORDERED AND NO COORDINATES ARE INCLUDED FOR IT IN THIS ENTRY' 
_refine.pdbx_starting_model                      ? 
_refine.pdbx_method_to_determine_struct          ? 
_refine.pdbx_isotropic_thermal_model             ? 
_refine.pdbx_stereochemistry_target_values       ? 
_refine.pdbx_stereochem_target_val_spec_case     ? 
_refine.pdbx_R_Free_selection_details            ? 
_refine.pdbx_overall_ESU_R_Free                  ? 
_refine.overall_SU_ML                            ? 
_refine.overall_SU_B                             ? 
_refine.pdbx_refine_id                           'X-RAY DIFFRACTION' 
_refine.ls_redundancy_reflns_obs                 ? 
_refine.pdbx_overall_phase_error                 ? 
_refine.B_iso_min                                ? 
_refine.B_iso_max                                ? 
_refine.correlation_coeff_Fo_to_Fc               ? 
_refine.correlation_coeff_Fo_to_Fc_free          ? 
_refine.pdbx_solvent_vdw_probe_radii             ? 
_refine.pdbx_solvent_ion_probe_radii             ? 
_refine.pdbx_solvent_shrinkage_radii             ? 
_refine.overall_SU_R_Cruickshank_DPI             ? 
_refine.overall_SU_R_free                        ? 
_refine.ls_wR_factor_R_free                      ? 
_refine.ls_wR_factor_R_work                      ? 
_refine.overall_FOM_free_R_set                   ? 
_refine.overall_FOM_work_R_set                   ? 
_refine.pdbx_overall_ESU_R                       ? 
_refine.pdbx_diffrn_id                           1 
_refine.pdbx_TLS_residual_ADP_flag               ? 
_refine.pdbx_overall_SU_R_free_Cruickshank_DPI   ? 
_refine.pdbx_overall_SU_R_Blow_DPI               ? 
_refine.pdbx_overall_SU_R_free_Blow_DPI          ? 
# 
_refine_hist.pdbx_refine_id                   'X-RAY DIFFRACTION' 
_refine_hist.cycle_id                         LAST 
_refine_hist.pdbx_number_atoms_protein        1416 
_refine_hist.pdbx_number_atoms_nucleic_acid   0 
_refine_hist.pdbx_number_atoms_ligand         5 
_refine_hist.number_atoms_solvent             141 
_refine_hist.number_atoms_total               1562 
_refine_hist.d_res_high                       2.15 
_refine_hist.d_res_low                        . 
# 
_struct.entry_id                  1P03 
_struct.title                     
'STRUCTURE ANALYSIS OF SPECIFICITY. ALPHA-LYTIC PROTEASE COMPLEXES WITH ANALOGUES OF REACTION INTERMEDIATES' 
_struct.pdbx_model_details        ? 
_struct.pdbx_CASP_flag            ? 
_struct.pdbx_model_type_details   ? 
# 
_struct_keywords.entry_id        1P03 
_struct_keywords.pdbx_keywords   'HYDROLASE/HYDROLASE INHIBITOR' 
_struct_keywords.text            'HYDROLASE-HYDROLASE INHIBITOR COMPLEX' 
# 
loop_
_struct_asym.id 
_struct_asym.pdbx_blank_PDB_chainid_flag 
_struct_asym.pdbx_modified 
_struct_asym.entity_id 
_struct_asym.details 
A N N 1 ? 
B N N 2 ? 
C N N 3 ? 
D N N 4 ? 
E N N 4 ? 
# 
loop_
_struct_ref.id 
_struct_ref.db_name 
_struct_ref.db_code 
_struct_ref.entity_id 
_struct_ref.pdbx_db_accession 
_struct_ref.pdbx_align_begin 
_struct_ref.pdbx_seq_one_letter_code 
_struct_ref.pdbx_db_isoform 
1 UNP PRLA_LYSEN 1 P00778 1 
;MYVSNHRSRRVARVSVSCLVAALAAMSCGAALAADQVDPQLKFAMQRDLGIFPTQLPQYLQTEKLARTQAAAIEREFGAQ
FAGSWIERNEDGSFKLVAATSGARKSSTLGGVEVRNVRYSLKQLQSAMEQLDAGANARVKGVSKPLDGVQSWYVDPRSNA
VVVKVDDGATEAGVDFVALSGADSAQVRIESSPGKLQTTANIVGGIEYSINNASLCSVGFSVTRGATKGFVTAGHCGTVN
ATARIGGAVVGTFAARVFPGNDRAWVSLTSAQTLLPRVANGSSFVTVRGSTEAAVGAAVCRSGRTTGYQCGTITAKNVTA
NYAEGAVRGLTQGNACMGRGDSGGSWITSAGQAQGVMSGGNVQSNGNNCGIPASQRSSLFERLQPILSQYGLSLVTG
;
? 
2 PDB 1P03       2 1P03   1 '(MSU)AAP(B2V)' ? 
# 
loop_
_struct_ref_seq.align_id 
_struct_ref_seq.ref_id 
_struct_ref_seq.pdbx_PDB_id_code 
_struct_ref_seq.pdbx_strand_id 
_struct_ref_seq.seq_align_beg 
_struct_ref_seq.pdbx_seq_align_beg_ins_code 
_struct_ref_seq.seq_align_end 
_struct_ref_seq.pdbx_seq_align_end_ins_code 
_struct_ref_seq.pdbx_db_accession 
_struct_ref_seq.db_align_beg 
_struct_ref_seq.pdbx_db_align_beg_ins_code 
_struct_ref_seq.db_align_end 
_struct_ref_seq.pdbx_db_align_end_ins_code 
_struct_ref_seq.pdbx_auth_seq_align_beg 
_struct_ref_seq.pdbx_auth_seq_align_end 
1 1 1P03 A 1 A 198 ? P00778 200 ? 397 ? 15 244 
2 2 1P03 P 5 ? 1   ? 1P03   1   ? 5   ? 1  5   
# 
_pdbx_struct_assembly.id                   1 
_pdbx_struct_assembly.details              author_and_software_defined_assembly 
_pdbx_struct_assembly.method_details       PISA 
_pdbx_struct_assembly.oligomeric_details   dimeric 
_pdbx_struct_assembly.oligomeric_count     2 
# 
loop_
_pdbx_struct_assembly_prop.biol_id 
_pdbx_struct_assembly_prop.type 
_pdbx_struct_assembly_prop.value 
_pdbx_struct_assembly_prop.details 
1 'ABSA (A^2)' 990  ? 
1 MORE         -16  ? 
1 'SSA (A^2)'  7780 ? 
# 
_pdbx_struct_assembly_gen.assembly_id       1 
_pdbx_struct_assembly_gen.oper_expression   1 
_pdbx_struct_assembly_gen.asym_id_list      A,B,C,D,E 
# 
_pdbx_struct_oper_list.id                   1 
_pdbx_struct_oper_list.type                 'identity operation' 
_pdbx_struct_oper_list.name                 1_555 
_pdbx_struct_oper_list.symmetry_operation   x,y,z 
_pdbx_struct_oper_list.matrix[1][1]         1.0000000000 
_pdbx_struct_oper_list.matrix[1][2]         0.0000000000 
_pdbx_struct_oper_list.matrix[1][3]         0.0000000000 
_pdbx_struct_oper_list.vector[1]            0.0000000000 
_pdbx_struct_oper_list.matrix[2][1]         0.0000000000 
_pdbx_struct_oper_list.matrix[2][2]         1.0000000000 
_pdbx_struct_oper_list.matrix[2][3]         0.0000000000 
_pdbx_struct_oper_list.vector[2]            0.0000000000 
_pdbx_struct_oper_list.matrix[3][1]         0.0000000000 
_pdbx_struct_oper_list.matrix[3][2]         0.0000000000 
_pdbx_struct_oper_list.matrix[3][3]         1.0000000000 
_pdbx_struct_oper_list.vector[3]            0.0000000000 
# 
_struct_biol.id        1 
_struct_biol.details   ? 
# 
loop_
_struct_conf.conf_type_id 
_struct_conf.id 
_struct_conf.pdbx_PDB_helix_id 
_struct_conf.beg_label_comp_id 
_struct_conf.beg_label_asym_id 
_struct_conf.beg_label_seq_id 
_struct_conf.pdbx_beg_PDB_ins_code 
_struct_conf.end_label_comp_id 
_struct_conf.end_label_asym_id 
_struct_conf.end_label_seq_id 
_struct_conf.pdbx_end_PDB_ins_code 
_struct_conf.beg_auth_comp_id 
_struct_conf.beg_auth_asym_id 
_struct_conf.beg_auth_seq_id 
_struct_conf.end_auth_comp_id 
_struct_conf.end_auth_asym_id 
_struct_conf.end_auth_seq_id 
_struct_conf.pdbx_PDB_helix_class 
_struct_conf.details 
_struct_conf.pdbx_PDB_helix_length 
HELX_P HELX_P1 1 ALA A 34  ? GLY A 38  ? ALA A 55  GLY A 59  5 ? 5 
HELX_P HELX_P2 2 GLY A 171 ? ARG A 177 ? GLY A 221 ARG A 224 5 ? 7 
HELX_P HELX_P3 3 LEU A 184 ? GLY A 192 ? LEU A 231 GLY A 238 1 ? 9 
# 
_struct_conf_type.id          HELX_P 
_struct_conf_type.criteria    ? 
_struct_conf_type.reference   ? 
# 
loop_
_struct_conn.id 
_struct_conn.conn_type_id 
_struct_conn.pdbx_leaving_atom_flag 
_struct_conn.pdbx_PDB_id 
_struct_conn.ptnr1_label_asym_id 
_struct_conn.ptnr1_label_comp_id 
_struct_conn.ptnr1_label_seq_id 
_struct_conn.ptnr1_label_atom_id 
_struct_conn.pdbx_ptnr1_label_alt_id 
_struct_conn.pdbx_ptnr1_PDB_ins_code 
_struct_conn.pdbx_ptnr1_standard_comp_id 
_struct_conn.ptnr1_symmetry 
_struct_conn.ptnr2_label_asym_id 
_struct_conn.ptnr2_label_comp_id 
_struct_conn.ptnr2_label_seq_id 
_struct_conn.ptnr2_label_atom_id 
_struct_conn.pdbx_ptnr2_label_alt_id 
_struct_conn.pdbx_ptnr2_PDB_ins_code 
_struct_conn.ptnr1_auth_asym_id 
_struct_conn.ptnr1_auth_comp_id 
_struct_conn.ptnr1_auth_seq_id 
_struct_conn.ptnr2_auth_asym_id 
_struct_conn.ptnr2_auth_comp_id 
_struct_conn.ptnr2_auth_seq_id 
_struct_conn.ptnr2_symmetry 
_struct_conn.pdbx_ptnr3_label_atom_id 
_struct_conn.pdbx_ptnr3_label_seq_id 
_struct_conn.pdbx_ptnr3_label_comp_id 
_struct_conn.pdbx_ptnr3_label_asym_id 
_struct_conn.pdbx_ptnr3_label_alt_id 
_struct_conn.pdbx_ptnr3_PDB_ins_code 
_struct_conn.details 
_struct_conn.pdbx_dist_value 
_struct_conn.pdbx_value_order 
_struct_conn.pdbx_role 
disulf1 disulf ?    ? A CYS 17  SG ? ? ? 1_555 A CYS 37  SG ? ? A CYS 42  A CYS 58  1_555 ? ? ? ? ? ? ? 2.115 ? ? 
disulf2 disulf ?    ? A CYS 101 SG ? ? ? 1_555 A CYS 111 SG ? ? A CYS 137 A CYS 159 1_555 ? ? ? ? ? ? ? 1.992 ? ? 
disulf3 disulf ?    ? A CYS 137 SG ? ? ? 1_555 A CYS 170 SG ? ? A CYS 191 A CYS 220 1_555 ? ? ? ? ? ? ? 2.003 ? ? 
covale1 covale none ? A SER 143 OG ? ? ? 1_555 B B2V 5   B  ? ? A SER 195 P B2V 1   1_555 ? ? ? ? ? ? ? 1.618 ? ? 
covale2 covale both ? B B2V 5   N  ? ? ? 1_555 B PRO 4   C  ? ? P B2V 1   P PRO 2   1_555 ? ? ? ? ? ? ? 1.333 ? ? 
# 
loop_
_struct_conn_type.id 
_struct_conn_type.criteria 
_struct_conn_type.reference 
disulf ? ? 
covale ? ? 
# 
loop_
_pdbx_modification_feature.ordinal 
_pdbx_modification_feature.label_comp_id 
_pdbx_modification_feature.label_asym_id 
_pdbx_modification_feature.label_seq_id 
_pdbx_modification_feature.label_alt_id 
_pdbx_modification_feature.modified_residue_label_comp_id 
_pdbx_modification_feature.modified_residue_label_asym_id 
_pdbx_modification_feature.modified_residue_label_seq_id 
_pdbx_modification_feature.modified_residue_label_alt_id 
_pdbx_modification_feature.auth_comp_id 
_pdbx_modification_feature.auth_asym_id 
_pdbx_modification_feature.auth_seq_id 
_pdbx_modification_feature.PDB_ins_code 
_pdbx_modification_feature.symmetry 
_pdbx_modification_feature.modified_residue_auth_comp_id 
_pdbx_modification_feature.modified_residue_auth_asym_id 
_pdbx_modification_feature.modified_residue_auth_seq_id 
_pdbx_modification_feature.modified_residue_PDB_ins_code 
_pdbx_modification_feature.modified_residue_symmetry 
_pdbx_modification_feature.comp_id_linking_atom 
_pdbx_modification_feature.modified_residue_id_linking_atom 
_pdbx_modification_feature.modified_residue_id 
_pdbx_modification_feature.ref_pcm_id 
_pdbx_modification_feature.ref_comp_id 
_pdbx_modification_feature.type 
_pdbx_modification_feature.category 
1 B2V B 5   ? .   . .   . B2V P 1   ? 1_555 .   . .   . .     .  .  VAL 1 B2V None 'Non-standard residue' 
2 CYS A 17  ? CYS A 37  ? CYS A 42  ? 1_555 CYS A 58  ? 1_555 SG SG .   . .   None 'Disulfide bridge'     
3 CYS A 101 ? CYS A 111 ? CYS A 137 ? 1_555 CYS A 159 ? 1_555 SG SG .   . .   None 'Disulfide bridge'     
4 CYS A 137 ? CYS A 170 ? CYS A 191 ? 1_555 CYS A 220 ? 1_555 SG SG .   . .   None 'Disulfide bridge'     
5 SER A 143 ? B2V B 5   ? SER A 195 ? 1_555 B2V P 1   ? 1_555 OG B  .   . .   None 'Non-standard linkage' 
# 
_struct_mon_prot_cis.pdbx_id                1 
_struct_mon_prot_cis.label_comp_id          PHE 
_struct_mon_prot_cis.label_seq_id           59 
_struct_mon_prot_cis.label_asym_id          A 
_struct_mon_prot_cis.label_alt_id           . 
_struct_mon_prot_cis.pdbx_PDB_ins_code      ? 
_struct_mon_prot_cis.auth_comp_id           PHE 
_struct_mon_prot_cis.auth_seq_id            94 
_struct_mon_prot_cis.auth_asym_id           A 
_struct_mon_prot_cis.pdbx_label_comp_id_2   PRO 
_struct_mon_prot_cis.pdbx_label_seq_id_2    60 
_struct_mon_prot_cis.pdbx_label_asym_id_2   A 
_struct_mon_prot_cis.pdbx_PDB_ins_code_2    A 
_struct_mon_prot_cis.pdbx_auth_comp_id_2    PRO 
_struct_mon_prot_cis.pdbx_auth_seq_id_2     99 
_struct_mon_prot_cis.pdbx_auth_asym_id_2    A 
_struct_mon_prot_cis.pdbx_PDB_model_num     1 
_struct_mon_prot_cis.pdbx_omega_angle       -4.13 
# 
loop_
_struct_sheet.id 
_struct_sheet.type 
_struct_sheet.number_strands 
_struct_sheet.details 
A ? 1 ? 
B ? 6 ? 
# 
loop_
_struct_sheet_order.sheet_id 
_struct_sheet_order.range_id_1 
_struct_sheet_order.range_id_2 
_struct_sheet_order.offset 
_struct_sheet_order.sense 
B 1 2 ? anti-parallel 
B 2 3 ? anti-parallel 
B 3 4 ? anti-parallel 
B 4 5 ? anti-parallel 
B 5 6 ? anti-parallel 
# 
loop_
_struct_sheet_range.sheet_id 
_struct_sheet_range.id 
_struct_sheet_range.beg_label_comp_id 
_struct_sheet_range.beg_label_asym_id 
_struct_sheet_range.beg_label_seq_id 
_struct_sheet_range.pdbx_beg_PDB_ins_code 
_struct_sheet_range.end_label_comp_id 
_struct_sheet_range.end_label_asym_id 
_struct_sheet_range.end_label_seq_id 
_struct_sheet_range.pdbx_end_PDB_ins_code 
_struct_sheet_range.beg_auth_comp_id 
_struct_sheet_range.beg_auth_asym_id 
_struct_sheet_range.beg_auth_seq_id 
_struct_sheet_range.end_auth_comp_id 
_struct_sheet_range.end_auth_asym_id 
_struct_sheet_range.end_auth_seq_id 
A 1 THR A 74  ? SER A 83  C THR A 113 SER A 120 
B 1 SER A 15  ? SER A 18  ? SER A 40  SER A 43  
B 2 GLU A 8   ? ILE A 11  ? GLU A 30  ILE A 33  
B 3 ALA A 49  ? VAL A 58  ? ALA A 83  VAL A 93  
B 4 ARG A 64  ? LEU A 69  ? ARG A 103 LEU A 108 
B 5 THR A 28  ? THR A 33  ? THR A 49  THR A 54  
B 6 SER A 194 ? LEU A 195 ? SER A 240 LEU A 241 
# 
loop_
_pdbx_struct_sheet_hbond.sheet_id 
_pdbx_struct_sheet_hbond.range_id_1 
_pdbx_struct_sheet_hbond.range_id_2 
_pdbx_struct_sheet_hbond.range_1_label_atom_id 
_pdbx_struct_sheet_hbond.range_1_label_comp_id 
_pdbx_struct_sheet_hbond.range_1_label_asym_id 
_pdbx_struct_sheet_hbond.range_1_label_seq_id 
_pdbx_struct_sheet_hbond.range_1_PDB_ins_code 
_pdbx_struct_sheet_hbond.range_1_auth_atom_id 
_pdbx_struct_sheet_hbond.range_1_auth_comp_id 
_pdbx_struct_sheet_hbond.range_1_auth_asym_id 
_pdbx_struct_sheet_hbond.range_1_auth_seq_id 
_pdbx_struct_sheet_hbond.range_2_label_atom_id 
_pdbx_struct_sheet_hbond.range_2_label_comp_id 
_pdbx_struct_sheet_hbond.range_2_label_asym_id 
_pdbx_struct_sheet_hbond.range_2_label_seq_id 
_pdbx_struct_sheet_hbond.range_2_PDB_ins_code 
_pdbx_struct_sheet_hbond.range_2_auth_atom_id 
_pdbx_struct_sheet_hbond.range_2_auth_comp_id 
_pdbx_struct_sheet_hbond.range_2_auth_asym_id 
_pdbx_struct_sheet_hbond.range_2_auth_seq_id 
B 1 2 N CYS A 17 ? N CYS A 42  O TYR A 9  ? O TYR A 31  
B 2 3 N ILE A 46 ? N ILE A 80  O ALA A 49 ? O ALA A 83  
B 3 4 N VAL A 58 ? N VAL A 93  O ARG A 64 ? O ARG A 103 
B 4 5 N LEU A 69 ? N LEU A 108 O LYS A 29 ? O LYS A 50  
# 
loop_
_struct_site.id 
_struct_site.pdbx_evidence_code 
_struct_site.pdbx_auth_asym_id 
_struct_site.pdbx_auth_comp_id 
_struct_site.pdbx_auth_seq_id 
_struct_site.pdbx_auth_ins_code 
_struct_site.pdbx_num_residues 
_struct_site.details 
AC1 Software A SO4 1 ? 7  'BINDING SITE FOR RESIDUE SO4 A 1'                                                      
AC2 Software ? ?   ? ? 16 'BINDING SITE FOR CHAIN P OF METHOXYSUCCINYL-ALA-ALA-PRO-VALINE BORONIC ACID INHIBITOR' 
# 
loop_
_struct_site_gen.id 
_struct_site_gen.site_id 
_struct_site_gen.pdbx_num_res 
_struct_site_gen.label_comp_id 
_struct_site_gen.label_asym_id 
_struct_site_gen.label_seq_id 
_struct_site_gen.pdbx_auth_ins_code 
_struct_site_gen.auth_comp_id 
_struct_site_gen.auth_asym_id 
_struct_site_gen.auth_seq_id 
_struct_site_gen.label_atom_id 
_struct_site_gen.label_alt_id 
_struct_site_gen.symmetry 
_struct_site_gen.details 
1  AC1 7  ALA A 1   A ALA A 15  . ? 3_665 ? 
2  AC1 7  ASN A 2   B ASN A 15  . ? 3_665 ? 
3  AC1 7  ARG A 183 ? ARG A 230 . ? 1_555 ? 
4  AC1 7  PRO A 186 ? PRO A 233 . ? 1_555 ? 
5  AC1 7  HOH D .   ? HOH A 271 . ? 3_665 ? 
6  AC1 7  HOH D .   ? HOH A 282 . ? 1_555 ? 
7  AC1 7  HOH D .   ? HOH A 370 . ? 3_665 ? 
8  AC2 16 HIS A 36  ? HIS A 57  . ? 1_555 ? 
9  AC2 16 ARG A 89  ? ARG A 125 . ? 5_565 ? 
10 AC2 16 TYR A 123 ? TYR A 171 . ? 1_555 ? 
11 AC2 16 GLY A 139 A GLY A 192 . ? 1_555 ? 
12 AC2 16 ARG A 140 B ARG A 192 . ? 1_555 ? 
13 AC2 16 GLY A 141 ? GLY A 193 . ? 1_555 ? 
14 AC2 16 ASP A 142 ? ASP A 194 . ? 1_555 ? 
15 AC2 16 SER A 143 ? SER A 195 . ? 1_555 ? 
16 AC2 16 MET A 158 ? MET A 213 . ? 1_555 ? 
17 AC2 16 SER A 159 ? SER A 214 . ? 1_555 ? 
18 AC2 16 GLY A 160 ? GLY A 215 . ? 1_555 ? 
19 AC2 16 GLY A 161 ? GLY A 216 . ? 1_555 ? 
20 AC2 16 VAL A 163 A VAL A 217 . ? 1_555 ? 
21 AC2 16 GLY A 198 ? GLY A 244 . ? 5_565 ? 
22 AC2 16 HOH E .   ? HOH P 90  . ? 1_555 ? 
23 AC2 16 HOH E .   ? HOH P 103 . ? 1_555 ? 
# 
_pdbx_entry_details.entry_id                   1P03 
_pdbx_entry_details.compound_details           
;INHIBITORY PEPTIDE BORONIC ACIDS ARE PEPTIDE ANALOGS IN WHICH THE C-TERMINAL CARBOXYL GROUP HAS BEEN REPLACED WITH THE BORONIC ACID GROUP (B(OH)2).
;
_pdbx_entry_details.source_details             ? 
_pdbx_entry_details.nonpolymer_details         
;INHIBITORY PEPTIDE BORONIC ACIDS ARE PEPTIDE ANALOGUES IN
WHICH THE C-TERMINAL CARBOXY GROUP (COOH) HAS BEEN REPLACED
WITH THE BORONIC ACID GROUP (B(OH)2).

THE INHIBITOR NUMBERING (CHAIN P, 4 - 3 - 2 - 1) IS BY
ANALOGY TO PROTEASE SUBSTRATE NOMENCLATURE IN WHICH THE
RESIDUE PRIOR TO THE SCISSILE BOND IS THE P 1 RESIDUE AND
THE NEXT TOWARDS THE N-TERMINUS IS P 2, ETC.  (SEE
I.SCHECTER,A.BERGER, BIOCHEM.BIOPHYS.RES.COMM., V. 27,
P. 157 (1967).)
;
_pdbx_entry_details.sequence_details           
;CHAIN A RESIDUE NUMBERING IS DONE BY HOMOLOGY WITH CHYMOTRYPSIN FOR RESIDUES 15A - 244 AS DESCRIBED IN REFERENCE 4. CHAIN P RESIDUE NUMBERING ISDONE BY ANALOGY TO PROTEASE SUBSTRATE NOMENCLATURE IN WHICH THE RESIDUE PRIOR TO THE SCISSILE BOND IS THE P 1 RESIDUE AND THE NEXT TOWARDS THE N-TERMINUS IS P 2, ETC. SEE I.SCHECTER,A.BERGER, BIOCHEM.BIOPHYS.RES.COMM., V. 27, P. 157 (1967)
;
_pdbx_entry_details.has_ligand_of_interest     ? 
_pdbx_entry_details.has_protein_modification   Y 
# 
loop_
_pdbx_validate_rmsd_angle.id 
_pdbx_validate_rmsd_angle.PDB_model_num 
_pdbx_validate_rmsd_angle.auth_atom_id_1 
_pdbx_validate_rmsd_angle.auth_asym_id_1 
_pdbx_validate_rmsd_angle.auth_comp_id_1 
_pdbx_validate_rmsd_angle.auth_seq_id_1 
_pdbx_validate_rmsd_angle.PDB_ins_code_1 
_pdbx_validate_rmsd_angle.label_alt_id_1 
_pdbx_validate_rmsd_angle.auth_atom_id_2 
_pdbx_validate_rmsd_angle.auth_asym_id_2 
_pdbx_validate_rmsd_angle.auth_comp_id_2 
_pdbx_validate_rmsd_angle.auth_seq_id_2 
_pdbx_validate_rmsd_angle.PDB_ins_code_2 
_pdbx_validate_rmsd_angle.label_alt_id_2 
_pdbx_validate_rmsd_angle.auth_atom_id_3 
_pdbx_validate_rmsd_angle.auth_asym_id_3 
_pdbx_validate_rmsd_angle.auth_comp_id_3 
_pdbx_validate_rmsd_angle.auth_seq_id_3 
_pdbx_validate_rmsd_angle.PDB_ins_code_3 
_pdbx_validate_rmsd_angle.label_alt_id_3 
_pdbx_validate_rmsd_angle.angle_value 
_pdbx_validate_rmsd_angle.angle_target_value 
_pdbx_validate_rmsd_angle.angle_deviation 
_pdbx_validate_rmsd_angle.angle_standard_deviation 
_pdbx_validate_rmsd_angle.linker_flag 
1  1 CB  A TYR 31  ? ? CG A TYR 31  ? ? CD2 A TYR 31  ? ? 115.53 121.00 -5.47  0.60 N 
2  1 CB  A TYR 31  ? ? CG A TYR 31  ? ? CD1 A TYR 31  ? ? 126.73 121.00 5.73   0.60 N 
3  1 NH1 A ARG 48  B ? CZ A ARG 48  B ? NH2 A ARG 48  B ? 127.07 119.40 7.67   1.10 N 
4  1 NE  A ARG 48  B ? CZ A ARG 48  B ? NH1 A ARG 48  B ? 106.26 120.30 -14.04 0.50 N 
5  1 NE  A ARG 48  B ? CZ A ARG 48  B ? NH2 A ARG 48  B ? 126.55 120.30 6.25   0.50 N 
6  1 NE  A ARG 67  ? ? CZ A ARG 67  ? ? NH1 A ARG 67  ? ? 131.69 120.30 11.39  0.50 N 
7  1 NE  A ARG 67  ? ? CZ A ARG 67  ? ? NH2 A ARG 67  ? ? 112.16 120.30 -8.14  0.50 N 
8  1 NH1 A ARG 91  ? ? CZ A ARG 91  ? ? NH2 A ARG 91  ? ? 109.44 119.40 -9.96  1.10 N 
9  1 NE  A ARG 91  ? ? CZ A ARG 91  ? ? NH2 A ARG 91  ? ? 128.53 120.30 8.23   0.50 N 
10 1 NE  A ARG 103 ? ? CZ A ARG 103 ? ? NH2 A ARG 103 ? ? 124.09 120.30 3.79   0.50 N 
11 1 CB  A SER 110 ? ? CA A SER 110 ? ? C   A SER 110 ? ? 95.13  110.10 -14.97 1.90 N 
12 1 CG  A GLN 112 ? ? CD A GLN 112 ? ? OE1 A GLN 112 ? ? 136.04 121.60 14.44  2.00 N 
13 1 N   A SER 120 D ? CA A SER 120 D ? CB  A SER 120 D ? 99.46  110.50 -11.04 1.50 N 
14 1 NH1 A ARG 125 ? ? CZ A ARG 125 ? ? NH2 A ARG 125 ? ? 127.10 119.40 7.70   1.10 N 
15 1 NE  A ARG 125 ? ? CZ A ARG 125 ? ? NH1 A ARG 125 ? ? 115.94 120.30 -4.36  0.50 N 
16 1 NE  A ARG 125 ? ? CZ A ARG 125 ? ? NH2 A ARG 125 ? ? 116.85 120.30 -3.45  0.50 N 
17 1 OE1 A GLU 129 ? ? CD A GLU 129 ? ? OE2 A GLU 129 ? ? 132.58 123.30 9.28   1.20 N 
18 1 N   A SER 139 ? ? CA A SER 139 ? ? CB  A SER 139 ? ? 101.17 110.50 -9.33  1.50 N 
19 1 CA  A THR 161 ? ? CB A THR 161 ? ? CG2 A THR 161 ? ? 121.48 112.40 9.08   1.40 N 
20 1 NE  A ARG 178 ? ? CZ A ARG 178 ? ? NH2 A ARG 178 ? ? 123.33 120.30 3.03   0.50 N 
21 1 NE  A ARG 192 B ? CZ A ARG 192 B ? NH1 A ARG 192 B ? 114.24 120.30 -6.06  0.50 N 
22 1 NE  A ARG 192 B ? CZ A ARG 192 B ? NH2 A ARG 192 B ? 126.38 120.30 6.08   0.50 N 
23 1 CB  A ASP 194 ? ? CG A ASP 194 ? ? OD2 A ASP 194 ? ? 124.20 118.30 5.90   0.90 N 
24 1 NE  A ARG 224 ? ? CZ A ARG 224 ? ? NH1 A ARG 224 ? ? 124.76 120.30 4.46   0.50 N 
25 1 NE  A ARG 224 ? ? CZ A ARG 224 ? ? NH2 A ARG 224 ? ? 117.06 120.30 -3.24  0.50 N 
26 1 NE  A ARG 230 ? ? CZ A ARG 230 ? ? NH1 A ARG 230 ? ? 130.63 120.30 10.33  0.50 N 
27 1 NE  A ARG 230 ? ? CZ A ARG 230 ? ? NH2 A ARG 230 ? ? 115.51 120.30 -4.79  0.50 N 
# 
loop_
_pdbx_validate_torsion.id 
_pdbx_validate_torsion.PDB_model_num 
_pdbx_validate_torsion.auth_comp_id 
_pdbx_validate_torsion.auth_asym_id 
_pdbx_validate_torsion.auth_seq_id 
_pdbx_validate_torsion.PDB_ins_code 
_pdbx_validate_torsion.label_alt_id 
_pdbx_validate_torsion.phi 
_pdbx_validate_torsion.psi 
1 1 ALA A 39  ? ? -124.47 -82.36  
2 1 ASN A 64  ? ? 73.81   -3.64   
3 1 PRO A 99  A ? -81.87  -153.60 
4 1 SER A 120 D ? -107.42 -169.84 
# 
loop_
_pdbx_validate_planes.id 
_pdbx_validate_planes.PDB_model_num 
_pdbx_validate_planes.auth_comp_id 
_pdbx_validate_planes.auth_asym_id 
_pdbx_validate_planes.auth_seq_id 
_pdbx_validate_planes.PDB_ins_code 
_pdbx_validate_planes.label_alt_id 
_pdbx_validate_planes.rmsd 
_pdbx_validate_planes.type 
1 1 ARG A 48  B ? 0.069 'SIDE CHAIN' 
2 1 ARG A 192 B ? 0.082 'SIDE CHAIN' 
# 
_pdbx_molecule_features.prd_id    PRD_000316 
_pdbx_molecule_features.name      'METHOXYSUCCINYL-ALA-ALA-PRO-VALINE BORONIC ACID' 
_pdbx_molecule_features.type      Peptide-like 
_pdbx_molecule_features.class     Inhibitor 
_pdbx_molecule_features.details   ? 
# 
_pdbx_molecule.instance_id   1 
_pdbx_molecule.prd_id        PRD_000316 
_pdbx_molecule.asym_id       B 
# 
_pdbx_struct_mod_residue.id               1 
_pdbx_struct_mod_residue.label_asym_id    B 
_pdbx_struct_mod_residue.label_comp_id    B2V 
_pdbx_struct_mod_residue.label_seq_id     5 
_pdbx_struct_mod_residue.auth_asym_id     P 
_pdbx_struct_mod_residue.auth_comp_id     B2V 
_pdbx_struct_mod_residue.auth_seq_id      1 
_pdbx_struct_mod_residue.PDB_ins_code     ? 
_pdbx_struct_mod_residue.parent_comp_id   VAL 
_pdbx_struct_mod_residue.details          'VALINE BORONIC ACID' 
# 
_pdbx_unobs_or_zero_occ_residues.id               1 
_pdbx_unobs_or_zero_occ_residues.PDB_model_num    1 
_pdbx_unobs_or_zero_occ_residues.polymer_flag     Y 
_pdbx_unobs_or_zero_occ_residues.occupancy_flag   1 
_pdbx_unobs_or_zero_occ_residues.auth_asym_id     P 
_pdbx_unobs_or_zero_occ_residues.auth_comp_id     MSU 
_pdbx_unobs_or_zero_occ_residues.auth_seq_id      5 
_pdbx_unobs_or_zero_occ_residues.PDB_ins_code     ? 
_pdbx_unobs_or_zero_occ_residues.label_asym_id    B 
_pdbx_unobs_or_zero_occ_residues.label_comp_id    MSU 
_pdbx_unobs_or_zero_occ_residues.label_seq_id     1 
# 
loop_
_chem_comp_atom.comp_id 
_chem_comp_atom.atom_id 
_chem_comp_atom.type_symbol 
_chem_comp_atom.pdbx_aromatic_flag 
_chem_comp_atom.pdbx_stereo_config 
_chem_comp_atom.pdbx_ordinal 
ALA N    N N N 1   
ALA CA   C N S 2   
ALA C    C N N 3   
ALA O    O N N 4   
ALA CB   C N N 5   
ALA OXT  O N N 6   
ALA H    H N N 7   
ALA H2   H N N 8   
ALA HA   H N N 9   
ALA HB1  H N N 10  
ALA HB2  H N N 11  
ALA HB3  H N N 12  
ALA HXT  H N N 13  
ARG N    N N N 14  
ARG CA   C N S 15  
ARG C    C N N 16  
ARG O    O N N 17  
ARG CB   C N N 18  
ARG CG   C N N 19  
ARG CD   C N N 20  
ARG NE   N N N 21  
ARG CZ   C N N 22  
ARG NH1  N N N 23  
ARG NH2  N N N 24  
ARG OXT  O N N 25  
ARG H    H N N 26  
ARG H2   H N N 27  
ARG HA   H N N 28  
ARG HB2  H N N 29  
ARG HB3  H N N 30  
ARG HG2  H N N 31  
ARG HG3  H N N 32  
ARG HD2  H N N 33  
ARG HD3  H N N 34  
ARG HE   H N N 35  
ARG HH11 H N N 36  
ARG HH12 H N N 37  
ARG HH21 H N N 38  
ARG HH22 H N N 39  
ARG HXT  H N N 40  
ASN N    N N N 41  
ASN CA   C N S 42  
ASN C    C N N 43  
ASN O    O N N 44  
ASN CB   C N N 45  
ASN CG   C N N 46  
ASN OD1  O N N 47  
ASN ND2  N N N 48  
ASN OXT  O N N 49  
ASN H    H N N 50  
ASN H2   H N N 51  
ASN HA   H N N 52  
ASN HB2  H N N 53  
ASN HB3  H N N 54  
ASN HD21 H N N 55  
ASN HD22 H N N 56  
ASN HXT  H N N 57  
ASP N    N N N 58  
ASP CA   C N S 59  
ASP C    C N N 60  
ASP O    O N N 61  
ASP CB   C N N 62  
ASP CG   C N N 63  
ASP OD1  O N N 64  
ASP OD2  O N N 65  
ASP OXT  O N N 66  
ASP H    H N N 67  
ASP H2   H N N 68  
ASP HA   H N N 69  
ASP HB2  H N N 70  
ASP HB3  H N N 71  
ASP HD2  H N N 72  
ASP HXT  H N N 73  
B2V N    N N N 74  
B2V CA   C N R 75  
B2V CB   C N N 76  
B2V CG1  C N N 77  
B2V CG2  C N N 78  
B2V B    B N N 79  
B2V O1   O N N 80  
B2V O2   O N N 81  
B2V H    H N N 82  
B2V H2   H N N 83  
B2V HA   H N N 84  
B2V HB   H N N 85  
B2V HG11 H N N 86  
B2V HG12 H N N 87  
B2V HG13 H N N 88  
B2V HG21 H N N 89  
B2V HG22 H N N 90  
B2V HG23 H N N 91  
B2V HO1  H N N 92  
B2V HO2  H N N 93  
CYS N    N N N 94  
CYS CA   C N R 95  
CYS C    C N N 96  
CYS O    O N N 97  
CYS CB   C N N 98  
CYS SG   S N N 99  
CYS OXT  O N N 100 
CYS H    H N N 101 
CYS H2   H N N 102 
CYS HA   H N N 103 
CYS HB2  H N N 104 
CYS HB3  H N N 105 
CYS HG   H N N 106 
CYS HXT  H N N 107 
GLN N    N N N 108 
GLN CA   C N S 109 
GLN C    C N N 110 
GLN O    O N N 111 
GLN CB   C N N 112 
GLN CG   C N N 113 
GLN CD   C N N 114 
GLN OE1  O N N 115 
GLN NE2  N N N 116 
GLN OXT  O N N 117 
GLN H    H N N 118 
GLN H2   H N N 119 
GLN HA   H N N 120 
GLN HB2  H N N 121 
GLN HB3  H N N 122 
GLN HG2  H N N 123 
GLN HG3  H N N 124 
GLN HE21 H N N 125 
GLN HE22 H N N 126 
GLN HXT  H N N 127 
GLU N    N N N 128 
GLU CA   C N S 129 
GLU C    C N N 130 
GLU O    O N N 131 
GLU CB   C N N 132 
GLU CG   C N N 133 
GLU CD   C N N 134 
GLU OE1  O N N 135 
GLU OE2  O N N 136 
GLU OXT  O N N 137 
GLU H    H N N 138 
GLU H2   H N N 139 
GLU HA   H N N 140 
GLU HB2  H N N 141 
GLU HB3  H N N 142 
GLU HG2  H N N 143 
GLU HG3  H N N 144 
GLU HE2  H N N 145 
GLU HXT  H N N 146 
GLY N    N N N 147 
GLY CA   C N N 148 
GLY C    C N N 149 
GLY O    O N N 150 
GLY OXT  O N N 151 
GLY H    H N N 152 
GLY H2   H N N 153 
GLY HA2  H N N 154 
GLY HA3  H N N 155 
GLY HXT  H N N 156 
HIS N    N N N 157 
HIS CA   C N S 158 
HIS C    C N N 159 
HIS O    O N N 160 
HIS CB   C N N 161 
HIS CG   C Y N 162 
HIS ND1  N Y N 163 
HIS CD2  C Y N 164 
HIS CE1  C Y N 165 
HIS NE2  N Y N 166 
HIS OXT  O N N 167 
HIS H    H N N 168 
HIS H2   H N N 169 
HIS HA   H N N 170 
HIS HB2  H N N 171 
HIS HB3  H N N 172 
HIS HD1  H N N 173 
HIS HD2  H N N 174 
HIS HE1  H N N 175 
HIS HE2  H N N 176 
HIS HXT  H N N 177 
HOH O    O N N 178 
HOH H1   H N N 179 
HOH H2   H N N 180 
ILE N    N N N 181 
ILE CA   C N S 182 
ILE C    C N N 183 
ILE O    O N N 184 
ILE CB   C N S 185 
ILE CG1  C N N 186 
ILE CG2  C N N 187 
ILE CD1  C N N 188 
ILE OXT  O N N 189 
ILE H    H N N 190 
ILE H2   H N N 191 
ILE HA   H N N 192 
ILE HB   H N N 193 
ILE HG12 H N N 194 
ILE HG13 H N N 195 
ILE HG21 H N N 196 
ILE HG22 H N N 197 
ILE HG23 H N N 198 
ILE HD11 H N N 199 
ILE HD12 H N N 200 
ILE HD13 H N N 201 
ILE HXT  H N N 202 
LEU N    N N N 203 
LEU CA   C N S 204 
LEU C    C N N 205 
LEU O    O N N 206 
LEU CB   C N N 207 
LEU CG   C N N 208 
LEU CD1  C N N 209 
LEU CD2  C N N 210 
LEU OXT  O N N 211 
LEU H    H N N 212 
LEU H2   H N N 213 
LEU HA   H N N 214 
LEU HB2  H N N 215 
LEU HB3  H N N 216 
LEU HG   H N N 217 
LEU HD11 H N N 218 
LEU HD12 H N N 219 
LEU HD13 H N N 220 
LEU HD21 H N N 221 
LEU HD22 H N N 222 
LEU HD23 H N N 223 
LEU HXT  H N N 224 
LYS N    N N N 225 
LYS CA   C N S 226 
LYS C    C N N 227 
LYS O    O N N 228 
LYS CB   C N N 229 
LYS CG   C N N 230 
LYS CD   C N N 231 
LYS CE   C N N 232 
LYS NZ   N N N 233 
LYS OXT  O N N 234 
LYS H    H N N 235 
LYS H2   H N N 236 
LYS HA   H N N 237 
LYS HB2  H N N 238 
LYS HB3  H N N 239 
LYS HG2  H N N 240 
LYS HG3  H N N 241 
LYS HD2  H N N 242 
LYS HD3  H N N 243 
LYS HE2  H N N 244 
LYS HE3  H N N 245 
LYS HZ1  H N N 246 
LYS HZ2  H N N 247 
LYS HZ3  H N N 248 
LYS HXT  H N N 249 
MET N    N N N 250 
MET CA   C N S 251 
MET C    C N N 252 
MET O    O N N 253 
MET CB   C N N 254 
MET CG   C N N 255 
MET SD   S N N 256 
MET CE   C N N 257 
MET OXT  O N N 258 
MET H    H N N 259 
MET H2   H N N 260 
MET HA   H N N 261 
MET HB2  H N N 262 
MET HB3  H N N 263 
MET HG2  H N N 264 
MET HG3  H N N 265 
MET HE1  H N N 266 
MET HE2  H N N 267 
MET HE3  H N N 268 
MET HXT  H N N 269 
MSU C1   C N N 270 
MSU O1   O N N 271 
MSU C2   C N N 272 
MSU C3   C N N 273 
MSU C4   C N N 274 
MSU OT1  O N N 275 
MSU OT2  O N N 276 
MSU CT   C N N 277 
MSU OXT  O N N 278 
MSU H21  H N N 279 
MSU H22  H N N 280 
MSU H31  H N N 281 
MSU H32  H N N 282 
MSU HT1  H N N 283 
MSU HT2  H N N 284 
MSU HT3  H N N 285 
MSU HXT  H N N 286 
PHE N    N N N 287 
PHE CA   C N S 288 
PHE C    C N N 289 
PHE O    O N N 290 
PHE CB   C N N 291 
PHE CG   C Y N 292 
PHE CD1  C Y N 293 
PHE CD2  C Y N 294 
PHE CE1  C Y N 295 
PHE CE2  C Y N 296 
PHE CZ   C Y N 297 
PHE OXT  O N N 298 
PHE H    H N N 299 
PHE H2   H N N 300 
PHE HA   H N N 301 
PHE HB2  H N N 302 
PHE HB3  H N N 303 
PHE HD1  H N N 304 
PHE HD2  H N N 305 
PHE HE1  H N N 306 
PHE HE2  H N N 307 
PHE HZ   H N N 308 
PHE HXT  H N N 309 
PRO N    N N N 310 
PRO CA   C N S 311 
PRO C    C N N 312 
PRO O    O N N 313 
PRO CB   C N N 314 
PRO CG   C N N 315 
PRO CD   C N N 316 
PRO OXT  O N N 317 
PRO H    H N N 318 
PRO HA   H N N 319 
PRO HB2  H N N 320 
PRO HB3  H N N 321 
PRO HG2  H N N 322 
PRO HG3  H N N 323 
PRO HD2  H N N 324 
PRO HD3  H N N 325 
PRO HXT  H N N 326 
SER N    N N N 327 
SER CA   C N S 328 
SER C    C N N 329 
SER O    O N N 330 
SER CB   C N N 331 
SER OG   O N N 332 
SER OXT  O N N 333 
SER H    H N N 334 
SER H2   H N N 335 
SER HA   H N N 336 
SER HB2  H N N 337 
SER HB3  H N N 338 
SER HG   H N N 339 
SER HXT  H N N 340 
SO4 S    S N N 341 
SO4 O1   O N N 342 
SO4 O2   O N N 343 
SO4 O3   O N N 344 
SO4 O4   O N N 345 
THR N    N N N 346 
THR CA   C N S 347 
THR C    C N N 348 
THR O    O N N 349 
THR CB   C N R 350 
THR OG1  O N N 351 
THR CG2  C N N 352 
THR OXT  O N N 353 
THR H    H N N 354 
THR H2   H N N 355 
THR HA   H N N 356 
THR HB   H N N 357 
THR HG1  H N N 358 
THR HG21 H N N 359 
THR HG22 H N N 360 
THR HG23 H N N 361 
THR HXT  H N N 362 
TRP N    N N N 363 
TRP CA   C N S 364 
TRP C    C N N 365 
TRP O    O N N 366 
TRP CB   C N N 367 
TRP CG   C Y N 368 
TRP CD1  C Y N 369 
TRP CD2  C Y N 370 
TRP NE1  N Y N 371 
TRP CE2  C Y N 372 
TRP CE3  C Y N 373 
TRP CZ2  C Y N 374 
TRP CZ3  C Y N 375 
TRP CH2  C Y N 376 
TRP OXT  O N N 377 
TRP H    H N N 378 
TRP H2   H N N 379 
TRP HA   H N N 380 
TRP HB2  H N N 381 
TRP HB3  H N N 382 
TRP HD1  H N N 383 
TRP HE1  H N N 384 
TRP HE3  H N N 385 
TRP HZ2  H N N 386 
TRP HZ3  H N N 387 
TRP HH2  H N N 388 
TRP HXT  H N N 389 
TYR N    N N N 390 
TYR CA   C N S 391 
TYR C    C N N 392 
TYR O    O N N 393 
TYR CB   C N N 394 
TYR CG   C Y N 395 
TYR CD1  C Y N 396 
TYR CD2  C Y N 397 
TYR CE1  C Y N 398 
TYR CE2  C Y N 399 
TYR CZ   C Y N 400 
TYR OH   O N N 401 
TYR OXT  O N N 402 
TYR H    H N N 403 
TYR H2   H N N 404 
TYR HA   H N N 405 
TYR HB2  H N N 406 
TYR HB3  H N N 407 
TYR HD1  H N N 408 
TYR HD2  H N N 409 
TYR HE1  H N N 410 
TYR HE2  H N N 411 
TYR HH   H N N 412 
TYR HXT  H N N 413 
VAL N    N N N 414 
VAL CA   C N S 415 
VAL C    C N N 416 
VAL O    O N N 417 
VAL CB   C N N 418 
VAL CG1  C N N 419 
VAL CG2  C N N 420 
VAL OXT  O N N 421 
VAL H    H N N 422 
VAL H2   H N N 423 
VAL HA   H N N 424 
VAL HB   H N N 425 
VAL HG11 H N N 426 
VAL HG12 H N N 427 
VAL HG13 H N N 428 
VAL HG21 H N N 429 
VAL HG22 H N N 430 
VAL HG23 H N N 431 
VAL HXT  H N N 432 
# 
loop_
_chem_comp_bond.comp_id 
_chem_comp_bond.atom_id_1 
_chem_comp_bond.atom_id_2 
_chem_comp_bond.value_order 
_chem_comp_bond.pdbx_aromatic_flag 
_chem_comp_bond.pdbx_stereo_config 
_chem_comp_bond.pdbx_ordinal 
ALA N   CA   sing N N 1   
ALA N   H    sing N N 2   
ALA N   H2   sing N N 3   
ALA CA  C    sing N N 4   
ALA CA  CB   sing N N 5   
ALA CA  HA   sing N N 6   
ALA C   O    doub N N 7   
ALA C   OXT  sing N N 8   
ALA CB  HB1  sing N N 9   
ALA CB  HB2  sing N N 10  
ALA CB  HB3  sing N N 11  
ALA OXT HXT  sing N N 12  
ARG N   CA   sing N N 13  
ARG N   H    sing N N 14  
ARG N   H2   sing N N 15  
ARG CA  C    sing N N 16  
ARG CA  CB   sing N N 17  
ARG CA  HA   sing N N 18  
ARG C   O    doub N N 19  
ARG C   OXT  sing N N 20  
ARG CB  CG   sing N N 21  
ARG CB  HB2  sing N N 22  
ARG CB  HB3  sing N N 23  
ARG CG  CD   sing N N 24  
ARG CG  HG2  sing N N 25  
ARG CG  HG3  sing N N 26  
ARG CD  NE   sing N N 27  
ARG CD  HD2  sing N N 28  
ARG CD  HD3  sing N N 29  
ARG NE  CZ   sing N N 30  
ARG NE  HE   sing N N 31  
ARG CZ  NH1  sing N N 32  
ARG CZ  NH2  doub N N 33  
ARG NH1 HH11 sing N N 34  
ARG NH1 HH12 sing N N 35  
ARG NH2 HH21 sing N N 36  
ARG NH2 HH22 sing N N 37  
ARG OXT HXT  sing N N 38  
ASN N   CA   sing N N 39  
ASN N   H    sing N N 40  
ASN N   H2   sing N N 41  
ASN CA  C    sing N N 42  
ASN CA  CB   sing N N 43  
ASN CA  HA   sing N N 44  
ASN C   O    doub N N 45  
ASN C   OXT  sing N N 46  
ASN CB  CG   sing N N 47  
ASN CB  HB2  sing N N 48  
ASN CB  HB3  sing N N 49  
ASN CG  OD1  doub N N 50  
ASN CG  ND2  sing N N 51  
ASN ND2 HD21 sing N N 52  
ASN ND2 HD22 sing N N 53  
ASN OXT HXT  sing N N 54  
ASP N   CA   sing N N 55  
ASP N   H    sing N N 56  
ASP N   H2   sing N N 57  
ASP CA  C    sing N N 58  
ASP CA  CB   sing N N 59  
ASP CA  HA   sing N N 60  
ASP C   O    doub N N 61  
ASP C   OXT  sing N N 62  
ASP CB  CG   sing N N 63  
ASP CB  HB2  sing N N 64  
ASP CB  HB3  sing N N 65  
ASP CG  OD1  doub N N 66  
ASP CG  OD2  sing N N 67  
ASP OD2 HD2  sing N N 68  
ASP OXT HXT  sing N N 69  
B2V N   CA   sing N N 70  
B2V N   H    sing N N 71  
B2V N   H2   sing N N 72  
B2V CA  CB   sing N N 73  
B2V CA  B    sing N N 74  
B2V CA  HA   sing N N 75  
B2V CB  CG1  sing N N 76  
B2V CB  CG2  sing N N 77  
B2V CB  HB   sing N N 78  
B2V CG1 HG11 sing N N 79  
B2V CG1 HG12 sing N N 80  
B2V CG1 HG13 sing N N 81  
B2V CG2 HG21 sing N N 82  
B2V CG2 HG22 sing N N 83  
B2V CG2 HG23 sing N N 84  
B2V B   O1   sing N N 85  
B2V B   O2   sing N N 86  
B2V O1  HO1  sing N N 87  
B2V O2  HO2  sing N N 88  
CYS N   CA   sing N N 89  
CYS N   H    sing N N 90  
CYS N   H2   sing N N 91  
CYS CA  C    sing N N 92  
CYS CA  CB   sing N N 93  
CYS CA  HA   sing N N 94  
CYS C   O    doub N N 95  
CYS C   OXT  sing N N 96  
CYS CB  SG   sing N N 97  
CYS CB  HB2  sing N N 98  
CYS CB  HB3  sing N N 99  
CYS SG  HG   sing N N 100 
CYS OXT HXT  sing N N 101 
GLN N   CA   sing N N 102 
GLN N   H    sing N N 103 
GLN N   H2   sing N N 104 
GLN CA  C    sing N N 105 
GLN CA  CB   sing N N 106 
GLN CA  HA   sing N N 107 
GLN C   O    doub N N 108 
GLN C   OXT  sing N N 109 
GLN CB  CG   sing N N 110 
GLN CB  HB2  sing N N 111 
GLN CB  HB3  sing N N 112 
GLN CG  CD   sing N N 113 
GLN CG  HG2  sing N N 114 
GLN CG  HG3  sing N N 115 
GLN CD  OE1  doub N N 116 
GLN CD  NE2  sing N N 117 
GLN NE2 HE21 sing N N 118 
GLN NE2 HE22 sing N N 119 
GLN OXT HXT  sing N N 120 
GLU N   CA   sing N N 121 
GLU N   H    sing N N 122 
GLU N   H2   sing N N 123 
GLU CA  C    sing N N 124 
GLU CA  CB   sing N N 125 
GLU CA  HA   sing N N 126 
GLU C   O    doub N N 127 
GLU C   OXT  sing N N 128 
GLU CB  CG   sing N N 129 
GLU CB  HB2  sing N N 130 
GLU CB  HB3  sing N N 131 
GLU CG  CD   sing N N 132 
GLU CG  HG2  sing N N 133 
GLU CG  HG3  sing N N 134 
GLU CD  OE1  doub N N 135 
GLU CD  OE2  sing N N 136 
GLU OE2 HE2  sing N N 137 
GLU OXT HXT  sing N N 138 
GLY N   CA   sing N N 139 
GLY N   H    sing N N 140 
GLY N   H2   sing N N 141 
GLY CA  C    sing N N 142 
GLY CA  HA2  sing N N 143 
GLY CA  HA3  sing N N 144 
GLY C   O    doub N N 145 
GLY C   OXT  sing N N 146 
GLY OXT HXT  sing N N 147 
HIS N   CA   sing N N 148 
HIS N   H    sing N N 149 
HIS N   H2   sing N N 150 
HIS CA  C    sing N N 151 
HIS CA  CB   sing N N 152 
HIS CA  HA   sing N N 153 
HIS C   O    doub N N 154 
HIS C   OXT  sing N N 155 
HIS CB  CG   sing N N 156 
HIS CB  HB2  sing N N 157 
HIS CB  HB3  sing N N 158 
HIS CG  ND1  sing Y N 159 
HIS CG  CD2  doub Y N 160 
HIS ND1 CE1  doub Y N 161 
HIS ND1 HD1  sing N N 162 
HIS CD2 NE2  sing Y N 163 
HIS CD2 HD2  sing N N 164 
HIS CE1 NE2  sing Y N 165 
HIS CE1 HE1  sing N N 166 
HIS NE2 HE2  sing N N 167 
HIS OXT HXT  sing N N 168 
HOH O   H1   sing N N 169 
HOH O   H2   sing N N 170 
ILE N   CA   sing N N 171 
ILE N   H    sing N N 172 
ILE N   H2   sing N N 173 
ILE CA  C    sing N N 174 
ILE CA  CB   sing N N 175 
ILE CA  HA   sing N N 176 
ILE C   O    doub N N 177 
ILE C   OXT  sing N N 178 
ILE CB  CG1  sing N N 179 
ILE CB  CG2  sing N N 180 
ILE CB  HB   sing N N 181 
ILE CG1 CD1  sing N N 182 
ILE CG1 HG12 sing N N 183 
ILE CG1 HG13 sing N N 184 
ILE CG2 HG21 sing N N 185 
ILE CG2 HG22 sing N N 186 
ILE CG2 HG23 sing N N 187 
ILE CD1 HD11 sing N N 188 
ILE CD1 HD12 sing N N 189 
ILE CD1 HD13 sing N N 190 
ILE OXT HXT  sing N N 191 
LEU N   CA   sing N N 192 
LEU N   H    sing N N 193 
LEU N   H2   sing N N 194 
LEU CA  C    sing N N 195 
LEU CA  CB   sing N N 196 
LEU CA  HA   sing N N 197 
LEU C   O    doub N N 198 
LEU C   OXT  sing N N 199 
LEU CB  CG   sing N N 200 
LEU CB  HB2  sing N N 201 
LEU CB  HB3  sing N N 202 
LEU CG  CD1  sing N N 203 
LEU CG  CD2  sing N N 204 
LEU CG  HG   sing N N 205 
LEU CD1 HD11 sing N N 206 
LEU CD1 HD12 sing N N 207 
LEU CD1 HD13 sing N N 208 
LEU CD2 HD21 sing N N 209 
LEU CD2 HD22 sing N N 210 
LEU CD2 HD23 sing N N 211 
LEU OXT HXT  sing N N 212 
LYS N   CA   sing N N 213 
LYS N   H    sing N N 214 
LYS N   H2   sing N N 215 
LYS CA  C    sing N N 216 
LYS CA  CB   sing N N 217 
LYS CA  HA   sing N N 218 
LYS C   O    doub N N 219 
LYS C   OXT  sing N N 220 
LYS CB  CG   sing N N 221 
LYS CB  HB2  sing N N 222 
LYS CB  HB3  sing N N 223 
LYS CG  CD   sing N N 224 
LYS CG  HG2  sing N N 225 
LYS CG  HG3  sing N N 226 
LYS CD  CE   sing N N 227 
LYS CD  HD2  sing N N 228 
LYS CD  HD3  sing N N 229 
LYS CE  NZ   sing N N 230 
LYS CE  HE2  sing N N 231 
LYS CE  HE3  sing N N 232 
LYS NZ  HZ1  sing N N 233 
LYS NZ  HZ2  sing N N 234 
LYS NZ  HZ3  sing N N 235 
LYS OXT HXT  sing N N 236 
MET N   CA   sing N N 237 
MET N   H    sing N N 238 
MET N   H2   sing N N 239 
MET CA  C    sing N N 240 
MET CA  CB   sing N N 241 
MET CA  HA   sing N N 242 
MET C   O    doub N N 243 
MET C   OXT  sing N N 244 
MET CB  CG   sing N N 245 
MET CB  HB2  sing N N 246 
MET CB  HB3  sing N N 247 
MET CG  SD   sing N N 248 
MET CG  HG2  sing N N 249 
MET CG  HG3  sing N N 250 
MET SD  CE   sing N N 251 
MET CE  HE1  sing N N 252 
MET CE  HE2  sing N N 253 
MET CE  HE3  sing N N 254 
MET OXT HXT  sing N N 255 
MSU C1  O1   doub N N 256 
MSU C1  C2   sing N N 257 
MSU C1  OXT  sing N N 258 
MSU C2  C3   sing N N 259 
MSU C2  H21  sing N N 260 
MSU C2  H22  sing N N 261 
MSU C3  C4   sing N N 262 
MSU C3  H31  sing N N 263 
MSU C3  H32  sing N N 264 
MSU C4  OT1  doub N N 265 
MSU C4  OT2  sing N N 266 
MSU OT2 CT   sing N N 267 
MSU CT  HT1  sing N N 268 
MSU CT  HT2  sing N N 269 
MSU CT  HT3  sing N N 270 
MSU OXT HXT  sing N N 271 
PHE N   CA   sing N N 272 
PHE N   H    sing N N 273 
PHE N   H2   sing N N 274 
PHE CA  C    sing N N 275 
PHE CA  CB   sing N N 276 
PHE CA  HA   sing N N 277 
PHE C   O    doub N N 278 
PHE C   OXT  sing N N 279 
PHE CB  CG   sing N N 280 
PHE CB  HB2  sing N N 281 
PHE CB  HB3  sing N N 282 
PHE CG  CD1  doub Y N 283 
PHE CG  CD2  sing Y N 284 
PHE CD1 CE1  sing Y N 285 
PHE CD1 HD1  sing N N 286 
PHE CD2 CE2  doub Y N 287 
PHE CD2 HD2  sing N N 288 
PHE CE1 CZ   doub Y N 289 
PHE CE1 HE1  sing N N 290 
PHE CE2 CZ   sing Y N 291 
PHE CE2 HE2  sing N N 292 
PHE CZ  HZ   sing N N 293 
PHE OXT HXT  sing N N 294 
PRO N   CA   sing N N 295 
PRO N   CD   sing N N 296 
PRO N   H    sing N N 297 
PRO CA  C    sing N N 298 
PRO CA  CB   sing N N 299 
PRO CA  HA   sing N N 300 
PRO C   O    doub N N 301 
PRO C   OXT  sing N N 302 
PRO CB  CG   sing N N 303 
PRO CB  HB2  sing N N 304 
PRO CB  HB3  sing N N 305 
PRO CG  CD   sing N N 306 
PRO CG  HG2  sing N N 307 
PRO CG  HG3  sing N N 308 
PRO CD  HD2  sing N N 309 
PRO CD  HD3  sing N N 310 
PRO OXT HXT  sing N N 311 
SER N   CA   sing N N 312 
SER N   H    sing N N 313 
SER N   H2   sing N N 314 
SER CA  C    sing N N 315 
SER CA  CB   sing N N 316 
SER CA  HA   sing N N 317 
SER C   O    doub N N 318 
SER C   OXT  sing N N 319 
SER CB  OG   sing N N 320 
SER CB  HB2  sing N N 321 
SER CB  HB3  sing N N 322 
SER OG  HG   sing N N 323 
SER OXT HXT  sing N N 324 
SO4 S   O1   doub N N 325 
SO4 S   O2   doub N N 326 
SO4 S   O3   sing N N 327 
SO4 S   O4   sing N N 328 
THR N   CA   sing N N 329 
THR N   H    sing N N 330 
THR N   H2   sing N N 331 
THR CA  C    sing N N 332 
THR CA  CB   sing N N 333 
THR CA  HA   sing N N 334 
THR C   O    doub N N 335 
THR C   OXT  sing N N 336 
THR CB  OG1  sing N N 337 
THR CB  CG2  sing N N 338 
THR CB  HB   sing N N 339 
THR OG1 HG1  sing N N 340 
THR CG2 HG21 sing N N 341 
THR CG2 HG22 sing N N 342 
THR CG2 HG23 sing N N 343 
THR OXT HXT  sing N N 344 
TRP N   CA   sing N N 345 
TRP N   H    sing N N 346 
TRP N   H2   sing N N 347 
TRP CA  C    sing N N 348 
TRP CA  CB   sing N N 349 
TRP CA  HA   sing N N 350 
TRP C   O    doub N N 351 
TRP C   OXT  sing N N 352 
TRP CB  CG   sing N N 353 
TRP CB  HB2  sing N N 354 
TRP CB  HB3  sing N N 355 
TRP CG  CD1  doub Y N 356 
TRP CG  CD2  sing Y N 357 
TRP CD1 NE1  sing Y N 358 
TRP CD1 HD1  sing N N 359 
TRP CD2 CE2  doub Y N 360 
TRP CD2 CE3  sing Y N 361 
TRP NE1 CE2  sing Y N 362 
TRP NE1 HE1  sing N N 363 
TRP CE2 CZ2  sing Y N 364 
TRP CE3 CZ3  doub Y N 365 
TRP CE3 HE3  sing N N 366 
TRP CZ2 CH2  doub Y N 367 
TRP CZ2 HZ2  sing N N 368 
TRP CZ3 CH2  sing Y N 369 
TRP CZ3 HZ3  sing N N 370 
TRP CH2 HH2  sing N N 371 
TRP OXT HXT  sing N N 372 
TYR N   CA   sing N N 373 
TYR N   H    sing N N 374 
TYR N   H2   sing N N 375 
TYR CA  C    sing N N 376 
TYR CA  CB   sing N N 377 
TYR CA  HA   sing N N 378 
TYR C   O    doub N N 379 
TYR C   OXT  sing N N 380 
TYR CB  CG   sing N N 381 
TYR CB  HB2  sing N N 382 
TYR CB  HB3  sing N N 383 
TYR CG  CD1  doub Y N 384 
TYR CG  CD2  sing Y N 385 
TYR CD1 CE1  sing Y N 386 
TYR CD1 HD1  sing N N 387 
TYR CD2 CE2  doub Y N 388 
TYR CD2 HD2  sing N N 389 
TYR CE1 CZ   doub Y N 390 
TYR CE1 HE1  sing N N 391 
TYR CE2 CZ   sing Y N 392 
TYR CE2 HE2  sing N N 393 
TYR CZ  OH   sing N N 394 
TYR OH  HH   sing N N 395 
TYR OXT HXT  sing N N 396 
VAL N   CA   sing N N 397 
VAL N   H    sing N N 398 
VAL N   H2   sing N N 399 
VAL CA  C    sing N N 400 
VAL CA  CB   sing N N 401 
VAL CA  HA   sing N N 402 
VAL C   O    doub N N 403 
VAL C   OXT  sing N N 404 
VAL CB  CG1  sing N N 405 
VAL CB  CG2  sing N N 406 
VAL CB  HB   sing N N 407 
VAL CG1 HG11 sing N N 408 
VAL CG1 HG12 sing N N 409 
VAL CG1 HG13 sing N N 410 
VAL CG2 HG21 sing N N 411 
VAL CG2 HG22 sing N N 412 
VAL CG2 HG23 sing N N 413 
VAL OXT HXT  sing N N 414 
# 
_atom_sites.entry_id                    1P03 
_atom_sites.fract_transf_matrix[1][1]   -0.01707321 
_atom_sites.fract_transf_matrix[1][2]   0.00085266 
_atom_sites.fract_transf_matrix[1][3]   -0.00326628 
_atom_sites.fract_transf_matrix[2][1]   -0.00845037 
_atom_sites.fract_transf_matrix[2][2]   0.01511254 
_atom_sites.fract_transf_matrix[2][3]   0.00175121 
_atom_sites.fract_transf_matrix[3][1]   0.00241423 
_atom_sites.fract_transf_matrix[3][2]   0.00272968 
_atom_sites.fract_transf_matrix[3][3]   -0.01190683 
_atom_sites.fract_transf_vector[1]      0.596336 
_atom_sites.fract_transf_vector[2]      0.482304 
_atom_sites.fract_transf_vector[3]      0.183944 
# 
_atom_sites_footnote.id     1 
_atom_sites_footnote.text   ? 
# 
loop_
_atom_type.symbol 
B 
C 
N 
O 
S 
# 
loop_
_atom_site.group_PDB 
_atom_site.id 
_atom_site.type_symbol 
_atom_site.label_atom_id 
_atom_site.label_alt_id 
_atom_site.label_comp_id 
_atom_site.label_asym_id 
_atom_site.label_entity_id 
_atom_site.label_seq_id 
_atom_site.pdbx_PDB_ins_code 
_atom_site.Cartn_x 
_atom_site.Cartn_y 
_atom_site.Cartn_z 
_atom_site.occupancy 
_atom_site.B_iso_or_equiv 
_atom_site.pdbx_formal_charge 
_atom_site.auth_seq_id 
_atom_site.auth_comp_id 
_atom_site.auth_asym_id 
_atom_site.auth_atom_id 
_atom_site.pdbx_PDB_model_num 
ATOM   1    N N   . ALA A 1 1   A 7.740   -16.331 5.764   1.00 12.38 ? 15  ALA A N   1 
ATOM   2    C CA  . ALA A 1 1   A 6.930   -15.367 6.548   1.00 11.97 ? 15  ALA A CA  1 
ATOM   3    C C   . ALA A 1 1   A 5.516   -15.524 5.947   1.00 13.14 ? 15  ALA A C   1 
ATOM   4    O O   . ALA A 1 1   A 5.506   -16.018 4.798   1.00 12.15 ? 15  ALA A O   1 
ATOM   5    C CB  . ALA A 1 1   A 7.483   -13.972 6.361   1.00 10.26 ? 15  ALA A CB  1 
ATOM   6    N N   . ASN A 1 2   B 4.503   -15.135 6.736   1.00 12.27 ? 15  ASN A N   1 
ATOM   7    C CA  . ASN A 1 2   B 3.119   -15.188 6.284   1.00 10.75 ? 15  ASN A CA  1 
ATOM   8    C C   . ASN A 1 2   B 2.928   -13.776 5.674   1.00 10.73 ? 15  ASN A C   1 
ATOM   9    O O   . ASN A 1 2   B 3.247   -12.820 6.446   1.00 8.37  ? 15  ASN A O   1 
ATOM   10   C CB  . ASN A 1 2   B 2.102   -15.430 7.425   1.00 9.30  ? 15  ASN A CB  1 
ATOM   11   C CG  . ASN A 1 2   B 2.094   -16.924 7.718   1.00 11.12 ? 15  ASN A CG  1 
ATOM   12   O OD1 . ASN A 1 2   B 2.916   -17.701 7.190   1.00 12.80 ? 15  ASN A OD1 1 
ATOM   13   N ND2 . ASN A 1 2   B 1.213   -17.485 8.516   1.00 11.33 ? 15  ASN A ND2 1 
ATOM   14   N N   . ILE A 1 3   ? 2.481   -13.747 4.415   1.00 9.56  ? 16  ILE A N   1 
ATOM   15   C CA  . ILE A 1 3   ? 2.355   -12.372 3.826   1.00 7.57  ? 16  ILE A CA  1 
ATOM   16   C C   . ILE A 1 3   ? 0.929   -11.850 3.968   1.00 7.88  ? 16  ILE A C   1 
ATOM   17   O O   . ILE A 1 3   ? 0.025   -12.417 3.325   1.00 8.39  ? 16  ILE A O   1 
ATOM   18   C CB  . ILE A 1 3   ? 2.778   -12.506 2.353   1.00 7.10  ? 16  ILE A CB  1 
ATOM   19   C CG1 . ILE A 1 3   ? 4.154   -13.161 2.253   1.00 7.50  ? 16  ILE A CG1 1 
ATOM   20   C CG2 . ILE A 1 3   ? 2.537   -11.126 1.674   1.00 7.02  ? 16  ILE A CG2 1 
ATOM   21   C CD1 . ILE A 1 3   ? 5.337   -12.350 2.865   1.00 6.99  ? 16  ILE A CD1 1 
ATOM   22   N N   . VAL A 1 4   ? 0.766   -10.801 4.756   1.00 6.12  ? 17  VAL A N   1 
ATOM   23   C CA  . VAL A 1 4   ? -0.545  -10.205 5.039   1.00 8.22  ? 17  VAL A CA  1 
ATOM   24   C C   . VAL A 1 4   ? -0.471  -8.707  4.765   1.00 7.88  ? 17  VAL A C   1 
ATOM   25   O O   . VAL A 1 4   ? 0.593   -8.104  5.005   1.00 7.61  ? 17  VAL A O   1 
ATOM   26   C CB  . VAL A 1 4   ? -0.695  -10.496 6.592   1.00 8.91  ? 17  VAL A CB  1 
ATOM   27   C CG1 . VAL A 1 4   ? -1.763  -9.690  7.223   1.00 7.34  ? 17  VAL A CG1 1 
ATOM   28   C CG2 . VAL A 1 4   ? -0.923  -11.968 6.929   1.00 9.85  ? 17  VAL A CG2 1 
ATOM   29   N N   . GLY A 1 5   ? -1.537  -8.116  4.269   1.00 6.92  ? 18  GLY A N   1 
ATOM   30   C CA  . GLY A 1 5   ? -1.553  -6.658  3.966   1.00 6.49  ? 18  GLY A CA  1 
ATOM   31   C C   . GLY A 1 5   ? -1.308  -5.890  5.262   1.00 6.47  ? 18  GLY A C   1 
ATOM   32   O O   . GLY A 1 5   ? -1.857  -6.281  6.328   1.00 9.51  ? 18  GLY A O   1 
ATOM   33   N N   . GLY A 1 6   ? -0.570  -4.829  5.200   1.00 7.48  ? 19  GLY A N   1 
ATOM   34   C CA  . GLY A 1 6   ? -0.317  -3.961  6.360   1.00 7.95  ? 19  GLY A CA  1 
ATOM   35   C C   . GLY A 1 6   ? 0.903   -4.154  7.206   1.00 8.55  ? 19  GLY A C   1 
ATOM   36   O O   . GLY A 1 6   ? 1.211   -3.222  7.990   1.00 10.78 ? 19  GLY A O   1 
ATOM   37   N N   . ILE A 1 7   ? 1.586   -5.283  7.096   1.00 8.67  ? 29  ILE A N   1 
ATOM   38   C CA  . ILE A 1 7   ? 2.756   -5.579  7.927   1.00 8.58  ? 29  ILE A CA  1 
ATOM   39   C C   . ILE A 1 7   ? 4.008   -4.904  7.413   1.00 10.19 ? 29  ILE A C   1 
ATOM   40   O O   . ILE A 1 7   ? 4.105   -4.545  6.206   1.00 9.95  ? 29  ILE A O   1 
ATOM   41   C CB  . ILE A 1 7   ? 2.923   -7.125  8.123   1.00 9.63  ? 29  ILE A CB  1 
ATOM   42   C CG1 . ILE A 1 7   ? 3.247   -7.807  6.772   1.00 9.45  ? 29  ILE A CG1 1 
ATOM   43   C CG2 . ILE A 1 7   ? 1.562   -7.746  8.589   1.00 8.16  ? 29  ILE A CG2 1 
ATOM   44   C CD1 . ILE A 1 7   ? 3.867   -9.216  6.979   1.00 8.80  ? 29  ILE A CD1 1 
ATOM   45   N N   . GLU A 1 8   ? 4.963   -4.786  8.350   1.00 9.12  ? 30  GLU A N   1 
ATOM   46   C CA  . GLU A 1 8   ? 6.221   -4.153  8.025   1.00 8.24  ? 30  GLU A CA  1 
ATOM   47   C C   . GLU A 1 8   ? 7.194   -5.035  7.256   1.00 9.68  ? 30  GLU A C   1 
ATOM   48   O O   . GLU A 1 8   ? 7.288   -6.270  7.395   1.00 8.79  ? 30  GLU A O   1 
ATOM   49   C CB  . GLU A 1 8   ? 6.926   -3.864  9.343   1.00 6.88  ? 30  GLU A CB  1 
ATOM   50   C CG  . GLU A 1 8   ? 8.273   -3.170  9.140   1.00 8.22  ? 30  GLU A CG  1 
ATOM   51   C CD  . GLU A 1 8   ? 8.817   -2.918  10.534  1.00 12.82 ? 30  GLU A CD  1 
ATOM   52   O OE1 . GLU A 1 8   ? 9.771   -3.523  10.968  1.00 15.36 ? 30  GLU A OE1 1 
ATOM   53   O OE2 . GLU A 1 8   ? 8.246   -2.145  11.308  1.00 11.92 ? 30  GLU A OE2 1 
ATOM   54   N N   . TYR A 1 9   ? 8.006   -4.345  6.413   1.00 9.25  ? 31  TYR A N   1 
ATOM   55   C CA  . TYR A 1 9   ? 9.094   -5.055  5.687   1.00 6.82  ? 31  TYR A CA  1 
ATOM   56   C C   . TYR A 1 9   ? 10.162  -3.966  5.580   1.00 8.21  ? 31  TYR A C   1 
ATOM   57   O O   . TYR A 1 9   ? 9.737   -2.779  5.528   1.00 7.57  ? 31  TYR A O   1 
ATOM   58   C CB  . TYR A 1 9   ? 8.652   -5.727  4.382   1.00 5.37  ? 31  TYR A CB  1 
ATOM   59   C CG  . TYR A 1 9   ? 8.546   -4.795  3.194   1.00 4.19  ? 31  TYR A CG  1 
ATOM   60   C CD1 . TYR A 1 9   ? 9.527   -4.509  2.292   1.00 3.32  ? 31  TYR A CD1 1 
ATOM   61   C CD2 . TYR A 1 9   ? 7.296   -4.145  3.036   1.00 5.26  ? 31  TYR A CD2 1 
ATOM   62   C CE1 . TYR A 1 9   ? 9.271   -3.632  1.220   1.00 4.27  ? 31  TYR A CE1 1 
ATOM   63   C CE2 . TYR A 1 9   ? 7.004   -3.263  2.004   1.00 4.42  ? 31  TYR A CE2 1 
ATOM   64   C CZ  . TYR A 1 9   ? 8.051   -2.986  1.117   1.00 5.55  ? 31  TYR A CZ  1 
ATOM   65   O OH  . TYR A 1 9   ? 7.760   -2.077  0.091   1.00 6.57  ? 31  TYR A OH  1 
ATOM   66   N N   . SER A 1 10  ? 11.445  -4.298  5.490   1.00 7.28  ? 32  SER A N   1 
ATOM   67   C CA  . SER A 1 10  ? 12.476  -3.265  5.337   1.00 9.05  ? 32  SER A CA  1 
ATOM   68   C C   . SER A 1 10  ? 13.077  -3.446  3.940   1.00 10.44 ? 32  SER A C   1 
ATOM   69   O O   . SER A 1 10  ? 12.984  -4.564  3.372   1.00 11.07 ? 32  SER A O   1 
ATOM   70   C CB  . SER A 1 10  ? 13.539  -3.397  6.425   1.00 9.71  ? 32  SER A CB  1 
ATOM   71   O OG  . SER A 1 10  ? 14.179  -4.666  6.196   1.00 11.46 ? 32  SER A OG  1 
ATOM   72   N N   . ILE A 1 11  ? 13.682  -2.366  3.449   1.00 11.00 ? 33  ILE A N   1 
ATOM   73   C CA  . ILE A 1 11  ? 14.315  -2.427  2.100   1.00 10.55 ? 33  ILE A CA  1 
ATOM   74   C C   . ILE A 1 11  ? 15.837  -2.176  2.240   1.00 12.35 ? 33  ILE A C   1 
ATOM   75   O O   . ILE A 1 11  ? 16.191  -1.105  2.814   1.00 12.48 ? 33  ILE A O   1 
ATOM   76   C CB  . ILE A 1 11  ? 13.656  -1.354  1.150   1.00 9.14  ? 33  ILE A CB  1 
ATOM   77   C CG1 . ILE A 1 11  ? 12.120  -1.447  1.075   1.00 7.12  ? 33  ILE A CG1 1 
ATOM   78   C CG2 . ILE A 1 11  ? 14.255  -1.421  -0.307  1.00 8.25  ? 33  ILE A CG2 1 
ATOM   79   C CD1 . ILE A 1 11  ? 11.264  -0.826  2.203   1.00 2.97  ? 33  ILE A CD1 1 
ATOM   80   N N   . ASN A 1 12  ? 16.678  -3.070  1.733   1.00 10.59 ? 34  ASN A N   1 
ATOM   81   C CA  . ASN A 1 12  ? 18.119  -2.963  1.803   1.00 10.04 ? 34  ASN A CA  1 
ATOM   82   C C   . ASN A 1 12  ? 18.585  -2.565  3.216   1.00 11.29 ? 34  ASN A C   1 
ATOM   83   O O   . ASN A 1 12  ? 19.520  -1.736  3.447   1.00 9.34  ? 34  ASN A O   1 
ATOM   84   C CB  . ASN A 1 12  ? 18.511  -1.886  0.781   1.00 11.40 ? 34  ASN A CB  1 
ATOM   85   C CG  . ASN A 1 12  ? 18.417  -2.431  -0.639  1.00 13.05 ? 34  ASN A CG  1 
ATOM   86   O OD1 . ASN A 1 12  ? 18.281  -3.628  -0.899  1.00 12.99 ? 34  ASN A OD1 1 
ATOM   87   N ND2 . ASN A 1 12  ? 18.561  -1.552  -1.626  1.00 12.90 ? 34  ASN A ND2 1 
ATOM   88   N N   . ASN A 1 13  ? 17.938  -3.197  4.192   1.00 12.88 ? 35  ASN A N   1 
ATOM   89   C CA  . ASN A 1 13  ? 18.238  -2.979  5.604   1.00 14.40 ? 35  ASN A CA  1 
ATOM   90   C C   . ASN A 1 13  ? 18.201  -1.513  6.003   1.00 14.48 ? 35  ASN A C   1 
ATOM   91   O O   . ASN A 1 13  ? 18.907  -1.163  6.975   1.00 13.76 ? 35  ASN A O   1 
ATOM   92   C CB  . ASN A 1 13  ? 19.707  -3.487  5.766   1.00 16.38 ? 35  ASN A CB  1 
ATOM   93   C CG  . ASN A 1 13  ? 19.776  -4.941  6.196   1.00 19.20 ? 35  ASN A CG  1 
ATOM   94   O OD1 . ASN A 1 13  ? 18.838  -5.294  6.956   1.00 18.87 ? 35  ASN A OD1 1 
ATOM   95   N ND2 . ASN A 1 13  ? 20.865  -5.587  5.748   1.00 19.01 ? 35  ASN A ND2 1 
ATOM   96   N N   . ALA A 1 14  ? 17.441  -0.675  5.291   1.00 15.93 ? 39  ALA A N   1 
ATOM   97   C CA  . ALA A 1 14  ? 17.378  0.774   5.636   1.00 15.00 ? 39  ALA A CA  1 
ATOM   98   C C   . ALA A 1 14  ? 15.945  1.254   5.879   1.00 15.31 ? 39  ALA A C   1 
ATOM   99   O O   . ALA A 1 14  ? 15.499  1.306   7.048   1.00 17.93 ? 39  ALA A O   1 
ATOM   100  C CB  . ALA A 1 14  ? 18.123  1.663   4.663   1.00 13.77 ? 39  ALA A CB  1 
ATOM   101  N N   . SER A 1 15  ? 15.187  1.572   4.890   1.00 13.18 ? 40  SER A N   1 
ATOM   102  C CA  . SER A 1 15  ? 13.830  2.021   4.938   1.00 13.92 ? 40  SER A CA  1 
ATOM   103  C C   . SER A 1 15  ? 12.802  0.937   5.325   1.00 11.03 ? 40  SER A C   1 
ATOM   104  O O   . SER A 1 15  ? 13.066  -0.223  5.119   1.00 10.23 ? 40  SER A O   1 
ATOM   105  C CB  . SER A 1 15  ? 13.386  2.421   3.524   1.00 15.86 ? 40  SER A CB  1 
ATOM   106  O OG  . SER A 1 15  ? 14.153  3.510   3.058   1.00 22.63 ? 40  SER A OG  1 
ATOM   107  N N   . LEU A 1 16  ? 11.661  1.397   5.793   1.00 9.59  ? 41  LEU A N   1 
ATOM   108  C CA  . LEU A 1 16  ? 10.548  0.519   6.153   1.00 10.44 ? 41  LEU A CA  1 
ATOM   109  C C   . LEU A 1 16  ? 9.342   0.973   5.285   1.00 9.40  ? 41  LEU A C   1 
ATOM   110  O O   . LEU A 1 16  ? 9.217   2.199   5.057   1.00 8.81  ? 41  LEU A O   1 
ATOM   111  C CB  . LEU A 1 16  ? 10.115  0.666   7.632   1.00 9.86  ? 41  LEU A CB  1 
ATOM   112  C CG  . LEU A 1 16  ? 11.177  0.508   8.712   1.00 10.95 ? 41  LEU A CG  1 
ATOM   113  C CD1 . LEU A 1 16  ? 10.665  0.620   10.141  1.00 8.87  ? 41  LEU A CD1 1 
ATOM   114  C CD2 . LEU A 1 16  ? 11.798  -0.885  8.518   1.00 11.87 ? 41  LEU A CD2 1 
ATOM   115  N N   . CYS A 1 17  ? 8.606   -0.005  4.888   1.00 6.12  ? 42  CYS A N   1 
ATOM   116  C CA  . CYS A 1 17  ? 7.310   0.239   4.226   1.00 6.49  ? 42  CYS A CA  1 
ATOM   117  C C   . CYS A 1 17  ? 6.309   -0.839  4.711   1.00 7.22  ? 42  CYS A C   1 
ATOM   118  O O   . CYS A 1 17  ? 6.653   -1.730  5.561   1.00 8.84  ? 42  CYS A O   1 
ATOM   119  C CB  . CYS A 1 17  ? 7.488   0.205   2.710   1.00 5.77  ? 42  CYS A CB  1 
ATOM   120  S SG  . CYS A 1 17  ? 8.057   1.843   2.143   1.00 8.43  ? 42  CYS A SG  1 
ATOM   121  N N   . SER A 1 18  ? 5.097   -0.802  4.170   1.00 4.87  ? 43  SER A N   1 
ATOM   122  C CA  . SER A 1 18  ? 4.106   -1.810  4.551   1.00 6.03  ? 43  SER A CA  1 
ATOM   123  C C   . SER A 1 18  ? 3.716   -2.635  3.305   1.00 5.51  ? 43  SER A C   1 
ATOM   124  O O   . SER A 1 18  ? 3.723   -2.058  2.224   1.00 3.57  ? 43  SER A O   1 
ATOM   125  C CB  . SER A 1 18  ? 2.846   -1.212  5.141   1.00 6.18  ? 43  SER A CB  1 
ATOM   126  O OG  . SER A 1 18  ? 3.264   -0.403  6.199   1.00 6.53  ? 43  SER A OG  1 
ATOM   127  N N   . VAL A 1 19  ? 3.333   -3.870  3.602   1.00 6.76  ? 44  VAL A N   1 
ATOM   128  C CA  . VAL A 1 19  ? 2.889   -4.765  2.502   1.00 7.80  ? 44  VAL A CA  1 
ATOM   129  C C   . VAL A 1 19  ? 1.489   -4.287  2.053   1.00 7.62  ? 44  VAL A C   1 
ATOM   130  O O   . VAL A 1 19  ? 0.665   -3.980  2.938   1.00 7.41  ? 44  VAL A O   1 
ATOM   131  C CB  . VAL A 1 19  ? 2.859   -6.221  2.994   1.00 8.55  ? 44  VAL A CB  1 
ATOM   132  C CG1 . VAL A 1 19  ? 2.097   -7.127  2.001   1.00 6.47  ? 44  VAL A CG1 1 
ATOM   133  C CG2 . VAL A 1 19  ? 4.189   -6.841  3.358   1.00 8.18  ? 44  VAL A CG2 1 
ATOM   134  N N   . GLY A 1 20  ? 1.282   -4.315  0.750   1.00 7.36  ? 45  GLY A N   1 
ATOM   135  C CA  . GLY A 1 20  ? -0.037  -3.928  0.229   1.00 6.50  ? 45  GLY A CA  1 
ATOM   136  C C   . GLY A 1 20  ? -0.958  -5.158  0.147   1.00 7.32  ? 45  GLY A C   1 
ATOM   137  O O   . GLY A 1 20  ? -1.847  -5.289  0.969   1.00 5.75  ? 45  GLY A O   1 
ATOM   138  N N   . PHE A 1 21  ? -0.811  -5.978  -0.860  1.00 6.26  ? 46  PHE A N   1 
ATOM   139  C CA  . PHE A 1 21  ? -1.589  -7.173  -1.119  1.00 6.86  ? 46  PHE A CA  1 
ATOM   140  C C   . PHE A 1 21  ? -0.792  -8.337  -1.696  1.00 7.96  ? 46  PHE A C   1 
ATOM   141  O O   . PHE A 1 21  ? 0.076   -8.058  -2.550  1.00 9.06  ? 46  PHE A O   1 
ATOM   142  C CB  . PHE A 1 21  ? -2.775  -7.037  -2.116  1.00 6.48  ? 46  PHE A CB  1 
ATOM   143  C CG  . PHE A 1 21  ? -3.677  -5.919  -1.641  1.00 8.45  ? 46  PHE A CG  1 
ATOM   144  C CD1 . PHE A 1 21  ? -4.638  -6.220  -0.652  1.00 7.45  ? 46  PHE A CD1 1 
ATOM   145  C CD2 . PHE A 1 21  ? -3.516  -4.613  -2.144  1.00 7.30  ? 46  PHE A CD2 1 
ATOM   146  C CE1 . PHE A 1 21  ? -5.474  -5.213  -0.170  1.00 7.28  ? 46  PHE A CE1 1 
ATOM   147  C CE2 . PHE A 1 21  ? -4.359  -3.602  -1.637  1.00 7.13  ? 46  PHE A CE2 1 
ATOM   148  C CZ  . PHE A 1 21  ? -5.334  -3.891  -0.666  1.00 6.81  ? 46  PHE A CZ  1 
ATOM   149  N N   . SER A 1 22  ? -1.053  -9.547  -1.230  1.00 7.56  ? 47  SER A N   1 
ATOM   150  C CA  . SER A 1 22  ? -0.453  -10.745 -1.767  1.00 8.34  ? 47  SER A CA  1 
ATOM   151  C C   . SER A 1 22  ? -1.046  -10.936 -3.196  1.00 9.77  ? 47  SER A C   1 
ATOM   152  O O   . SER A 1 22  ? -2.286  -10.808 -3.428  1.00 8.37  ? 47  SER A O   1 
ATOM   153  C CB  . SER A 1 22  ? -1.090  -11.894 -0.985  1.00 8.41  ? 47  SER A CB  1 
ATOM   154  O OG  . SER A 1 22  ? -0.480  -11.923 0.303   1.00 9.92  ? 47  SER A OG  1 
ATOM   155  N N   . VAL A 1 23  ? -0.161  -11.325 -4.122  1.00 9.49  ? 48  VAL A N   1 
ATOM   156  C CA  . VAL A 1 23  ? -0.586  -11.560 -5.511  1.00 9.63  ? 48  VAL A CA  1 
ATOM   157  C C   . VAL A 1 23  ? 0.295   -12.688 -6.120  1.00 10.33 ? 48  VAL A C   1 
ATOM   158  O O   . VAL A 1 23  ? 1.315   -13.047 -5.511  1.00 9.64  ? 48  VAL A O   1 
ATOM   159  C CB  . VAL A 1 23  ? -0.341  -10.291 -6.368  1.00 7.95  ? 48  VAL A CB  1 
ATOM   160  C CG1 . VAL A 1 23  ? -1.230  -9.145  -6.012  1.00 5.98  ? 48  VAL A CG1 1 
ATOM   161  C CG2 . VAL A 1 23  ? 1.160   -9.907  -6.376  1.00 5.85  ? 48  VAL A CG2 1 
ATOM   162  N N   . THR A 1 24  A -0.184  -13.153 -7.277  1.00 9.43  ? 48  THR A N   1 
ATOM   163  C CA  . THR A 1 24  A 0.673   -14.123 -7.977  1.00 10.24 ? 48  THR A CA  1 
ATOM   164  C C   . THR A 1 24  A 0.796   -13.577 -9.436  1.00 11.61 ? 48  THR A C   1 
ATOM   165  O O   . THR A 1 24  A -0.046  -12.840 -10.013 1.00 11.24 ? 48  THR A O   1 
ATOM   166  C CB  . THR A 1 24  A 0.094   -15.578 -8.004  1.00 10.32 ? 48  THR A CB  1 
ATOM   167  O OG1 . THR A 1 24  A -1.216  -15.425 -8.688  1.00 9.20  ? 48  THR A OG1 1 
ATOM   168  C CG2 . THR A 1 24  A -0.041  -16.219 -6.621  1.00 9.88  ? 48  THR A CG2 1 
ATOM   169  N N   . ARG A 1 25  B 1.866   -14.079 -10.020 1.00 12.69 ? 48  ARG A N   1 
ATOM   170  C CA  . ARG A 1 25  B 2.202   -13.878 -11.439 1.00 13.99 ? 48  ARG A CA  1 
ATOM   171  C C   . ARG A 1 25  B 2.576   -15.268 -11.963 1.00 13.59 ? 48  ARG A C   1 
ATOM   172  O O   . ARG A 1 25  B 3.769   -15.637 -11.913 1.00 14.85 ? 48  ARG A O   1 
ATOM   173  C CB  . ARG A 1 25  B 3.322   -12.861 -11.388 1.00 17.54 ? 48  ARG A CB  1 
ATOM   174  C CG  . ARG A 1 25  B 3.174   -11.955 -12.587 1.00 22.55 ? 48  ARG A CG  1 
ATOM   175  C CD  . ARG A 1 25  B 4.043   -12.558 -13.634 1.00 25.68 ? 48  ARG A CD  1 
ATOM   176  N NE  . ARG A 1 25  B 4.852   -11.424 -13.986 1.00 28.43 ? 48  ARG A NE  1 
ATOM   177  C CZ  . ARG A 1 25  B 6.127   -11.338 -14.323 1.00 30.72 ? 48  ARG A CZ  1 
ATOM   178  N NH1 . ARG A 1 25  B 6.284   -10.135 -14.892 1.00 32.10 ? 48  ARG A NH1 1 
ATOM   179  N NH2 . ARG A 1 25  B 7.069   -12.227 -14.072 1.00 30.59 ? 48  ARG A NH2 1 
ATOM   180  N N   . GLY A 1 26  C 1.620   -16.057 -12.429 1.00 11.90 ? 48  GLY A N   1 
ATOM   181  C CA  . GLY A 1 26  C 1.817   -17.422 -12.921 1.00 9.51  ? 48  GLY A CA  1 
ATOM   182  C C   . GLY A 1 26  C 2.219   -18.122 -11.607 1.00 12.18 ? 48  GLY A C   1 
ATOM   183  O O   . GLY A 1 26  C 1.608   -17.805 -10.543 1.00 12.58 ? 48  GLY A O   1 
ATOM   184  N N   . ALA A 1 27  D 3.234   -18.930 -11.643 1.00 10.71 ? 48  ALA A N   1 
ATOM   185  C CA  . ALA A 1 27  D 3.741   -19.628 -10.469 1.00 11.09 ? 48  ALA A CA  1 
ATOM   186  C C   . ALA A 1 27  D 4.510   -18.735 -9.499  1.00 13.43 ? 48  ALA A C   1 
ATOM   187  O O   . ALA A 1 27  D 4.924   -19.253 -8.427  1.00 14.75 ? 48  ALA A O   1 
ATOM   188  C CB  . ALA A 1 27  D 4.675   -20.696 -11.064 1.00 8.38  ? 48  ALA A CB  1 
ATOM   189  N N   . THR A 1 28  ? 4.751   -17.454 -9.821  1.00 13.60 ? 49  THR A N   1 
ATOM   190  C CA  . THR A 1 28  ? 5.521   -16.575 -8.920  1.00 11.53 ? 49  THR A CA  1 
ATOM   191  C C   . THR A 1 28  ? 4.674   -15.900 -7.847  1.00 11.27 ? 49  THR A C   1 
ATOM   192  O O   . THR A 1 28  ? 3.604   -15.314 -8.170  1.00 12.01 ? 49  THR A O   1 
ATOM   193  C CB  . THR A 1 28  ? 6.264   -15.458 -9.794  1.00 11.83 ? 49  THR A CB  1 
ATOM   194  O OG1 . THR A 1 28  ? 6.997   -16.277 -10.783 1.00 11.56 ? 49  THR A OG1 1 
ATOM   195  C CG2 . THR A 1 28  ? 7.255   -14.611 -8.990  1.00 8.50  ? 49  THR A CG2 1 
ATOM   196  N N   . LYS A 1 29  ? 5.155   -15.941 -6.632  1.00 9.95  ? 50  LYS A N   1 
ATOM   197  C CA  . LYS A 1 29  ? 4.433   -15.289 -5.497  1.00 10.73 ? 50  LYS A CA  1 
ATOM   198  C C   . LYS A 1 29  ? 5.011   -13.875 -5.378  1.00 10.81 ? 50  LYS A C   1 
ATOM   199  O O   . LYS A 1 29  ? 6.202   -13.695 -5.713  1.00 10.12 ? 50  LYS A O   1 
ATOM   200  C CB  . LYS A 1 29  ? 4.710   -16.032 -4.195  1.00 10.25 ? 50  LYS A CB  1 
ATOM   201  C CG  . LYS A 1 29  ? 4.320   -17.516 -4.221  1.00 9.02  ? 50  LYS A CG  1 
ATOM   202  C CD  . LYS A 1 29  ? 4.693   -18.110 -2.830  1.00 11.18 ? 50  LYS A CD  1 
ATOM   203  C CE  . LYS A 1 29  ? 4.346   -19.616 -2.867  1.00 12.64 ? 50  LYS A CE  1 
ATOM   204  N NZ  . LYS A 1 29  ? 4.679   -20.272 -1.553  1.00 12.01 ? 50  LYS A NZ  1 
ATOM   205  N N   . GLY A 1 30  ? 4.191   -12.942 -4.920  1.00 10.91 ? 51  GLY A N   1 
ATOM   206  C CA  . GLY A 1 30  ? 4.668   -11.566 -4.741  1.00 10.76 ? 51  GLY A CA  1 
ATOM   207  C C   . GLY A 1 30  ? 3.703   -10.724 -3.910  1.00 10.18 ? 51  GLY A C   1 
ATOM   208  O O   . GLY A 1 30  ? 2.634   -11.214 -3.502  1.00 9.90  ? 51  GLY A O   1 
ATOM   209  N N   . PHE A 1 31  ? 4.116   -9.473  -3.693  1.00 8.65  ? 52  PHE A N   1 
ATOM   210  C CA  . PHE A 1 31  ? 3.155   -8.565  -3.009  1.00 8.59  ? 52  PHE A CA  1 
ATOM   211  C C   . PHE A 1 31  ? 3.272   -7.237  -3.746  1.00 6.66  ? 52  PHE A C   1 
ATOM   212  O O   . PHE A 1 31  ? 4.376   -6.942  -4.241  1.00 7.82  ? 52  PHE A O   1 
ATOM   213  C CB  . PHE A 1 31  ? 3.241   -8.500  -1.495  1.00 9.50  ? 52  PHE A CB  1 
ATOM   214  C CG  . PHE A 1 31  ? 4.498   -7.864  -0.953  1.00 10.66 ? 52  PHE A CG  1 
ATOM   215  C CD1 . PHE A 1 31  ? 4.654   -6.465  -0.948  1.00 10.09 ? 52  PHE A CD1 1 
ATOM   216  C CD2 . PHE A 1 31  ? 5.501   -8.674  -0.396  1.00 10.66 ? 52  PHE A CD2 1 
ATOM   217  C CE1 . PHE A 1 31  ? 5.787   -5.881  -0.415  1.00 8.29  ? 52  PHE A CE1 1 
ATOM   218  C CE2 . PHE A 1 31  ? 6.662   -8.094  0.143   1.00 10.71 ? 52  PHE A CE2 1 
ATOM   219  C CZ  . PHE A 1 31  ? 6.776   -6.684  0.118   1.00 9.61  ? 52  PHE A CZ  1 
ATOM   220  N N   . VAL A 1 32  ? 2.222   -6.468  -3.792  1.00 6.66  ? 53  VAL A N   1 
ATOM   221  C CA  . VAL A 1 32  ? 2.194   -5.131  -4.384  1.00 5.95  ? 53  VAL A CA  1 
ATOM   222  C C   . VAL A 1 32  ? 2.422   -4.166  -3.210  1.00 4.45  ? 53  VAL A C   1 
ATOM   223  O O   . VAL A 1 32  ? 1.991   -4.447  -2.093  1.00 4.19  ? 53  VAL A O   1 
ATOM   224  C CB  . VAL A 1 32  ? 0.947   -4.735  -5.177  1.00 6.58  ? 53  VAL A CB  1 
ATOM   225  C CG1 . VAL A 1 32  ? 0.847   -5.594  -6.429  1.00 8.13  ? 53  VAL A CG1 1 
ATOM   226  C CG2 . VAL A 1 32  ? -0.335  -4.902  -4.459  1.00 9.13  ? 53  VAL A CG2 1 
ATOM   227  N N   . THR A 1 33  ? 3.139   -3.117  -3.516  1.00 5.16  ? 54  THR A N   1 
ATOM   228  C CA  . THR A 1 33  ? 3.551   -2.056  -2.603  1.00 6.59  ? 54  THR A CA  1 
ATOM   229  C C   . THR A 1 33  ? 3.752   -0.729  -3.329  1.00 8.31  ? 54  THR A C   1 
ATOM   230  O O   . THR A 1 33  ? 3.392   -0.607  -4.517  1.00 9.19  ? 54  THR A O   1 
ATOM   231  C CB  . THR A 1 33  ? 4.856   -2.574  -1.890  1.00 6.65  ? 54  THR A CB  1 
ATOM   232  O OG1 . THR A 1 33  ? 4.898   -1.884  -0.589  1.00 7.14  ? 54  THR A OG1 1 
ATOM   233  C CG2 . THR A 1 33  ? 6.185   -2.489  -2.656  1.00 6.55  ? 54  THR A CG2 1 
ATOM   234  N N   . ALA A 1 34  ? 4.327   0.245   -2.639  1.00 9.46  ? 55  ALA A N   1 
ATOM   235  C CA  . ALA A 1 34  ? 4.567   1.579   -3.247  1.00 8.61  ? 55  ALA A CA  1 
ATOM   236  C C   . ALA A 1 34  ? 5.899   1.556   -4.011  1.00 8.19  ? 55  ALA A C   1 
ATOM   237  O O   . ALA A 1 34  ? 6.836   0.983   -3.474  1.00 8.15  ? 55  ALA A O   1 
ATOM   238  C CB  . ALA A 1 34  ? 4.528   2.672   -2.205  1.00 6.91  ? 55  ALA A CB  1 
ATOM   239  N N   . GLY A 1 35  ? 5.906   2.195   -5.187  1.00 8.56  ? 56  GLY A N   1 
ATOM   240  C CA  . GLY A 1 35  ? 7.129   2.260   -5.982  1.00 8.17  ? 56  GLY A CA  1 
ATOM   241  C C   . GLY A 1 35  ? 8.227   3.063   -5.277  1.00 6.34  ? 56  GLY A C   1 
ATOM   242  O O   . GLY A 1 35  ? 9.385   2.717   -5.381  1.00 6.36  ? 56  GLY A O   1 
ATOM   243  N N   . HIS A 1 36  ? 7.825   4.092   -4.554  1.00 7.33  ? 57  HIS A N   1 
ATOM   244  C CA  . HIS A 1 36  ? 8.839   4.915   -3.853  1.00 7.75  ? 57  HIS A CA  1 
ATOM   245  C C   . HIS A 1 36  ? 9.480   4.029   -2.780  1.00 10.36 ? 57  HIS A C   1 
ATOM   246  O O   . HIS A 1 36  ? 10.526  4.583   -2.354  1.00 11.31 ? 57  HIS A O   1 
ATOM   247  C CB  . HIS A 1 36  ? 8.338   6.269   -3.320  1.00 5.10  ? 57  HIS A CB  1 
ATOM   248  C CG  . HIS A 1 36  ? 7.512   6.157   -2.043  1.00 6.10  ? 57  HIS A CG  1 
ATOM   249  N ND1 . HIS A 1 36  ? 6.127   6.160   -1.983  1.00 5.88  ? 57  HIS A ND1 1 
ATOM   250  C CD2 . HIS A 1 36  ? 7.931   6.094   -0.751  1.00 5.10  ? 57  HIS A CD2 1 
ATOM   251  C CE1 . HIS A 1 36  ? 5.741   6.105   -0.704  1.00 5.01  ? 57  HIS A CE1 1 
ATOM   252  N NE2 . HIS A 1 36  ? 6.821   6.051   0.045   1.00 3.58  ? 57  HIS A NE2 1 
ATOM   253  N N   . CYS A 1 37  ? 8.990   2.865   -2.343  1.00 7.93  ? 58  CYS A N   1 
ATOM   254  C CA  . CYS A 1 37  ? 9.731   2.171   -1.273  1.00 8.43  ? 58  CYS A CA  1 
ATOM   255  C C   . CYS A 1 37  ? 11.100  1.570   -1.612  1.00 9.79  ? 58  CYS A C   1 
ATOM   256  O O   . CYS A 1 37  ? 11.926  1.354   -0.692  1.00 9.03  ? 58  CYS A O   1 
ATOM   257  C CB  . CYS A 1 37  ? 8.829   1.012   -0.726  1.00 8.23  ? 58  CYS A CB  1 
ATOM   258  S SG  . CYS A 1 37  ? 7.381   1.738   0.143   1.00 10.48 ? 58  CYS A SG  1 
ATOM   259  N N   . GLY A 1 38  ? 11.330  1.187   -2.860  1.00 10.37 ? 59  GLY A N   1 
ATOM   260  C CA  . GLY A 1 38  ? 12.543  0.526   -3.313  1.00 11.64 ? 59  GLY A CA  1 
ATOM   261  C C   . GLY A 1 38  ? 12.888  0.630   -4.790  1.00 12.47 ? 59  GLY A C   1 
ATOM   262  O O   . GLY A 1 38  ? 12.009  1.035   -5.519  1.00 13.92 ? 59  GLY A O   1 
ATOM   263  N N   . THR A 1 39  ? 14.091  0.269   -5.202  1.00 12.55 ? 62  THR A N   1 
ATOM   264  C CA  . THR A 1 39  ? 14.458  0.272   -6.631  1.00 14.21 ? 62  THR A CA  1 
ATOM   265  C C   . THR A 1 39  ? 14.444  -1.191  -7.040  1.00 13.80 ? 62  THR A C   1 
ATOM   266  O O   . THR A 1 39  ? 14.526  -2.091  -6.133  1.00 12.41 ? 62  THR A O   1 
ATOM   267  C CB  . THR A 1 39  ? 15.915  0.894   -6.816  1.00 15.29 ? 62  THR A CB  1 
ATOM   268  O OG1 . THR A 1 39  ? 16.667  0.363   -5.667  1.00 16.20 ? 62  THR A OG1 1 
ATOM   269  C CG2 . THR A 1 39  ? 15.732  2.392   -6.595  1.00 16.53 ? 62  THR A CG2 1 
ATOM   270  N N   . VAL A 1 40  ? 14.382  -1.399  -8.352  1.00 14.12 ? 63  VAL A N   1 
ATOM   271  C CA  . VAL A 1 40  ? 14.371  -2.812  -8.853  1.00 13.59 ? 63  VAL A CA  1 
ATOM   272  C C   . VAL A 1 40  ? 15.573  -3.519  -8.242  1.00 15.12 ? 63  VAL A C   1 
ATOM   273  O O   . VAL A 1 40  ? 16.628  -2.859  -8.077  1.00 14.88 ? 63  VAL A O   1 
ATOM   274  C CB  . VAL A 1 40  ? 14.407  -2.677  -10.373 1.00 15.26 ? 63  VAL A CB  1 
ATOM   275  C CG1 . VAL A 1 40  ? 14.788  -4.033  -10.934 1.00 16.49 ? 63  VAL A CG1 1 
ATOM   276  C CG2 . VAL A 1 40  ? 13.023  -2.138  -10.771 1.00 16.18 ? 63  VAL A CG2 1 
ATOM   277  N N   . ASN A 1 41  ? 15.466  -4.764  -7.862  1.00 14.10 ? 64  ASN A N   1 
ATOM   278  C CA  . ASN A 1 41  ? 16.489  -5.571  -7.260  1.00 14.98 ? 64  ASN A CA  1 
ATOM   279  C C   . ASN A 1 41  ? 16.748  -5.178  -5.804  1.00 14.10 ? 64  ASN A C   1 
ATOM   280  O O   . ASN A 1 41  ? 17.577  -5.969  -5.325  1.00 15.98 ? 64  ASN A O   1 
ATOM   281  C CB  . ASN A 1 41  ? 17.755  -5.745  -8.069  1.00 18.13 ? 64  ASN A CB  1 
ATOM   282  C CG  . ASN A 1 41  ? 17.559  -6.172  -9.503  1.00 22.40 ? 64  ASN A CG  1 
ATOM   283  O OD1 . ASN A 1 41  ? 18.282  -5.687  -10.406 1.00 25.92 ? 64  ASN A OD1 1 
ATOM   284  N ND2 . ASN A 1 41  ? 16.631  -7.019  -9.887  1.00 23.47 ? 64  ASN A ND2 1 
ATOM   285  N N   . ALA A 1 42  ? 16.160  -4.174  -5.200  1.00 12.80 ? 65  ALA A N   1 
ATOM   286  C CA  . ALA A 1 42  ? 16.424  -3.941  -3.756  1.00 12.74 ? 65  ALA A CA  1 
ATOM   287  C C   . ALA A 1 42  ? 15.884  -5.183  -2.986  1.00 13.37 ? 65  ALA A C   1 
ATOM   288  O O   . ALA A 1 42  ? 14.878  -5.833  -3.442  1.00 13.90 ? 65  ALA A O   1 
ATOM   289  C CB  . ALA A 1 42  ? 15.647  -2.722  -3.258  1.00 9.60  ? 65  ALA A CB  1 
ATOM   290  N N   . THR A 1 43  A 16.454  -5.538  -1.869  1.00 11.56 ? 65  THR A N   1 
ATOM   291  C CA  . THR A 1 43  A 16.056  -6.683  -1.085  1.00 11.98 ? 65  THR A CA  1 
ATOM   292  C C   . THR A 1 43  A 15.043  -6.400  0.000   1.00 13.37 ? 65  THR A C   1 
ATOM   293  O O   . THR A 1 43  A 15.347  -5.526  0.843   1.00 12.04 ? 65  THR A O   1 
ATOM   294  C CB  . THR A 1 43  A 17.344  -7.184  -0.312  1.00 14.34 ? 65  THR A CB  1 
ATOM   295  O OG1 . THR A 1 43  A 18.242  -7.450  -1.392  1.00 17.24 ? 65  THR A OG1 1 
ATOM   296  C CG2 . THR A 1 43  A 17.119  -8.532  0.412   1.00 16.41 ? 65  THR A CG2 1 
ATOM   297  N N   . ALA A 1 44  ? 13.964  -7.175  0.055   1.00 12.08 ? 66  ALA A N   1 
ATOM   298  C CA  . ALA A 1 44  ? 12.942  -6.926  1.113   1.00 11.90 ? 66  ALA A CA  1 
ATOM   299  C C   . ALA A 1 44  ? 13.120  -7.937  2.244   1.00 12.27 ? 66  ALA A C   1 
ATOM   300  O O   . ALA A 1 44  ? 13.419  -9.081  1.845   1.00 12.98 ? 66  ALA A O   1 
ATOM   301  C CB  . ALA A 1 44  ? 11.601  -7.216  0.424   1.00 12.15 ? 66  ALA A CB  1 
ATOM   302  N N   . ARG A 1 45  ? 12.941  -7.556  3.472   1.00 10.41 ? 67  ARG A N   1 
ATOM   303  C CA  . ARG A 1 45  ? 13.109  -8.500  4.581   1.00 11.61 ? 67  ARG A CA  1 
ATOM   304  C C   . ARG A 1 45  ? 11.900  -8.347  5.491   1.00 11.22 ? 67  ARG A C   1 
ATOM   305  O O   . ARG A 1 45  ? 11.399  -7.228  5.607   1.00 8.85  ? 67  ARG A O   1 
ATOM   306  C CB  . ARG A 1 45  ? 14.332  -8.206  5.488   1.00 11.42 ? 67  ARG A CB  1 
ATOM   307  C CG  . ARG A 1 45  ? 15.658  -8.600  4.788   1.00 11.07 ? 67  ARG A CG  1 
ATOM   308  C CD  . ARG A 1 45  ? 16.789  -8.096  5.642   1.00 13.58 ? 67  ARG A CD  1 
ATOM   309  N NE  . ARG A 1 45  ? 18.091  -8.491  5.126   1.00 14.58 ? 67  ARG A NE  1 
ATOM   310  C CZ  . ARG A 1 45  ? 18.719  -7.870  4.126   1.00 15.37 ? 67  ARG A CZ  1 
ATOM   311  N NH1 . ARG A 1 45  ? 18.429  -6.781  3.456   1.00 13.15 ? 67  ARG A NH1 1 
ATOM   312  N NH2 . ARG A 1 45  ? 19.787  -8.558  3.695   1.00 18.03 ? 67  ARG A NH2 1 
ATOM   313  N N   . ILE A 1 46  ? 11.514  -9.452  6.059   1.00 13.50 ? 80  ILE A N   1 
ATOM   314  C CA  . ILE A 1 46  ? 10.395  -9.492  7.013   1.00 15.70 ? 80  ILE A CA  1 
ATOM   315  C C   . ILE A 1 46  ? 10.928  -10.204 8.265   1.00 18.24 ? 80  ILE A C   1 
ATOM   316  O O   . ILE A 1 46  ? 11.296  -11.355 8.150   1.00 19.26 ? 80  ILE A O   1 
ATOM   317  C CB  . ILE A 1 46  ? 9.040   -10.048 6.508   1.00 13.10 ? 80  ILE A CB  1 
ATOM   318  C CG1 . ILE A 1 46  ? 8.575   -9.074  5.400   1.00 11.08 ? 80  ILE A CG1 1 
ATOM   319  C CG2 . ILE A 1 46  ? 7.937   -10.187 7.603   1.00 13.60 ? 80  ILE A CG2 1 
ATOM   320  C CD1 . ILE A 1 46  ? 7.361   -9.773  4.682   1.00 12.56 ? 80  ILE A CD1 1 
ATOM   321  N N   . GLY A 1 47  ? 10.943  -9.469  9.371   1.00 21.07 ? 81  GLY A N   1 
ATOM   322  C CA  . GLY A 1 47  ? 11.403  -9.940  10.659  1.00 20.88 ? 81  GLY A CA  1 
ATOM   323  C C   . GLY A 1 47  ? 12.846  -10.328 10.498  1.00 23.47 ? 81  GLY A C   1 
ATOM   324  O O   . GLY A 1 47  ? 13.209  -11.412 10.965  1.00 24.75 ? 81  GLY A O   1 
ATOM   325  N N   . GLY A 1 48  ? 13.625  -9.477  9.844   1.00 24.42 ? 82  GLY A N   1 
ATOM   326  C CA  . GLY A 1 48  ? 15.034  -9.795  9.604   1.00 23.91 ? 82  GLY A CA  1 
ATOM   327  C C   . GLY A 1 48  ? 15.369  -10.901 8.619   1.00 23.88 ? 82  GLY A C   1 
ATOM   328  O O   . GLY A 1 48  ? 16.596  -11.092 8.451   1.00 25.75 ? 82  GLY A O   1 
ATOM   329  N N   . ALA A 1 49  ? 14.432  -11.582 7.992   1.00 21.05 ? 83  ALA A N   1 
ATOM   330  C CA  . ALA A 1 49  ? 14.749  -12.610 6.997   1.00 17.87 ? 83  ALA A CA  1 
ATOM   331  C C   . ALA A 1 49  ? 14.410  -12.104 5.580   1.00 16.13 ? 83  ALA A C   1 
ATOM   332  O O   . ALA A 1 49  ? 13.375  -11.445 5.349   1.00 12.94 ? 83  ALA A O   1 
ATOM   333  C CB  . ALA A 1 49  ? 13.889  -13.844 7.236   1.00 18.15 ? 83  ALA A CB  1 
ATOM   334  N N   . VAL A 1 50  ? 15.277  -12.426 4.646   1.00 14.87 ? 84  VAL A N   1 
ATOM   335  C CA  . VAL A 1 50  ? 15.097  -12.070 3.213   1.00 15.46 ? 84  VAL A CA  1 
ATOM   336  C C   . VAL A 1 50  ? 13.864  -12.820 2.668   1.00 14.91 ? 84  VAL A C   1 
ATOM   337  O O   . VAL A 1 50  ? 13.777  -14.028 2.856   1.00 14.91 ? 84  VAL A O   1 
ATOM   338  C CB  . VAL A 1 50  ? 16.339  -12.367 2.350   1.00 14.40 ? 84  VAL A CB  1 
ATOM   339  C CG1 . VAL A 1 50  ? 16.062  -12.141 0.871   1.00 12.71 ? 84  VAL A CG1 1 
ATOM   340  C CG2 . VAL A 1 50  ? 17.509  -11.530 2.833   1.00 12.86 ? 84  VAL A CG2 1 
ATOM   341  N N   . VAL A 1 51  ? 12.946  -12.105 2.044   1.00 13.52 ? 85  VAL A N   1 
ATOM   342  C CA  . VAL A 1 51  ? 11.700  -12.670 1.520   1.00 10.21 ? 85  VAL A CA  1 
ATOM   343  C C   . VAL A 1 51  ? 11.685  -12.499 -0.004  1.00 12.59 ? 85  VAL A C   1 
ATOM   344  O O   . VAL A 1 51  ? 11.014  -13.361 -0.601  1.00 12.43 ? 85  VAL A O   1 
ATOM   345  C CB  . VAL A 1 51  ? 10.428  -12.142 2.188   1.00 8.94  ? 85  VAL A CB  1 
ATOM   346  C CG1 . VAL A 1 51  ? 10.341  -12.411 3.703   1.00 7.89  ? 85  VAL A CG1 1 
ATOM   347  C CG2 . VAL A 1 51  ? 10.104  -10.661 1.960   1.00 7.03  ? 85  VAL A CG2 1 
ATOM   348  N N   . GLY A 1 52  ? 12.368  -11.508 -0.554  1.00 12.80 ? 86  GLY A N   1 
ATOM   349  C CA  . GLY A 1 52  ? 12.322  -11.375 -2.044  1.00 11.29 ? 86  GLY A CA  1 
ATOM   350  C C   . GLY A 1 52  ? 12.973  -10.082 -2.485  1.00 12.09 ? 86  GLY A C   1 
ATOM   351  O O   . GLY A 1 52  ? 13.701  -9.508  -1.646  1.00 12.58 ? 86  GLY A O   1 
ATOM   352  N N   . THR A 1 53  ? 12.759  -9.661  -3.737  1.00 11.54 ? 87  THR A N   1 
ATOM   353  C CA  . THR A 1 53  ? 13.368  -8.420  -4.206  1.00 11.20 ? 87  THR A CA  1 
ATOM   354  C C   . THR A 1 53  ? 12.362  -7.660  -5.081  1.00 11.01 ? 87  THR A C   1 
ATOM   355  O O   . THR A 1 53  ? 11.374  -8.283  -5.589  1.00 8.45  ? 87  THR A O   1 
ATOM   356  C CB  . THR A 1 53  ? 14.659  -8.852  -5.013  1.00 15.20 ? 87  THR A CB  1 
ATOM   357  O OG1 . THR A 1 53  ? 14.165  -9.758  -6.062  1.00 20.11 ? 87  THR A OG1 1 
ATOM   358  C CG2 . THR A 1 53  ? 15.700  -9.633  -4.216  1.00 14.85 ? 87  THR A CG2 1 
ATOM   359  N N   . PHE A 1 54  ? 12.617  -6.350  -5.233  1.00 9.11  ? 88  PHE A N   1 
ATOM   360  C CA  . PHE A 1 54  ? 11.697  -5.526  -6.016  1.00 9.31  ? 88  PHE A CA  1 
ATOM   361  C C   . PHE A 1 54  ? 11.802  -6.075  -7.441  1.00 11.05 ? 88  PHE A C   1 
ATOM   362  O O   . PHE A 1 54  ? 12.999  -6.035  -7.778  1.00 10.72 ? 88  PHE A O   1 
ATOM   363  C CB  . PHE A 1 54  ? 12.037  -4.032  -5.915  1.00 7.62  ? 88  PHE A CB  1 
ATOM   364  C CG  . PHE A 1 54  ? 11.360  -3.438  -4.725  1.00 6.90  ? 88  PHE A CG  1 
ATOM   365  C CD1 . PHE A 1 54  ? 11.754  -3.849  -3.445  1.00 6.89  ? 88  PHE A CD1 1 
ATOM   366  C CD2 . PHE A 1 54  ? 10.314  -2.505  -4.877  1.00 7.90  ? 88  PHE A CD2 1 
ATOM   367  C CE1 . PHE A 1 54  ? 11.118  -3.396  -2.311  1.00 7.24  ? 88  PHE A CE1 1 
ATOM   368  C CE2 . PHE A 1 54  ? 9.672   -1.987  -3.735  1.00 7.41  ? 88  PHE A CE2 1 
ATOM   369  C CZ  . PHE A 1 54  ? 10.078  -2.446  -2.460  1.00 7.86  ? 88  PHE A CZ  1 
ATOM   370  N N   . ALA A 1 55  ? 10.720  -6.483  -8.087  1.00 10.31 ? 89  ALA A N   1 
ATOM   371  C CA  . ALA A 1 55  ? 10.827  -6.966  -9.457  1.00 11.19 ? 89  ALA A CA  1 
ATOM   372  C C   . ALA A 1 55  ? 10.604  -5.855  -10.494 1.00 10.71 ? 89  ALA A C   1 
ATOM   373  O O   . ALA A 1 55  ? 11.168  -5.839  -11.577 1.00 11.16 ? 89  ALA A O   1 
ATOM   374  C CB  . ALA A 1 55  ? 9.769   -8.021  -9.638  1.00 11.00 ? 89  ALA A CB  1 
ATOM   375  N N   . ALA A 1 56  ? 9.804   -4.900  -10.144 1.00 11.42 ? 90  ALA A N   1 
ATOM   376  C CA  . ALA A 1 56  ? 9.526   -3.716  -11.016 1.00 11.63 ? 90  ALA A CA  1 
ATOM   377  C C   . ALA A 1 56  ? 8.994   -2.568  -10.204 1.00 12.23 ? 90  ALA A C   1 
ATOM   378  O O   . ALA A 1 56  ? 8.394   -2.851  -9.123  1.00 12.79 ? 90  ALA A O   1 
ATOM   379  C CB  . ALA A 1 56  ? 8.424   -4.087  -12.033 1.00 10.19 ? 90  ALA A CB  1 
ATOM   380  N N   . ARG A 1 57  ? 9.124   -1.357  -10.692 1.00 11.56 ? 91  ARG A N   1 
ATOM   381  C CA  . ARG A 1 57  ? 8.498   -0.212  -10.010 1.00 13.28 ? 91  ARG A CA  1 
ATOM   382  C C   . ARG A 1 57  ? 8.396   0.983   -10.940 1.00 12.73 ? 91  ARG A C   1 
ATOM   383  O O   . ARG A 1 57  ? 9.164   1.029   -11.904 1.00 12.95 ? 91  ARG A O   1 
ATOM   384  C CB  . ARG A 1 57  ? 9.200   0.213   -8.719  1.00 14.21 ? 91  ARG A CB  1 
ATOM   385  C CG  . ARG A 1 57  ? 10.639  0.547   -9.010  1.00 18.39 ? 91  ARG A CG  1 
ATOM   386  C CD  . ARG A 1 57  ? 10.817  2.018   -9.264  1.00 18.59 ? 91  ARG A CD  1 
ATOM   387  N NE  . ARG A 1 57  ? 11.063  2.674   -7.991  1.00 17.47 ? 91  ARG A NE  1 
ATOM   388  C CZ  . ARG A 1 57  ? 11.860  3.690   -7.732  1.00 16.33 ? 91  ARG A CZ  1 
ATOM   389  N NH1 . ARG A 1 57  ? 11.919  4.250   -6.527  1.00 15.13 ? 91  ARG A NH1 1 
ATOM   390  N NH2 . ARG A 1 57  ? 12.718  4.272   -8.525  1.00 16.97 ? 91  ARG A NH2 1 
ATOM   391  N N   . VAL A 1 58  ? 7.501   1.866   -10.626 1.00 10.37 ? 93  VAL A N   1 
ATOM   392  C CA  . VAL A 1 58  ? 7.354   3.147   -11.334 1.00 11.23 ? 93  VAL A CA  1 
ATOM   393  C C   . VAL A 1 58  ? 7.262   4.242   -10.258 1.00 11.46 ? 93  VAL A C   1 
ATOM   394  O O   . VAL A 1 58  ? 6.261   4.130   -9.497  1.00 13.86 ? 93  VAL A O   1 
ATOM   395  C CB  . VAL A 1 58  ? 6.143   3.321   -12.258 1.00 10.98 ? 93  VAL A CB  1 
ATOM   396  C CG1 . VAL A 1 58  ? 6.331   4.622   -13.064 1.00 9.80  ? 93  VAL A CG1 1 
ATOM   397  C CG2 . VAL A 1 58  ? 6.024   2.114   -13.194 1.00 11.03 ? 93  VAL A CG2 1 
ATOM   398  N N   . PHE A 1 59  ? 8.164   5.179   -10.259 1.00 11.29 ? 94  PHE A N   1 
ATOM   399  C CA  . PHE A 1 59  ? 8.028   6.296   -9.273  1.00 11.83 ? 94  PHE A CA  1 
ATOM   400  C C   . PHE A 1 59  ? 9.053   7.336   -9.716  1.00 12.11 ? 94  PHE A C   1 
ATOM   401  O O   . PHE A 1 59  ? 10.165  6.852   -9.910  1.00 11.78 ? 94  PHE A O   1 
ATOM   402  C CB  . PHE A 1 59  ? 8.293   5.876   -7.806  1.00 10.01 ? 94  PHE A CB  1 
ATOM   403  C CG  . PHE A 1 59  ? 8.331   7.043   -6.869  1.00 10.81 ? 94  PHE A CG  1 
ATOM   404  C CD1 . PHE A 1 59  ? 9.556   7.670   -6.561  1.00 10.30 ? 94  PHE A CD1 1 
ATOM   405  C CD2 . PHE A 1 59  ? 7.145   7.600   -6.387  1.00 10.22 ? 94  PHE A CD2 1 
ATOM   406  C CE1 . PHE A 1 59  ? 9.568   8.797   -5.746  1.00 9.94  ? 94  PHE A CE1 1 
ATOM   407  C CE2 . PHE A 1 59  ? 7.187   8.752   -5.561  1.00 10.68 ? 94  PHE A CE2 1 
ATOM   408  C CZ  . PHE A 1 59  ? 8.390   9.361   -5.237  1.00 7.99  ? 94  PHE A CZ  1 
ATOM   409  N N   . PRO A 1 60  A 8.716   8.590   -9.813  1.00 12.23 ? 99  PRO A N   1 
ATOM   410  C CA  . PRO A 1 60  A 7.411   9.224   -9.633  1.00 12.66 ? 99  PRO A CA  1 
ATOM   411  C C   . PRO A 1 60  A 6.545   9.109   -10.892 1.00 12.15 ? 99  PRO A C   1 
ATOM   412  O O   . PRO A 1 60  A 6.823   8.134   -11.613 1.00 13.10 ? 99  PRO A O   1 
ATOM   413  C CB  . PRO A 1 60  A 7.841   10.636  -9.166  1.00 11.66 ? 99  PRO A CB  1 
ATOM   414  C CG  . PRO A 1 60  A 9.020   10.908  -10.071 1.00 11.30 ? 99  PRO A CG  1 
ATOM   415  C CD  . PRO A 1 60  A 9.753   9.590   -10.180 1.00 12.16 ? 99  PRO A CD  1 
ATOM   416  N N   . GLY A 1 61  ? 5.592   9.953   -11.215 1.00 11.61 ? 100 GLY A N   1 
ATOM   417  C CA  . GLY A 1 61  ? 4.729   9.703   -12.401 1.00 10.80 ? 100 GLY A CA  1 
ATOM   418  C C   . GLY A 1 61  ? 3.549   8.901   -11.796 1.00 10.18 ? 100 GLY A C   1 
ATOM   419  O O   . GLY A 1 61  ? 2.443   9.399   -11.656 1.00 9.27  ? 100 GLY A O   1 
ATOM   420  N N   . ASN A 1 62  ? 3.881   7.659   -11.432 1.00 9.66  ? 101 ASN A N   1 
ATOM   421  C CA  . ASN A 1 62  ? 2.911   6.774   -10.709 1.00 9.46  ? 101 ASN A CA  1 
ATOM   422  C C   . ASN A 1 62  ? 3.629   6.475   -9.366  1.00 8.71  ? 101 ASN A C   1 
ATOM   423  O O   . ASN A 1 62  ? 4.718   7.078   -9.173  1.00 9.84  ? 101 ASN A O   1 
ATOM   424  C CB  . ASN A 1 62  ? 2.672   5.432   -11.429 1.00 6.64  ? 101 ASN A CB  1 
ATOM   425  C CG  . ASN A 1 62  ? 2.133   5.687   -12.835 1.00 8.16  ? 101 ASN A CG  1 
ATOM   426  O OD1 . ASN A 1 62  ? 1.098   6.358   -13.097 1.00 11.23 ? 101 ASN A OD1 1 
ATOM   427  N ND2 . ASN A 1 62  ? 2.827   5.225   -13.821 1.00 5.95  ? 101 ASN A ND2 1 
ATOM   428  N N   . ASP A 1 63  ? 3.095   5.559   -8.569  1.00 7.77  ? 102 ASP A N   1 
ATOM   429  C CA  . ASP A 1 63  ? 3.818   5.179   -7.339  1.00 6.81  ? 102 ASP A CA  1 
ATOM   430  C C   . ASP A 1 63  ? 3.462   3.710   -7.103  1.00 7.26  ? 102 ASP A C   1 
ATOM   431  O O   . ASP A 1 63  ? 2.611   3.415   -6.234  1.00 7.38  ? 102 ASP A O   1 
ATOM   432  C CB  . ASP A 1 63  ? 3.406   6.078   -6.153  1.00 6.38  ? 102 ASP A CB  1 
ATOM   433  C CG  . ASP A 1 63  ? 4.371   5.896   -4.986  1.00 6.71  ? 102 ASP A CG  1 
ATOM   434  O OD1 . ASP A 1 63  ? 4.244   6.618   -3.965  1.00 7.81  ? 102 ASP A OD1 1 
ATOM   435  O OD2 . ASP A 1 63  ? 5.286   5.015   -5.077  1.00 7.89  ? 102 ASP A OD2 1 
ATOM   436  N N   . ARG A 1 64  ? 4.072   2.787   -7.817  1.00 8.76  ? 103 ARG A N   1 
ATOM   437  C CA  . ARG A 1 64  ? 3.715   1.364   -7.690  1.00 7.71  ? 103 ARG A CA  1 
ATOM   438  C C   . ARG A 1 64  ? 4.896   0.452   -7.801  1.00 9.11  ? 103 ARG A C   1 
ATOM   439  O O   . ARG A 1 64  ? 5.905   0.827   -8.426  1.00 10.90 ? 103 ARG A O   1 
ATOM   440  C CB  . ARG A 1 64  ? 2.704   1.038   -8.831  1.00 7.44  ? 103 ARG A CB  1 
ATOM   441  C CG  . ARG A 1 64  ? 3.249   1.234   -10.291 1.00 8.19  ? 103 ARG A CG  1 
ATOM   442  C CD  . ARG A 1 64  ? 2.218   1.177   -11.374 1.00 8.60  ? 103 ARG A CD  1 
ATOM   443  N NE  . ARG A 1 64  ? 1.169   2.220   -11.253 1.00 8.09  ? 103 ARG A NE  1 
ATOM   444  C CZ  . ARG A 1 64  ? 0.303   2.587   -12.186 1.00 7.41  ? 103 ARG A CZ  1 
ATOM   445  N NH1 . ARG A 1 64  ? 0.332   1.973   -13.361 1.00 6.32  ? 103 ARG A NH1 1 
ATOM   446  N NH2 . ARG A 1 64  ? -0.652  3.459   -11.996 1.00 6.06  ? 103 ARG A NH2 1 
ATOM   447  N N   . ALA A 1 65  ? 4.739   -0.734  -7.240  1.00 8.07  ? 104 ALA A N   1 
ATOM   448  C CA  . ALA A 1 65  ? 5.800   -1.761  -7.345  1.00 7.48  ? 104 ALA A CA  1 
ATOM   449  C C   . ALA A 1 65  ? 5.268   -3.149  -7.010  1.00 6.16  ? 104 ALA A C   1 
ATOM   450  O O   . ALA A 1 65  ? 4.183   -3.226  -6.380  1.00 8.94  ? 104 ALA A O   1 
ATOM   451  C CB  . ALA A 1 65  ? 6.948   -1.391  -6.412  1.00 2.30  ? 104 ALA A CB  1 
ATOM   452  N N   . TRP A 1 66  ? 6.042   -4.167  -7.311  1.00 6.30  ? 105 TRP A N   1 
ATOM   453  C CA  . TRP A 1 66  ? 5.685   -5.542  -6.871  1.00 6.89  ? 105 TRP A CA  1 
ATOM   454  C C   . TRP A 1 66  ? 7.011   -6.153  -6.491  1.00 7.44  ? 105 TRP A C   1 
ATOM   455  O O   . TRP A 1 66  ? 8.067   -5.853  -7.124  1.00 6.74  ? 105 TRP A O   1 
ATOM   456  C CB  . TRP A 1 66  ? 4.793   -6.332  -7.798  1.00 7.61  ? 105 TRP A CB  1 
ATOM   457  C CG  . TRP A 1 66  ? 5.410   -7.025  -8.961  1.00 8.04  ? 105 TRP A CG  1 
ATOM   458  C CD1 . TRP A 1 66  ? 5.713   -6.479  -10.186 1.00 8.21  ? 105 TRP A CD1 1 
ATOM   459  C CD2 . TRP A 1 66  ? 5.739   -8.408  -9.089  1.00 9.05  ? 105 TRP A CD2 1 
ATOM   460  N NE1 . TRP A 1 66  ? 6.236   -7.393  -11.027 1.00 7.79  ? 105 TRP A NE1 1 
ATOM   461  C CE2 . TRP A 1 66  ? 6.257   -8.593  -10.406 1.00 8.99  ? 105 TRP A CE2 1 
ATOM   462  C CE3 . TRP A 1 66  ? 5.639   -9.493  -8.222  1.00 8.92  ? 105 TRP A CE3 1 
ATOM   463  C CZ2 . TRP A 1 66  ? 6.732   -9.823  -10.863 1.00 9.98  ? 105 TRP A CZ2 1 
ATOM   464  C CZ3 . TRP A 1 66  ? 6.114   -10.702 -8.689  1.00 9.85  ? 105 TRP A CZ3 1 
ATOM   465  C CH2 . TRP A 1 66  ? 6.614   -10.877 -9.960  1.00 9.40  ? 105 TRP A CH2 1 
ATOM   466  N N   . VAL A 1 67  ? 7.007   -6.991  -5.468  1.00 8.78  ? 106 VAL A N   1 
ATOM   467  C CA  . VAL A 1 67  ? 8.240   -7.672  -4.969  1.00 9.63  ? 106 VAL A CA  1 
ATOM   468  C C   . VAL A 1 67  ? 8.080   -9.167  -5.245  1.00 10.93 ? 106 VAL A C   1 
ATOM   469  O O   . VAL A 1 67  ? 6.968   -9.632  -4.812  1.00 10.21 ? 106 VAL A O   1 
ATOM   470  C CB  . VAL A 1 67  ? 8.271   -7.483  -3.424  1.00 9.78  ? 106 VAL A CB  1 
ATOM   471  C CG1 . VAL A 1 67  ? 9.345   -8.196  -2.661  1.00 8.11  ? 106 VAL A CG1 1 
ATOM   472  C CG2 . VAL A 1 67  ? 8.441   -6.004  -3.093  1.00 10.41 ? 106 VAL A CG2 1 
ATOM   473  N N   . SER A 1 68  ? 9.023   -9.804  -5.928  1.00 9.12  ? 107 SER A N   1 
ATOM   474  C CA  . SER A 1 68  ? 8.719   -11.234 -6.166  1.00 10.88 ? 107 SER A CA  1 
ATOM   475  C C   . SER A 1 68  ? 9.314   -11.949 -4.944  1.00 12.55 ? 107 SER A C   1 
ATOM   476  O O   . SER A 1 68  ? 10.430  -11.512 -4.546  1.00 13.74 ? 107 SER A O   1 
ATOM   477  C CB  . SER A 1 68  ? 9.212   -11.780 -7.518  1.00 12.24 ? 107 SER A CB  1 
ATOM   478  O OG  . SER A 1 68  ? 10.491  -11.197 -7.483  1.00 14.61 ? 107 SER A OG  1 
ATOM   479  N N   . LEU A 1 69  ? 8.580   -12.926 -4.440  1.00 11.75 ? 108 LEU A N   1 
ATOM   480  C CA  . LEU A 1 69  ? 9.056   -13.612 -3.240  1.00 13.69 ? 108 LEU A CA  1 
ATOM   481  C C   . LEU A 1 69  ? 9.616   -14.999 -3.528  1.00 14.75 ? 108 LEU A C   1 
ATOM   482  O O   . LEU A 1 69  ? 9.319   -15.576 -4.605  1.00 14.56 ? 108 LEU A O   1 
ATOM   483  C CB  . LEU A 1 69  ? 7.795   -13.771 -2.328  1.00 12.01 ? 108 LEU A CB  1 
ATOM   484  C CG  . LEU A 1 69  ? 7.137   -12.420 -1.992  1.00 14.20 ? 108 LEU A CG  1 
ATOM   485  C CD1 . LEU A 1 69  ? 5.676   -12.661 -1.611  1.00 11.73 ? 108 LEU A CD1 1 
ATOM   486  C CD2 . LEU A 1 69  ? 7.832   -11.703 -0.811  1.00 12.26 ? 108 LEU A CD2 1 
ATOM   487  N N   . THR A 1 70  ? 10.327  -15.470 -2.531  1.00 15.39 ? 109 THR A N   1 
ATOM   488  C CA  . THR A 1 70  ? 10.829  -16.881 -2.667  1.00 18.33 ? 109 THR A CA  1 
ATOM   489  C C   . THR A 1 70  ? 9.618   -17.796 -2.433  1.00 19.28 ? 109 THR A C   1 
ATOM   490  O O   . THR A 1 70  ? 8.538   -17.460 -1.896  1.00 17.68 ? 109 THR A O   1 
ATOM   491  C CB  . THR A 1 70  ? 12.044  -17.134 -1.696  1.00 17.39 ? 109 THR A CB  1 
ATOM   492  O OG1 . THR A 1 70  ? 11.461  -16.980 -0.387  1.00 17.17 ? 109 THR A OG1 1 
ATOM   493  C CG2 . THR A 1 70  ? 13.113  -16.057 -2.001  1.00 17.73 ? 109 THR A CG2 1 
ATOM   494  N N   . SER A 1 71  ? 9.759   -19.022 -2.864  1.00 21.20 ? 110 SER A N   1 
ATOM   495  C CA  . SER A 1 71  ? 8.786   -20.093 -2.794  1.00 22.89 ? 110 SER A CA  1 
ATOM   496  C C   . SER A 1 71  ? 8.413   -20.360 -1.341  1.00 21.89 ? 110 SER A C   1 
ATOM   497  O O   . SER A 1 71  ? 7.319   -20.901 -1.228  1.00 24.46 ? 110 SER A O   1 
ATOM   498  C CB  . SER A 1 71  ? 9.596   -21.436 -2.982  1.00 26.11 ? 110 SER A CB  1 
ATOM   499  O OG  . SER A 1 71  ? 9.604   -21.562 -4.385  1.00 32.13 ? 110 SER A OG  1 
ATOM   500  N N   . ALA A 1 72  ? 9.276   -20.081 -0.414  1.00 19.87 ? 111 ALA A N   1 
ATOM   501  C CA  . ALA A 1 72  ? 8.960   -20.438 0.976   1.00 19.79 ? 111 ALA A CA  1 
ATOM   502  C C   . ALA A 1 72  ? 7.940   -19.543 1.666   1.00 19.58 ? 111 ALA A C   1 
ATOM   503  O O   . ALA A 1 72  ? 7.543   -19.941 2.744   1.00 20.31 ? 111 ALA A O   1 
ATOM   504  C CB  . ALA A 1 72  ? 10.217  -20.435 1.801   1.00 17.76 ? 111 ALA A CB  1 
ATOM   505  N N   . GLN A 1 73  ? 7.612   -18.413 1.060   1.00 18.51 ? 112 GLN A N   1 
ATOM   506  C CA  . GLN A 1 73  ? 6.655   -17.437 1.605   1.00 14.63 ? 112 GLN A CA  1 
ATOM   507  C C   . GLN A 1 73  ? 5.256   -18.013 1.456   1.00 13.13 ? 112 GLN A C   1 
ATOM   508  O O   . GLN A 1 73  ? 4.957   -18.821 0.540   1.00 12.08 ? 112 GLN A O   1 
ATOM   509  C CB  . GLN A 1 73  ? 6.815   -16.053 0.931   1.00 14.51 ? 112 GLN A CB  1 
ATOM   510  C CG  . GLN A 1 73  ? 8.286   -15.546 0.813   1.00 11.72 ? 112 GLN A CG  1 
ATOM   511  C CD  . GLN A 1 73  ? 8.930   -15.653 2.156   1.00 14.07 ? 112 GLN A CD  1 
ATOM   512  O OE1 . GLN A 1 73  ? 8.582   -15.469 3.322   1.00 14.46 ? 112 GLN A OE1 1 
ATOM   513  N NE2 . GLN A 1 73  ? 10.163  -16.128 2.026   1.00 13.62 ? 112 GLN A NE2 1 
ATOM   514  N N   . THR A 1 74  ? 4.442   -17.585 2.393   1.00 12.11 ? 113 THR A N   1 
ATOM   515  C CA  . THR A 1 74  ? 3.009   -18.031 2.426   1.00 11.16 ? 113 THR A CA  1 
ATOM   516  C C   . THR A 1 74  ? 2.124   -16.819 2.125   1.00 9.88  ? 113 THR A C   1 
ATOM   517  O O   . THR A 1 74  ? 2.141   -15.917 2.988   1.00 8.76  ? 113 THR A O   1 
ATOM   518  C CB  . THR A 1 74  ? 2.570   -18.521 3.857   1.00 11.75 ? 113 THR A CB  1 
ATOM   519  O OG1 . THR A 1 74  ? 3.537   -19.604 4.053   1.00 15.15 ? 113 THR A OG1 1 
ATOM   520  C CG2 . THR A 1 74  ? 1.170   -19.076 3.931   1.00 11.01 ? 113 THR A CG2 1 
ATOM   521  N N   . LEU A 1 75  ? 1.443   -16.849 0.996   1.00 9.27  ? 114 LEU A N   1 
ATOM   522  C CA  . LEU A 1 75  ? 0.570   -15.724 0.610   1.00 8.09  ? 114 LEU A CA  1 
ATOM   523  C C   . LEU A 1 75  ? -0.787  -15.851 1.275   1.00 7.44  ? 114 LEU A C   1 
ATOM   524  O O   . LEU A 1 75  ? -1.275  -16.992 1.172   1.00 9.94  ? 114 LEU A O   1 
ATOM   525  C CB  . LEU A 1 75  ? 0.333   -15.770 -0.919  1.00 7.31  ? 114 LEU A CB  1 
ATOM   526  C CG  . LEU A 1 75  ? 1.572   -15.560 -1.776  1.00 9.91  ? 114 LEU A CG  1 
ATOM   527  C CD1 . LEU A 1 75  ? 1.067   -15.440 -3.225  1.00 9.63  ? 114 LEU A CD1 1 
ATOM   528  C CD2 . LEU A 1 75  ? 2.377   -14.355 -1.400  1.00 8.45  ? 114 LEU A CD2 1 
ATOM   529  N N   . LEU A 1 76  ? -1.354  -14.843 1.834   1.00 7.60  ? 115 LEU A N   1 
ATOM   530  C CA  . LEU A 1 76  ? -2.696  -14.980 2.435   1.00 7.90  ? 115 LEU A CA  1 
ATOM   531  C C   . LEU A 1 76  ? -3.552  -13.847 1.880   1.00 6.24  ? 115 LEU A C   1 
ATOM   532  O O   . LEU A 1 76  ? -3.052  -12.759 1.638   1.00 8.62  ? 115 LEU A O   1 
ATOM   533  C CB  . LEU A 1 76  ? -2.430  -14.936 3.965   1.00 7.25  ? 115 LEU A CB  1 
ATOM   534  C CG  . LEU A 1 76  ? -1.570  -16.073 4.504   1.00 9.40  ? 115 LEU A CG  1 
ATOM   535  C CD1 . LEU A 1 76  ? -1.145  -15.837 5.970   1.00 8.53  ? 115 LEU A CD1 1 
ATOM   536  C CD2 . LEU A 1 76  ? -2.444  -17.318 4.481   1.00 8.68  ? 115 LEU A CD2 1 
ATOM   537  N N   . PRO A 1 77  ? -4.824  -14.101 1.702   1.00 7.48  ? 116 PRO A N   1 
ATOM   538  C CA  . PRO A 1 77  ? -5.793  -13.150 1.218   1.00 7.30  ? 116 PRO A CA  1 
ATOM   539  C C   . PRO A 1 77  ? -6.277  -12.292 2.410   1.00 7.97  ? 116 PRO A C   1 
ATOM   540  O O   . PRO A 1 77  ? -7.522  -12.195 2.544   1.00 10.31 ? 116 PRO A O   1 
ATOM   541  C CB  . PRO A 1 77  ? -6.930  -14.015 0.680   1.00 6.09  ? 116 PRO A CB  1 
ATOM   542  C CG  . PRO A 1 77  ? -6.913  -15.236 1.638   1.00 7.86  ? 116 PRO A CG  1 
ATOM   543  C CD  . PRO A 1 77  ? -5.473  -15.409 2.053   1.00 7.58  ? 116 PRO A CD  1 
ATOM   544  N N   . ARG A 1 78  ? -5.402  -11.716 3.166   1.00 7.01  ? 117 ARG A N   1 
ATOM   545  C CA  . ARG A 1 78  ? -5.822  -10.961 4.364   1.00 7.38  ? 117 ARG A CA  1 
ATOM   546  C C   . ARG A 1 78  ? -5.051  -9.671  4.556   1.00 7.59  ? 117 ARG A C   1 
ATOM   547  O O   . ARG A 1 78  ? -3.928  -9.544  4.079   1.00 7.98  ? 117 ARG A O   1 
ATOM   548  C CB  . ARG A 1 78  ? -5.535  -11.825 5.628   1.00 8.76  ? 117 ARG A CB  1 
ATOM   549  C CG  . ARG A 1 78  ? -6.307  -13.135 5.523   1.00 10.70 ? 117 ARG A CG  1 
ATOM   550  C CD  . ARG A 1 78  ? -6.221  -13.930 6.813   1.00 13.02 ? 117 ARG A CD  1 
ATOM   551  N NE  . ARG A 1 78  ? -6.071  -15.397 6.574   1.00 14.36 ? 117 ARG A NE  1 
ATOM   552  C CZ  . ARG A 1 78  ? -7.066  -16.119 6.033   1.00 14.23 ? 117 ARG A CZ  1 
ATOM   553  N NH1 . ARG A 1 78  ? -8.231  -15.528 5.739   1.00 14.32 ? 117 ARG A NH1 1 
ATOM   554  N NH2 . ARG A 1 78  ? -6.906  -17.398 5.746   1.00 14.62 ? 117 ARG A NH2 1 
ATOM   555  N N   . VAL A 1 79  ? -5.676  -8.748  5.260   1.00 6.75  ? 118 VAL A N   1 
ATOM   556  C CA  . VAL A 1 79  ? -5.143  -7.427  5.627   1.00 6.83  ? 118 VAL A CA  1 
ATOM   557  C C   . VAL A 1 79  ? -5.266  -7.342  7.175   1.00 7.86  ? 118 VAL A C   1 
ATOM   558  O O   . VAL A 1 79  ? -6.339  -7.609  7.680   1.00 9.20  ? 118 VAL A O   1 
ATOM   559  C CB  . VAL A 1 79  ? -5.858  -6.286  4.902   1.00 4.02  ? 118 VAL A CB  1 
ATOM   560  C CG1 . VAL A 1 79  ? -5.495  -4.934  5.446   1.00 4.76  ? 118 VAL A CG1 1 
ATOM   561  C CG2 . VAL A 1 79  ? -5.645  -6.400  3.394   1.00 3.21  ? 118 VAL A CG2 1 
ATOM   562  N N   . ALA A 1 80  ? -4.178  -6.937  7.804   1.00 9.54  ? 119 ALA A N   1 
ATOM   563  C CA  . ALA A 1 80  ? -4.139  -6.822  9.274   1.00 10.25 ? 119 ALA A CA  1 
ATOM   564  C C   . ALA A 1 80  ? -5.071  -5.709  9.726   1.00 9.98  ? 119 ALA A C   1 
ATOM   565  O O   . ALA A 1 80  ? -5.100  -4.586  9.167   1.00 10.88 ? 119 ALA A O   1 
ATOM   566  C CB  . ALA A 1 80  ? -2.673  -6.592  9.727   1.00 6.61  ? 119 ALA A CB  1 
ATOM   567  N N   . ASN A 1 81  ? -5.774  -5.970  10.809  1.00 9.09  ? 120 ASN A N   1 
ATOM   568  C CA  . ASN A 1 81  ? -6.666  -5.073  11.525  1.00 8.74  ? 120 ASN A CA  1 
ATOM   569  C C   . ASN A 1 81  ? -6.404  -5.409  13.024  1.00 9.45  ? 120 ASN A C   1 
ATOM   570  O O   . ASN A 1 81  ? -7.161  -6.208  13.632  1.00 6.74  ? 120 ASN A O   1 
ATOM   571  C CB  . ASN A 1 81  ? -8.124  -5.175  11.091  1.00 9.49  ? 120 ASN A CB  1 
ATOM   572  C CG  . ASN A 1 81  ? -9.010  -4.445  12.088  1.00 10.87 ? 120 ASN A CG  1 
ATOM   573  O OD1 . ASN A 1 81  ? -8.555  -3.626  12.899  1.00 12.25 ? 120 ASN A OD1 1 
ATOM   574  N ND2 . ASN A 1 81  ? -10.323 -4.675  12.096  1.00 12.79 ? 120 ASN A ND2 1 
ATOM   575  N N   . GLY A 1 82  B -5.362  -4.811  13.567  1.00 7.96  ? 120 GLY A N   1 
ATOM   576  C CA  . GLY A 1 82  B -5.061  -5.115  15.003  1.00 10.18 ? 120 GLY A CA  1 
ATOM   577  C C   . GLY A 1 82  B -4.657  -6.603  14.974  1.00 13.48 ? 120 GLY A C   1 
ATOM   578  O O   . GLY A 1 82  B -3.847  -7.010  14.097  1.00 13.95 ? 120 GLY A O   1 
ATOM   579  N N   . SER A 1 83  C -5.221  -7.387  15.851  1.00 12.84 ? 120 SER A N   1 
ATOM   580  C CA  . SER A 1 83  C -4.908  -8.815  15.938  1.00 15.96 ? 120 SER A CA  1 
ATOM   581  C C   . SER A 1 83  C -5.852  -9.568  15.050  1.00 16.86 ? 120 SER A C   1 
ATOM   582  O O   . SER A 1 83  C -5.834  -10.803 15.093  1.00 20.76 ? 120 SER A O   1 
ATOM   583  C CB  . SER A 1 83  C -5.391  -9.290  17.362  1.00 17.81 ? 120 SER A CB  1 
ATOM   584  O OG  . SER A 1 83  C -4.279  -8.802  18.125  1.00 23.79 ? 120 SER A OG  1 
ATOM   585  N N   . SER A 1 84  D -6.727  -8.870  14.370  1.00 16.18 ? 120 SER A N   1 
ATOM   586  C CA  . SER A 1 84  D -7.753  -9.551  13.547  1.00 14.91 ? 120 SER A CA  1 
ATOM   587  C C   . SER A 1 84  D -7.429  -9.393  12.091  1.00 12.55 ? 120 SER A C   1 
ATOM   588  O O   . SER A 1 84  D -6.313  -8.882  11.859  1.00 9.81  ? 120 SER A O   1 
ATOM   589  C CB  . SER A 1 84  D -9.013  -8.855  14.086  1.00 19.04 ? 120 SER A CB  1 
ATOM   590  O OG  . SER A 1 84  D -10.023 -9.728  13.654  1.00 26.49 ? 120 SER A OG  1 
ATOM   591  N N   . PHE A 1 85  ? -8.335  -9.757  11.209  1.00 12.32 ? 121 PHE A N   1 
ATOM   592  C CA  . PHE A 1 85  ? -7.990  -9.667  9.749   1.00 14.36 ? 121 PHE A CA  1 
ATOM   593  C C   . PHE A 1 85  ? -9.181  -9.359  8.859   1.00 14.59 ? 121 PHE A C   1 
ATOM   594  O O   . PHE A 1 85  ? -10.267 -9.749  9.300   1.00 16.09 ? 121 PHE A O   1 
ATOM   595  C CB  . PHE A 1 85  ? -7.486  -11.036 9.264   1.00 13.53 ? 121 PHE A CB  1 
ATOM   596  C CG  . PHE A 1 85  ? -6.327  -11.582 10.054  1.00 12.55 ? 121 PHE A CG  1 
ATOM   597  C CD1 . PHE A 1 85  ? -5.024  -11.179 9.774   1.00 9.29  ? 121 PHE A CD1 1 
ATOM   598  C CD2 . PHE A 1 85  ? -6.583  -12.532 11.070  1.00 13.43 ? 121 PHE A CD2 1 
ATOM   599  C CE1 . PHE A 1 85  ? -3.982  -11.695 10.485  1.00 10.04 ? 121 PHE A CE1 1 
ATOM   600  C CE2 . PHE A 1 85  ? -5.499  -13.038 11.828  1.00 11.24 ? 121 PHE A CE2 1 
ATOM   601  C CZ  . PHE A 1 85  ? -4.220  -12.611 11.522  1.00 10.14 ? 121 PHE A CZ  1 
ATOM   602  N N   . VAL A 1 86  ? -8.961  -8.704  7.739   1.00 12.71 ? 122 VAL A N   1 
ATOM   603  C CA  . VAL A 1 86  ? -10.041 -8.395  6.791   1.00 9.80  ? 122 VAL A CA  1 
ATOM   604  C C   . VAL A 1 86  ? -9.667  -9.314  5.609   1.00 11.15 ? 122 VAL A C   1 
ATOM   605  O O   . VAL A 1 86  ? -8.493  -9.330  5.126   1.00 9.49  ? 122 VAL A O   1 
ATOM   606  C CB  . VAL A 1 86  ? -10.056 -6.913  6.374   1.00 10.66 ? 122 VAL A CB  1 
ATOM   607  C CG1 . VAL A 1 86  ? -11.164 -6.558  5.371   1.00 9.73  ? 122 VAL A CG1 1 
ATOM   608  C CG2 . VAL A 1 86  ? -10.132 -5.838  7.441   1.00 9.28  ? 122 VAL A CG2 1 
ATOM   609  N N   . THR A 1 87  ? -10.656 -10.044 5.130   1.00 9.65  ? 123 THR A N   1 
ATOM   610  C CA  . THR A 1 87  ? -10.501 -10.955 3.996   1.00 11.00 ? 123 THR A CA  1 
ATOM   611  C C   . THR A 1 87  ? -10.526 -10.258 2.647   1.00 9.75  ? 123 THR A C   1 
ATOM   612  O O   . THR A 1 87  ? -11.465 -9.499  2.489   1.00 9.98  ? 123 THR A O   1 
ATOM   613  C CB  . THR A 1 87  ? -11.531 -12.157 3.982   1.00 11.88 ? 123 THR A CB  1 
ATOM   614  O OG1 . THR A 1 87  ? -11.407 -12.798 5.316   1.00 13.47 ? 123 THR A OG1 1 
ATOM   615  C CG2 . THR A 1 87  ? -11.194 -13.189 2.873   1.00 9.38  ? 123 THR A CG2 1 
ATOM   616  N N   . VAL A 1 88  ? -9.549  -10.503 1.787   1.00 9.22  ? 124 VAL A N   1 
ATOM   617  C CA  . VAL A 1 88  ? -9.566  -9.841  0.460   1.00 8.65  ? 124 VAL A CA  1 
ATOM   618  C C   . VAL A 1 88  ? -10.518 -10.634 -0.464  1.00 9.69  ? 124 VAL A C   1 
ATOM   619  O O   . VAL A 1 88  ? -10.205 -11.805 -0.598  1.00 8.39  ? 124 VAL A O   1 
ATOM   620  C CB  . VAL A 1 88  ? -8.145  -9.732  -0.104  1.00 8.91  ? 124 VAL A CB  1 
ATOM   621  C CG1 . VAL A 1 88  ? -8.139  -9.081  -1.514  1.00 4.94  ? 124 VAL A CG1 1 
ATOM   622  C CG2 . VAL A 1 88  ? -7.311  -9.009  0.984   1.00 6.85  ? 124 VAL A CG2 1 
ATOM   623  N N   . ARG A 1 89  ? -11.572 -10.011 -0.977  1.00 11.07 ? 125 ARG A N   1 
ATOM   624  C CA  . ARG A 1 89  ? -12.524 -10.677 -1.849  1.00 13.06 ? 125 ARG A CA  1 
ATOM   625  C C   . ARG A 1 89  ? -12.425 -10.214 -3.274  1.00 13.98 ? 125 ARG A C   1 
ATOM   626  O O   . ARG A 1 89  ? -12.975 -10.966 -4.065  1.00 16.97 ? 125 ARG A O   1 
ATOM   627  C CB  . ARG A 1 89  ? -13.983 -10.458 -1.459  1.00 14.63 ? 125 ARG A CB  1 
ATOM   628  C CG  . ARG A 1 89  ? -14.320 -11.123 -0.099  1.00 15.99 ? 125 ARG A CG  1 
ATOM   629  C CD  . ARG A 1 89  ? -14.768 -12.524 -0.315  1.00 18.00 ? 125 ARG A CD  1 
ATOM   630  N NE  . ARG A 1 89  ? -14.707 -13.417 0.816   1.00 18.76 ? 125 ARG A NE  1 
ATOM   631  C CZ  . ARG A 1 89  ? -15.472 -13.354 1.896   1.00 17.91 ? 125 ARG A CZ  1 
ATOM   632  N NH1 . ARG A 1 89  ? -16.242 -12.289 1.996   1.00 16.50 ? 125 ARG A NH1 1 
ATOM   633  N NH2 . ARG A 1 89  ? -15.436 -14.402 2.722   1.00 17.35 ? 125 ARG A NH2 1 
ATOM   634  N N   . GLY A 1 90  ? -11.797 -9.126  -3.621  1.00 12.20 ? 126 GLY A N   1 
ATOM   635  C CA  . GLY A 1 90  ? -11.659 -8.661  -5.000  1.00 12.58 ? 126 GLY A CA  1 
ATOM   636  C C   . GLY A 1 90  ? -11.153 -7.217  -5.076  1.00 11.63 ? 126 GLY A C   1 
ATOM   637  O O   . GLY A 1 90  ? -10.697 -6.686  -4.041  1.00 11.27 ? 126 GLY A O   1 
ATOM   638  N N   . SER A 1 91  ? -11.298 -6.637  -6.252  1.00 11.04 ? 127 SER A N   1 
ATOM   639  C CA  . SER A 1 91  ? -10.827 -5.261  -6.448  1.00 9.78  ? 127 SER A CA  1 
ATOM   640  C C   . SER A 1 91  ? -11.816 -4.337  -7.094  1.00 10.39 ? 127 SER A C   1 
ATOM   641  O O   . SER A 1 91  ? -11.403 -3.487  -7.904  1.00 9.29  ? 127 SER A O   1 
ATOM   642  C CB  . SER A 1 91  ? -9.420  -5.228  -7.001  1.00 9.66  ? 127 SER A CB  1 
ATOM   643  O OG  . SER A 1 91  ? -9.522  -6.015  -8.191  1.00 13.87 ? 127 SER A OG  1 
ATOM   644  N N   . THR A 1 92  ? -13.088 -4.407  -6.701  1.00 10.79 ? 128 THR A N   1 
ATOM   645  C CA  . THR A 1 92  ? -14.075 -3.462  -7.227  1.00 11.35 ? 128 THR A CA  1 
ATOM   646  C C   . THR A 1 92  ? -13.679 -2.061  -6.700  1.00 11.36 ? 128 THR A C   1 
ATOM   647  O O   . THR A 1 92  ? -13.515 -1.899  -5.489  1.00 10.36 ? 128 THR A O   1 
ATOM   648  C CB  . THR A 1 92  ? -15.541 -3.679  -6.719  1.00 12.36 ? 128 THR A CB  1 
ATOM   649  O OG1 . THR A 1 92  ? -15.788 -5.033  -7.219  1.00 15.55 ? 128 THR A OG1 1 
ATOM   650  C CG2 . THR A 1 92  ? -16.521 -2.683  -7.336  1.00 12.91 ? 128 THR A CG2 1 
ATOM   651  N N   . GLU A 1 93  ? -13.569 -1.118  -7.602  1.00 9.92  ? 129 GLU A N   1 
ATOM   652  C CA  . GLU A 1 93  ? -13.204 0.237   -7.137  1.00 11.59 ? 129 GLU A CA  1 
ATOM   653  C C   . GLU A 1 93  ? -14.400 0.924   -6.540  1.00 11.41 ? 129 GLU A C   1 
ATOM   654  O O   . GLU A 1 93  ? -15.470 0.926   -7.234  1.00 13.36 ? 129 GLU A O   1 
ATOM   655  C CB  . GLU A 1 93  ? -12.597 0.983   -8.347  1.00 11.07 ? 129 GLU A CB  1 
ATOM   656  C CG  . GLU A 1 93  ? -11.981 2.317   -7.939  1.00 16.97 ? 129 GLU A CG  1 
ATOM   657  C CD  . GLU A 1 93  ? -11.162 2.983   -9.079  1.00 19.47 ? 129 GLU A CD  1 
ATOM   658  O OE1 . GLU A 1 93  ? -10.558 2.265   -9.898  1.00 20.11 ? 129 GLU A OE1 1 
ATOM   659  O OE2 . GLU A 1 93  ? -11.298 4.247   -8.976  1.00 18.78 ? 129 GLU A OE2 1 
ATOM   660  N N   . ALA A 1 94  ? -14.311 1.518   -5.369  1.00 9.15  ? 130 ALA A N   1 
ATOM   661  C CA  . ALA A 1 94  ? -15.388 2.229   -4.725  1.00 9.01  ? 130 ALA A CA  1 
ATOM   662  C C   . ALA A 1 94  ? -15.379 3.643   -5.291  1.00 11.04 ? 130 ALA A C   1 
ATOM   663  O O   . ALA A 1 94  ? -14.351 4.163   -5.819  1.00 11.82 ? 130 ALA A O   1 
ATOM   664  C CB  . ALA A 1 94  ? -15.141 2.152   -3.224  1.00 8.50  ? 130 ALA A CB  1 
ATOM   665  N N   . ALA A 1 95  ? -16.510 4.321   -5.178  1.00 10.64 ? 131 ALA A N   1 
ATOM   666  C CA  . ALA A 1 95  ? -16.711 5.691   -5.650  1.00 10.84 ? 131 ALA A CA  1 
ATOM   667  C C   . ALA A 1 95  ? -16.455 6.761   -4.619  1.00 11.77 ? 131 ALA A C   1 
ATOM   668  O O   . ALA A 1 95  ? -16.249 6.448   -3.435  1.00 13.37 ? 131 ALA A O   1 
ATOM   669  C CB  . ALA A 1 95  ? -18.217 5.708   -6.034  1.00 12.27 ? 131 ALA A CB  1 
ATOM   670  N N   . VAL A 1 96  ? -16.486 8.013   -4.992  1.00 12.42 ? 132 VAL A N   1 
ATOM   671  C CA  . VAL A 1 96  ? -16.242 9.117   -4.000  1.00 13.14 ? 132 VAL A CA  1 
ATOM   672  C C   . VAL A 1 96  ? -17.360 8.995   -2.968  1.00 12.65 ? 132 VAL A C   1 
ATOM   673  O O   . VAL A 1 96  ? -18.495 8.690   -3.351  1.00 15.06 ? 132 VAL A O   1 
ATOM   674  C CB  . VAL A 1 96  ? -16.024 10.476  -4.690  1.00 13.61 ? 132 VAL A CB  1 
ATOM   675  C CG1 . VAL A 1 96  ? -16.170 11.646  -3.728  1.00 15.59 ? 132 VAL A CG1 1 
ATOM   676  C CG2 . VAL A 1 96  ? -14.686 10.528  -5.427  1.00 11.84 ? 132 VAL A CG2 1 
ATOM   677  N N   . GLY A 1 97  ? -17.060 9.195   -1.696  1.00 11.31 ? 133 GLY A N   1 
ATOM   678  C CA  . GLY A 1 97  ? -18.055 9.077   -0.647  1.00 9.62  ? 133 GLY A CA  1 
ATOM   679  C C   . GLY A 1 97  ? -18.041 7.694   -0.017  1.00 11.12 ? 133 GLY A C   1 
ATOM   680  O O   . GLY A 1 97  ? -18.626 7.688   1.080   1.00 13.89 ? 133 GLY A O   1 
ATOM   681  N N   . ALA A 1 98  ? -17.473 6.661   -0.574  1.00 9.00  ? 134 ALA A N   1 
ATOM   682  C CA  . ALA A 1 98  ? -17.489 5.353   0.080   1.00 9.70  ? 134 ALA A CA  1 
ATOM   683  C C   . ALA A 1 98  ? -16.577 5.329   1.301   1.00 10.95 ? 134 ALA A C   1 
ATOM   684  O O   . ALA A 1 98  ? -15.571 6.074   1.239   1.00 11.66 ? 134 ALA A O   1 
ATOM   685  C CB  . ALA A 1 98  ? -16.927 4.296   -0.900  1.00 9.94  ? 134 ALA A CB  1 
ATOM   686  N N   . ALA A 1 99  ? -16.863 4.532   2.320   1.00 8.67  ? 135 ALA A N   1 
ATOM   687  C CA  . ALA A 1 99  ? -15.996 4.448   3.497   1.00 8.91  ? 135 ALA A CA  1 
ATOM   688  C C   . ALA A 1 99  ? -14.867 3.544   3.119   1.00 10.01 ? 135 ALA A C   1 
ATOM   689  O O   . ALA A 1 99  ? -15.110 2.629   2.295   1.00 11.59 ? 135 ALA A O   1 
ATOM   690  C CB  . ALA A 1 99  ? -16.809 3.623   4.521   1.00 9.34  ? 135 ALA A CB  1 
ATOM   691  N N   . VAL A 1 100 ? -13.672 3.681   3.653   1.00 10.48 ? 136 VAL A N   1 
ATOM   692  C CA  . VAL A 1 100 ? -12.553 2.789   3.293   1.00 9.66  ? 136 VAL A CA  1 
ATOM   693  C C   . VAL A 1 100 ? -11.587 2.811   4.480   1.00 10.98 ? 136 VAL A C   1 
ATOM   694  O O   . VAL A 1 100 ? -11.633 3.778   5.260   1.00 10.51 ? 136 VAL A O   1 
ATOM   695  C CB  . VAL A 1 100 ? -11.970 3.338   1.969   1.00 12.23 ? 136 VAL A CB  1 
ATOM   696  C CG1 . VAL A 1 100 ? -11.225 4.669   2.207   1.00 13.21 ? 136 VAL A CG1 1 
ATOM   697  C CG2 . VAL A 1 100 ? -10.947 2.361   1.402   1.00 14.03 ? 136 VAL A CG2 1 
ATOM   698  N N   . CYS A 1 101 ? -10.769 1.788   4.584   1.00 9.68  ? 137 CYS A N   1 
ATOM   699  C CA  . CYS A 1 101 ? -9.789  1.704   5.679   1.00 10.57 ? 137 CYS A CA  1 
ATOM   700  C C   . CYS A 1 101 ? -8.414  1.397   5.017   1.00 10.71 ? 137 CYS A C   1 
ATOM   701  O O   . CYS A 1 101 ? -8.376  0.909   3.859   1.00 10.09 ? 137 CYS A O   1 
ATOM   702  C CB  . CYS A 1 101 ? -10.121 0.611   6.672   1.00 10.03 ? 137 CYS A CB  1 
ATOM   703  S SG  . CYS A 1 101 ? -11.800 0.805   7.429   1.00 12.28 ? 137 CYS A SG  1 
ATOM   704  N N   . ARG A 1 102 ? -7.401  1.666   5.829   1.00 8.35  ? 138 ARG A N   1 
ATOM   705  C CA  . ARG A 1 102 ? -6.026  1.421   5.337   1.00 8.71  ? 138 ARG A CA  1 
ATOM   706  C C   . ARG A 1 102 ? -5.310  0.757   6.538   1.00 8.63  ? 138 ARG A C   1 
ATOM   707  O O   . ARG A 1 102 ? -5.718  1.000   7.718   1.00 5.91  ? 138 ARG A O   1 
ATOM   708  C CB  . ARG A 1 102 ? -5.312  2.696   4.850   1.00 8.17  ? 138 ARG A CB  1 
ATOM   709  C CG  . ARG A 1 102 ? -5.386  3.893   5.777   1.00 7.58  ? 138 ARG A CG  1 
ATOM   710  C CD  . ARG A 1 102 ? -4.104  4.738   5.664   1.00 6.71  ? 138 ARG A CD  1 
ATOM   711  N NE  . ARG A 1 102 ? -3.025  3.910   6.107   1.00 4.27  ? 138 ARG A NE  1 
ATOM   712  C CZ  . ARG A 1 102 ? -2.675  3.614   7.363   1.00 5.27  ? 138 ARG A CZ  1 
ATOM   713  N NH1 . ARG A 1 102 ? -3.310  4.232   8.359   1.00 5.30  ? 138 ARG A NH1 1 
ATOM   714  N NH2 . ARG A 1 102 ? -1.771  2.649   7.612   1.00 2.00  ? 138 ARG A NH2 1 
ATOM   715  N N   . SER A 1 103 ? -4.325  -0.014  6.145   1.00 6.52  ? 139 SER A N   1 
ATOM   716  C CA  . SER A 1 103 ? -3.498  -0.722  7.149   1.00 6.77  ? 139 SER A CA  1 
ATOM   717  C C   . SER A 1 103 ? -2.008  -0.539  6.887   1.00 7.81  ? 139 SER A C   1 
ATOM   718  O O   . SER A 1 103 ? -1.590  -0.608  5.672   1.00 9.13  ? 139 SER A O   1 
ATOM   719  C CB  . SER A 1 103 ? -3.977  -2.169  6.962   1.00 6.46  ? 139 SER A CB  1 
ATOM   720  O OG  . SER A 1 103 ? -3.285  -2.923  7.988   1.00 7.76  ? 139 SER A OG  1 
ATOM   721  N N   . GLY A 1 104 ? -1.223  -0.331  7.942   1.00 7.06  ? 140 GLY A N   1 
ATOM   722  C CA  . GLY A 1 104 ? 0.259   -0.114  7.712   1.00 8.52  ? 140 GLY A CA  1 
ATOM   723  C C   . GLY A 1 104 ? 0.957   -0.192  9.103   1.00 9.18  ? 140 GLY A C   1 
ATOM   724  O O   . GLY A 1 104 ? 0.326   -0.119  10.171  1.00 8.73  ? 140 GLY A O   1 
ATOM   725  N N   . ARG A 1 105 ? 2.262   -0.360  9.083   1.00 9.54  ? 141 ARG A N   1 
ATOM   726  C CA  . ARG A 1 105 ? 3.044   -0.582  10.284  1.00 9.36  ? 141 ARG A CA  1 
ATOM   727  C C   . ARG A 1 105 ? 3.105   0.581   11.229  1.00 9.29  ? 141 ARG A C   1 
ATOM   728  O O   . ARG A 1 105 ? 3.556   0.270   12.295  1.00 7.53  ? 141 ARG A O   1 
ATOM   729  C CB  . ARG A 1 105 ? 4.392   -1.218  9.940   1.00 9.77  ? 141 ARG A CB  1 
ATOM   730  C CG  . ARG A 1 105 ? 5.264   -0.443  8.903   1.00 10.97 ? 141 ARG A CG  1 
ATOM   731  C CD  . ARG A 1 105 ? 5.948   0.696   9.595   1.00 12.06 ? 141 ARG A CD  1 
ATOM   732  N NE  . ARG A 1 105 ? 6.798   0.130   10.646  1.00 14.58 ? 141 ARG A NE  1 
ATOM   733  C CZ  . ARG A 1 105 ? 7.168   0.810   11.745  1.00 15.09 ? 141 ARG A CZ  1 
ATOM   734  N NH1 . ARG A 1 105 ? 7.967   0.294   12.666  1.00 14.40 ? 141 ARG A NH1 1 
ATOM   735  N NH2 . ARG A 1 105 ? 6.678   2.035   11.902  1.00 14.92 ? 141 ARG A NH2 1 
ATOM   736  N N   . THR A 1 106 ? 2.720   1.799   10.925  1.00 9.41  ? 142 THR A N   1 
ATOM   737  C CA  . THR A 1 106 ? 2.931   2.926   11.830  1.00 9.68  ? 142 THR A CA  1 
ATOM   738  C C   . THR A 1 106 ? 1.622   3.294   12.502  1.00 8.95  ? 142 THR A C   1 
ATOM   739  O O   . THR A 1 106 ? 1.749   3.243   13.732  1.00 7.60  ? 142 THR A O   1 
ATOM   740  C CB  . THR A 1 106 ? 3.587   4.177   11.152  1.00 8.75  ? 142 THR A CB  1 
ATOM   741  O OG1 . THR A 1 106 ? 4.847   3.731   10.550  1.00 10.25 ? 142 THR A OG1 1 
ATOM   742  C CG2 . THR A 1 106 ? 3.719   5.389   12.040  1.00 9.08  ? 142 THR A CG2 1 
ATOM   743  N N   . THR A 1 107 ? 0.596   3.582   11.740  1.00 8.24  ? 143 THR A N   1 
ATOM   744  C CA  . THR A 1 107 ? -0.651  3.922   12.453  1.00 8.19  ? 143 THR A CA  1 
ATOM   745  C C   . THR A 1 107 ? -1.583  2.746   12.550  1.00 6.29  ? 143 THR A C   1 
ATOM   746  O O   . THR A 1 107 ? -2.708  3.067   13.000  1.00 10.18 ? 143 THR A O   1 
ATOM   747  C CB  . THR A 1 107 ? -1.331  5.185   11.800  1.00 9.15  ? 143 THR A CB  1 
ATOM   748  O OG1 . THR A 1 107 ? -1.731  4.722   10.465  1.00 9.83  ? 143 THR A OG1 1 
ATOM   749  C CG2 . THR A 1 107 ? -0.435  6.409   11.688  1.00 8.83  ? 143 THR A CG2 1 
ATOM   750  N N   . GLY A 1 108 ? -1.329  1.556   12.167  1.00 5.64  ? 156 GLY A N   1 
ATOM   751  C CA  . GLY A 1 108 ? -2.259  0.441   12.294  1.00 6.12  ? 156 GLY A CA  1 
ATOM   752  C C   . GLY A 1 108 ? -3.350  0.571   11.285  1.00 8.36  ? 156 GLY A C   1 
ATOM   753  O O   . GLY A 1 108 ? -3.116  0.978   10.148  1.00 11.13 ? 156 GLY A O   1 
ATOM   754  N N   . TYR A 1 109 ? -4.553  0.257   11.610  1.00 10.07 ? 157 TYR A N   1 
ATOM   755  C CA  . TYR A 1 109 ? -5.730  0.213   10.680  1.00 9.90  ? 157 TYR A CA  1 
ATOM   756  C C   . TYR A 1 109 ? -6.566  1.436   10.914  1.00 9.16  ? 157 TYR A C   1 
ATOM   757  O O   . TYR A 1 109 ? -6.996  1.589   12.061  1.00 10.02 ? 157 TYR A O   1 
ATOM   758  C CB  . TYR A 1 109 ? -6.413  -1.137  11.005  1.00 10.10 ? 157 TYR A CB  1 
ATOM   759  C CG  . TYR A 1 109 ? -7.615  -1.502  10.165  1.00 11.04 ? 157 TYR A CG  1 
ATOM   760  C CD1 . TYR A 1 109 ? -8.927  -1.193  10.526  1.00 11.08 ? 157 TYR A CD1 1 
ATOM   761  C CD2 . TYR A 1 109 ? -7.382  -2.130  8.946   1.00 11.03 ? 157 TYR A CD2 1 
ATOM   762  C CE1 . TYR A 1 109 ? -10.000 -1.510  9.689   1.00 11.57 ? 157 TYR A CE1 1 
ATOM   763  C CE2 . TYR A 1 109 ? -8.440  -2.487  8.126   1.00 13.09 ? 157 TYR A CE2 1 
ATOM   764  C CZ  . TYR A 1 109 ? -9.747  -2.190  8.525   1.00 12.86 ? 157 TYR A CZ  1 
ATOM   765  O OH  . TYR A 1 109 ? -10.689 -2.620  7.640   1.00 15.12 ? 157 TYR A OH  1 
ATOM   766  N N   . GLN A 1 110 ? -6.728  2.249   9.915   1.00 9.36  ? 158 GLN A N   1 
ATOM   767  C CA  . GLN A 1 110 ? -7.484  3.522   10.065  1.00 10.05 ? 158 GLN A CA  1 
ATOM   768  C C   . GLN A 1 110 ? -8.605  3.611   9.024   1.00 9.61  ? 158 GLN A C   1 
ATOM   769  O O   . GLN A 1 110 ? -8.256  3.101   7.929   1.00 10.02 ? 158 GLN A O   1 
ATOM   770  C CB  . GLN A 1 110 ? -6.564  4.740   9.983   1.00 8.52  ? 158 GLN A CB  1 
ATOM   771  C CG  . GLN A 1 110 ? -5.427  4.855   10.951  1.00 8.88  ? 158 GLN A CG  1 
ATOM   772  C CD  . GLN A 1 110 ? -5.905  5.039   12.372  1.00 11.90 ? 158 GLN A CD  1 
ATOM   773  O OE1 . GLN A 1 110 ? -6.945  5.600   12.670  1.00 13.06 ? 158 GLN A OE1 1 
ATOM   774  N NE2 . GLN A 1 110 ? -5.130  4.516   13.311  1.00 11.79 ? 158 GLN A NE2 1 
ATOM   775  N N   . CYS A 1 111 ? -9.734  4.218   9.374   1.00 8.05  ? 159 CYS A N   1 
ATOM   776  C CA  . CYS A 1 111 ? -10.773 4.251   8.321   1.00 9.38  ? 159 CYS A CA  1 
ATOM   777  C C   . CYS A 1 111 ? -11.249 5.658   8.045   1.00 9.59  ? 159 CYS A C   1 
ATOM   778  O O   . CYS A 1 111 ? -10.952 6.523   8.893   1.00 9.90  ? 159 CYS A O   1 
ATOM   779  C CB  . CYS A 1 111 ? -11.928 3.406   8.861   1.00 10.79 ? 159 CYS A CB  1 
ATOM   780  S SG  . CYS A 1 111 ? -11.512 1.657   9.207   1.00 13.38 ? 159 CYS A SG  1 
ATOM   781  N N   . GLY A 1 112 ? -11.907 5.908   6.940   1.00 8.26  ? 160 GLY A N   1 
ATOM   782  C CA  . GLY A 1 112 ? -12.394 7.288   6.624   1.00 6.82  ? 160 GLY A CA  1 
ATOM   783  C C   . GLY A 1 112 ? -13.197 7.088   5.308   1.00 9.42  ? 160 GLY A C   1 
ATOM   784  O O   . GLY A 1 112 ? -13.812 5.992   5.081   1.00 7.50  ? 160 GLY A O   1 
ATOM   785  N N   . THR A 1 113 ? -13.175 8.172   4.535   1.00 9.95  ? 161 THR A N   1 
ATOM   786  C CA  . THR A 1 113 ? -13.967 8.035   3.281   1.00 12.32 ? 161 THR A CA  1 
ATOM   787  C C   . THR A 1 113 ? -13.111 8.555   2.136   1.00 11.40 ? 161 THR A C   1 
ATOM   788  O O   . THR A 1 113 ? -12.135 9.248   2.416   1.00 9.35  ? 161 THR A O   1 
ATOM   789  C CB  . THR A 1 113 ? -15.394 8.690   3.467   1.00 14.71 ? 161 THR A CB  1 
ATOM   790  O OG1 . THR A 1 113 ? -15.071 10.077  3.378   1.00 19.68 ? 161 THR A OG1 1 
ATOM   791  C CG2 . THR A 1 113 ? -16.162 8.540   4.742   1.00 13.02 ? 161 THR A CG2 1 
ATOM   792  N N   . ILE A 1 114 ? -13.504 8.181   0.949   1.00 11.01 ? 162 ILE A N   1 
ATOM   793  C CA  . ILE A 1 114 ? -12.765 8.631   -0.255  1.00 10.75 ? 162 ILE A CA  1 
ATOM   794  C C   . ILE A 1 114 ? -13.324 10.032  -0.534  1.00 13.12 ? 162 ILE A C   1 
ATOM   795  O O   . ILE A 1 114 ? -14.555 10.099  -0.559  1.00 12.81 ? 162 ILE A O   1 
ATOM   796  C CB  . ILE A 1 114 ? -13.117 7.637   -1.421  1.00 10.85 ? 162 ILE A CB  1 
ATOM   797  C CG1 . ILE A 1 114 ? -12.474 6.266   -1.064  1.00 9.30  ? 162 ILE A CG1 1 
ATOM   798  C CG2 . ILE A 1 114 ? -12.656 8.249   -2.772  1.00 8.23  ? 162 ILE A CG2 1 
ATOM   799  C CD1 . ILE A 1 114 ? -12.810 5.156   -2.103  1.00 12.69 ? 162 ILE A CD1 1 
ATOM   800  N N   . THR A 1 115 ? -12.459 11.021  -0.695  1.00 13.58 ? 163 THR A N   1 
ATOM   801  C CA  . THR A 1 115 ? -12.969 12.367  -0.964  1.00 14.58 ? 163 THR A CA  1 
ATOM   802  C C   . THR A 1 115 ? -12.722 12.915  -2.347  1.00 14.33 ? 163 THR A C   1 
ATOM   803  O O   . THR A 1 115 ? -13.365 13.943  -2.609  1.00 17.01 ? 163 THR A O   1 
ATOM   804  C CB  . THR A 1 115 ? -12.409 13.304  0.197   1.00 14.48 ? 163 THR A CB  1 
ATOM   805  O OG1 . THR A 1 115 ? -10.962 13.120  0.069   1.00 14.52 ? 163 THR A OG1 1 
ATOM   806  C CG2 . THR A 1 115 ? -12.866 12.876  1.605   1.00 13.33 ? 163 THR A CG2 1 
ATOM   807  N N   . ALA A 1 116 ? -11.865 12.321  -3.131  1.00 13.98 ? 164 ALA A N   1 
ATOM   808  C CA  . ALA A 1 116 ? -11.521 12.774  -4.487  1.00 13.47 ? 164 ALA A CA  1 
ATOM   809  C C   . ALA A 1 116 ? -10.651 11.748  -5.217  1.00 13.54 ? 164 ALA A C   1 
ATOM   810  O O   . ALA A 1 116 ? -9.998  10.924  -4.537  1.00 14.07 ? 164 ALA A O   1 
ATOM   811  C CB  . ALA A 1 116 ? -10.699 14.069  -4.383  1.00 12.20 ? 164 ALA A CB  1 
ATOM   812  N N   . LYS A 1 117 ? -10.683 11.768  -6.541  1.00 11.28 ? 165 LYS A N   1 
ATOM   813  C CA  . LYS A 1 117 ? -9.930  10.857  -7.354  1.00 12.53 ? 165 LYS A CA  1 
ATOM   814  C C   . LYS A 1 117 ? -9.141  11.723  -8.351  1.00 15.01 ? 165 LYS A C   1 
ATOM   815  O O   . LYS A 1 117 ? -9.501  12.913  -8.495  1.00 13.83 ? 165 LYS A O   1 
ATOM   816  C CB  . LYS A 1 117 ? -10.924 10.036  -8.199  1.00 11.98 ? 165 LYS A CB  1 
ATOM   817  C CG  . LYS A 1 117 ? -11.643 9.032   -7.358  1.00 12.71 ? 165 LYS A CG  1 
ATOM   818  C CD  . LYS A 1 117 ? -12.169 7.814   -8.058  1.00 13.26 ? 165 LYS A CD  1 
ATOM   819  C CE  . LYS A 1 117 ? -12.801 6.810   -7.065  1.00 13.09 ? 165 LYS A CE  1 
ATOM   820  N NZ  . LYS A 1 117 ? -13.436 5.702   -7.872  1.00 12.49 ? 165 LYS A NZ  1 
ATOM   821  N N   . ASN A 1 118 ? -8.150  11.114  -8.989  1.00 15.19 ? 166 ASN A N   1 
ATOM   822  C CA  . ASN A 1 118 ? -7.340  11.835  -9.978  1.00 18.09 ? 166 ASN A CA  1 
ATOM   823  C C   . ASN A 1 118 ? -6.588  13.021  -9.391  1.00 17.31 ? 166 ASN A C   1 
ATOM   824  O O   . ASN A 1 118 ? -6.522  14.063  -10.076 1.00 16.85 ? 166 ASN A O   1 
ATOM   825  C CB  . ASN A 1 118 ? -8.242  12.277  -11.131 1.00 20.68 ? 166 ASN A CB  1 
ATOM   826  C CG  . ASN A 1 118 ? -7.369  12.253  -12.371 1.00 26.75 ? 166 ASN A CG  1 
ATOM   827  O OD1 . ASN A 1 118 ? -7.649  13.065  -13.311 1.00 30.13 ? 166 ASN A OD1 1 
ATOM   828  N ND2 . ASN A 1 118 ? -6.333  11.426  -12.546 1.00 27.46 ? 166 ASN A ND2 1 
ATOM   829  N N   . VAL A 1 119 ? -6.110  12.876  -8.151  1.00 14.76 ? 167 VAL A N   1 
ATOM   830  C CA  . VAL A 1 119 ? -5.365  13.958  -7.508  1.00 14.40 ? 167 VAL A CA  1 
ATOM   831  C C   . VAL A 1 119 ? -3.874  13.870  -7.866  1.00 14.61 ? 167 VAL A C   1 
ATOM   832  O O   . VAL A 1 119 ? -3.350  12.737  -7.977  1.00 16.02 ? 167 VAL A O   1 
ATOM   833  C CB  . VAL A 1 119 ? -5.586  13.842  -5.973  1.00 14.64 ? 167 VAL A CB  1 
ATOM   834  C CG1 . VAL A 1 119 ? -4.720  14.780  -5.152  1.00 12.23 ? 167 VAL A CG1 1 
ATOM   835  C CG2 . VAL A 1 119 ? -7.075  14.071  -5.700  1.00 12.51 ? 167 VAL A CG2 1 
ATOM   836  N N   . THR A 1 120 ? -3.218  14.985  -8.080  1.00 14.07 ? 168 THR A N   1 
ATOM   837  C CA  . THR A 1 120 ? -1.783  15.021  -8.293  1.00 15.95 ? 168 THR A CA  1 
ATOM   838  C C   . THR A 1 120 ? -1.028  15.321  -6.984  1.00 17.09 ? 168 THR A C   1 
ATOM   839  O O   . THR A 1 120 ? -1.419  16.306  -6.344  1.00 17.41 ? 168 THR A O   1 
ATOM   840  C CB  . THR A 1 120 ? -1.264  16.124  -9.300  1.00 16.29 ? 168 THR A CB  1 
ATOM   841  O OG1 . THR A 1 120 ? -1.928  15.603  -10.495 1.00 16.81 ? 168 THR A OG1 1 
ATOM   842  C CG2 . THR A 1 120 ? 0.276   16.042  -9.462  1.00 13.89 ? 168 THR A CG2 1 
ATOM   843  N N   . ALA A 1 121 ? 0.008   14.566  -6.651  1.00 16.76 ? 169 ALA A N   1 
ATOM   844  C CA  . ALA A 1 121 ? 0.789   14.918  -5.440  1.00 16.28 ? 169 ALA A CA  1 
ATOM   845  C C   . ALA A 1 121 ? 2.089   15.497  -6.026  1.00 17.37 ? 169 ALA A C   1 
ATOM   846  O O   . ALA A 1 121 ? 2.700   14.858  -6.950  1.00 18.24 ? 169 ALA A O   1 
ATOM   847  C CB  . ALA A 1 121 ? 1.098   13.645  -4.640  1.00 16.04 ? 169 ALA A CB  1 
ATOM   848  N N   . ASN A 1 122 ? 2.529   16.623  -5.533  1.00 17.05 ? 170 ASN A N   1 
ATOM   849  C CA  . ASN A 1 122 ? 3.800   17.215  -5.996  1.00 18.82 ? 170 ASN A CA  1 
ATOM   850  C C   . ASN A 1 122 ? 4.886   16.757  -5.036  1.00 18.01 ? 170 ASN A C   1 
ATOM   851  O O   . ASN A 1 122 ? 5.143   17.573  -4.133  1.00 19.37 ? 170 ASN A O   1 
ATOM   852  C CB  . ASN A 1 122 ? 3.656   18.756  -6.029  1.00 21.05 ? 170 ASN A CB  1 
ATOM   853  C CG  . ASN A 1 122 ? 2.800   19.043  -7.256  1.00 24.35 ? 170 ASN A CG  1 
ATOM   854  O OD1 . ASN A 1 122 ? 3.092   18.657  -8.408  1.00 24.71 ? 170 ASN A OD1 1 
ATOM   855  N ND2 . ASN A 1 122 ? 1.702   19.715  -6.964  1.00 25.78 ? 170 ASN A ND2 1 
ATOM   856  N N   . TYR A 1 123 ? 5.468   15.581  -5.173  1.00 17.30 ? 171 TYR A N   1 
ATOM   857  C CA  . TYR A 1 123 ? 6.532   15.162  -4.222  1.00 14.90 ? 171 TYR A CA  1 
ATOM   858  C C   . TYR A 1 123 ? 7.832   15.820  -4.665  1.00 17.74 ? 171 TYR A C   1 
ATOM   859  O O   . TYR A 1 123 ? 7.924   16.231  -5.849  1.00 18.90 ? 171 TYR A O   1 
ATOM   860  C CB  . TYR A 1 123 ? 6.603   13.658  -4.186  1.00 13.44 ? 171 TYR A CB  1 
ATOM   861  C CG  . TYR A 1 123 ? 5.396   12.896  -3.673  1.00 11.30 ? 171 TYR A CG  1 
ATOM   862  C CD1 . TYR A 1 123 ? 5.046   11.702  -4.311  1.00 12.52 ? 171 TYR A CD1 1 
ATOM   863  C CD2 . TYR A 1 123 ? 4.632   13.333  -2.614  1.00 10.07 ? 171 TYR A CD2 1 
ATOM   864  C CE1 . TYR A 1 123 ? 3.953   10.929  -3.860  1.00 12.58 ? 171 TYR A CE1 1 
ATOM   865  C CE2 . TYR A 1 123 ? 3.537   12.602  -2.144  1.00 12.96 ? 171 TYR A CE2 1 
ATOM   866  C CZ  . TYR A 1 123 ? 3.203   11.395  -2.771  1.00 12.92 ? 171 TYR A CZ  1 
ATOM   867  O OH  . TYR A 1 123 ? 2.165   10.648  -2.291  1.00 14.21 ? 171 TYR A OH  1 
ATOM   868  N N   . ALA A 1 124 ? 8.811   15.914  -3.765  1.00 17.20 ? 172 ALA A N   1 
ATOM   869  C CA  . ALA A 1 124 ? 10.106  16.534  -4.089  1.00 15.75 ? 172 ALA A CA  1 
ATOM   870  C C   . ALA A 1 124 ? 10.721  15.871  -5.317  1.00 14.87 ? 172 ALA A C   1 
ATOM   871  O O   . ALA A 1 124 ? 11.365  16.573  -6.112  1.00 16.92 ? 172 ALA A O   1 
ATOM   872  C CB  . ALA A 1 124 ? 10.996  16.448  -2.850  1.00 14.65 ? 172 ALA A CB  1 
ATOM   873  N N   . GLU A 1 125 ? 10.544  14.554  -5.468  1.00 13.07 ? 174 GLU A N   1 
ATOM   874  C CA  . GLU A 1 125 ? 11.109  13.836  -6.597  1.00 12.69 ? 174 GLU A CA  1 
ATOM   875  C C   . GLU A 1 125 ? 10.459  14.061  -7.962  1.00 13.21 ? 174 GLU A C   1 
ATOM   876  O O   . GLU A 1 125 ? 11.073  13.741  -8.990  1.00 13.06 ? 174 GLU A O   1 
ATOM   877  C CB  . GLU A 1 125 ? 10.971  12.336  -6.357  1.00 13.66 ? 174 GLU A CB  1 
ATOM   878  C CG  . GLU A 1 125 ? 11.759  11.884  -5.127  1.00 15.11 ? 174 GLU A CG  1 
ATOM   879  C CD  . GLU A 1 125 ? 10.973  11.905  -3.845  1.00 14.78 ? 174 GLU A CD  1 
ATOM   880  O OE1 . GLU A 1 125 ? 9.969   12.542  -3.649  1.00 14.34 ? 174 GLU A OE1 1 
ATOM   881  O OE2 . GLU A 1 125 ? 11.585  11.162  -3.021  1.00 17.88 ? 174 GLU A OE2 1 
ATOM   882  N N   . GLY A 1 126 ? 9.238   14.522  -7.950  1.00 12.43 ? 175 GLY A N   1 
ATOM   883  C CA  . GLY A 1 126 ? 8.408   14.785  -9.132  1.00 13.10 ? 175 GLY A CA  1 
ATOM   884  C C   . GLY A 1 126 ? 6.946   14.546  -8.800  1.00 13.99 ? 175 GLY A C   1 
ATOM   885  O O   . GLY A 1 126 ? 6.612   13.987  -7.733  1.00 13.90 ? 175 GLY A O   1 
ATOM   886  N N   . ALA A 1 127 ? 6.097   14.955  -9.746  1.00 13.81 ? 176 ALA A N   1 
ATOM   887  C CA  . ALA A 1 127 ? 4.638   14.764  -9.574  1.00 14.44 ? 176 ALA A CA  1 
ATOM   888  C C   . ALA A 1 127 ? 4.243   13.272  -9.669  1.00 11.52 ? 176 ALA A C   1 
ATOM   889  O O   . ALA A 1 127 ? 4.887   12.524  -10.410 1.00 10.12 ? 176 ALA A O   1 
ATOM   890  C CB  . ALA A 1 127 ? 3.931   15.494  -10.761 1.00 14.16 ? 176 ALA A CB  1 
ATOM   891  N N   . VAL A 1 128 ? 3.228   12.875  -8.953  1.00 9.91  ? 177 VAL A N   1 
ATOM   892  C CA  . VAL A 1 128 ? 2.597   11.577  -9.000  1.00 11.02 ? 177 VAL A CA  1 
ATOM   893  C C   . VAL A 1 128 ? 1.116   11.953  -9.319  1.00 12.04 ? 177 VAL A C   1 
ATOM   894  O O   . VAL A 1 128 ? 0.479   12.723  -8.564  1.00 13.69 ? 177 VAL A O   1 
ATOM   895  C CB  . VAL A 1 128 ? 2.792   10.602  -7.845  1.00 11.94 ? 177 VAL A CB  1 
ATOM   896  C CG1 . VAL A 1 128 ? 1.873   9.381   -7.905  1.00 7.32  ? 177 VAL A CG1 1 
ATOM   897  C CG2 . VAL A 1 128 ? 4.261   10.303  -7.700  1.00 10.30 ? 177 VAL A CG2 1 
ATOM   898  N N   . ARG A 1 129 ? 0.635   11.470  -10.452 1.00 11.93 ? 178 ARG A N   1 
ATOM   899  C CA  . ARG A 1 129 ? -0.722  11.799  -10.891 1.00 13.53 ? 178 ARG A CA  1 
ATOM   900  C C   . ARG A 1 129 ? -1.691  10.657  -10.706 1.00 12.23 ? 178 ARG A C   1 
ATOM   901  O O   . ARG A 1 129 ? -1.228  9.530   -10.498 1.00 12.56 ? 178 ARG A O   1 
ATOM   902  C CB  . ARG A 1 129 ? -0.652  12.059  -12.433 1.00 18.48 ? 178 ARG A CB  1 
ATOM   903  C CG  . ARG A 1 129 ? 0.302   13.204  -12.755 1.00 26.10 ? 178 ARG A CG  1 
ATOM   904  C CD  . ARG A 1 129 ? 0.009   13.952  -14.018 1.00 31.81 ? 178 ARG A CD  1 
ATOM   905  N NE  . ARG A 1 129 ? 0.194   15.406  -13.748 1.00 38.20 ? 178 ARG A NE  1 
ATOM   906  C CZ  . ARG A 1 129 ? 1.458   15.936  -13.807 1.00 41.40 ? 178 ARG A CZ  1 
ATOM   907  N NH1 . ARG A 1 129 ? 2.471   15.101  -14.178 1.00 42.88 ? 178 ARG A NH1 1 
ATOM   908  N NH2 . ARG A 1 129 ? 1.741   17.223  -13.494 1.00 41.32 ? 178 ARG A NH2 1 
ATOM   909  N N   . GLY A 1 130 ? -2.978  10.961  -10.811 1.00 11.55 ? 179 GLY A N   1 
ATOM   910  C CA  . GLY A 1 130 ? -4.025  9.952   -10.759 1.00 9.69  ? 179 GLY A CA  1 
ATOM   911  C C   . GLY A 1 130 ? -4.229  9.258   -9.431  1.00 11.45 ? 179 GLY A C   1 
ATOM   912  O O   . GLY A 1 130 ? -4.817  8.141   -9.455  1.00 11.14 ? 179 GLY A O   1 
ATOM   913  N N   . LEU A 1 131 ? -3.832  9.910   -8.340  1.00 10.18 ? 180 LEU A N   1 
ATOM   914  C CA  . LEU A 1 131 ? -4.030  9.254   -7.005  1.00 10.15 ? 180 LEU A CA  1 
ATOM   915  C C   . LEU A 1 131 ? -5.468  9.467   -6.480  1.00 9.07  ? 180 LEU A C   1 
ATOM   916  O O   . LEU A 1 131 ? -6.076  10.476  -6.849  1.00 6.91  ? 180 LEU A O   1 
ATOM   917  C CB  . LEU A 1 131 ? -2.975  9.872   -6.032  1.00 8.12  ? 180 LEU A CB  1 
ATOM   918  C CG  . LEU A 1 131 ? -1.502  9.610   -6.326  1.00 8.88  ? 180 LEU A CG  1 
ATOM   919  C CD1 . LEU A 1 131 ? -0.632  10.511  -5.436  1.00 8.66  ? 180 LEU A CD1 1 
ATOM   920  C CD2 . LEU A 1 131 ? -1.106  8.132   -6.083  1.00 8.45  ? 180 LEU A CD2 1 
ATOM   921  N N   . THR A 1 132 ? -5.928  8.595   -5.615  1.00 7.72  ? 181 THR A N   1 
ATOM   922  C CA  . THR A 1 132 ? -7.258  8.801   -5.013  1.00 9.10  ? 181 THR A CA  1 
ATOM   923  C C   . THR A 1 132 ? -6.958  9.336   -3.578  1.00 11.21 ? 181 THR A C   1 
ATOM   924  O O   . THR A 1 132 ? -5.946  8.925   -2.937  1.00 7.93  ? 181 THR A O   1 
ATOM   925  C CB  . THR A 1 132 ? -8.108  7.490   -4.930  1.00 10.38 ? 181 THR A CB  1 
ATOM   926  O OG1 . THR A 1 132 ? -8.198  7.122   -6.345  1.00 12.61 ? 181 THR A OG1 1 
ATOM   927  C CG2 . THR A 1 132 ? -9.447  7.630   -4.210  1.00 9.56  ? 181 THR A CG2 1 
ATOM   928  N N   . GLN A 1 133 ? -7.859  10.222  -3.156  1.00 9.72  ? 182 GLN A N   1 
ATOM   929  C CA  . GLN A 1 133 ? -7.664  10.799  -1.816  1.00 11.29 ? 182 GLN A CA  1 
ATOM   930  C C   . GLN A 1 133 ? -8.690  10.278  -0.816  1.00 12.44 ? 182 GLN A C   1 
ATOM   931  O O   . GLN A 1 133 ? -9.874  10.246  -1.223  1.00 12.50 ? 182 GLN A O   1 
ATOM   932  C CB  . GLN A 1 133 ? -7.812  12.342  -1.917  1.00 11.67 ? 182 GLN A CB  1 
ATOM   933  C CG  . GLN A 1 133 ? -7.635  13.024  -0.575  1.00 14.04 ? 182 GLN A CG  1 
ATOM   934  C CD  . GLN A 1 133 ? -7.821  14.494  -0.876  1.00 17.60 ? 182 GLN A CD  1 
ATOM   935  O OE1 . GLN A 1 133 ? -6.880  15.208  -1.154  1.00 20.43 ? 182 GLN A OE1 1 
ATOM   936  N NE2 . GLN A 1 133 ? -9.070  14.905  -0.876  1.00 18.38 ? 182 GLN A NE2 1 
ATOM   937  N N   . GLY A 1 134 ? -8.213  9.921   0.386   1.00 11.51 ? 183 GLY A N   1 
ATOM   938  C CA  . GLY A 1 134 ? -9.148  9.502   1.449   1.00 10.38 ? 183 GLY A CA  1 
ATOM   939  C C   . GLY A 1 134 ? -8.827  10.410  2.654   1.00 9.99  ? 183 GLY A C   1 
ATOM   940  O O   . GLY A 1 134 ? -7.829  11.151  2.616   1.00 10.85 ? 183 GLY A O   1 
ATOM   941  N N   . ASN A 1 135 ? -9.563  10.325  3.736   1.00 10.25 ? 184 ASN A N   1 
ATOM   942  C CA  . ASN A 1 135 ? -9.293  11.156  4.937   1.00 9.99  ? 184 ASN A CA  1 
ATOM   943  C C   . ASN A 1 135 ? -9.025  10.281  6.143   1.00 9.72  ? 184 ASN A C   1 
ATOM   944  O O   . ASN A 1 135 ? -9.126  10.805  7.264   1.00 10.87 ? 184 ASN A O   1 
ATOM   945  C CB  . ASN A 1 135 ? -10.351 12.223  5.118   1.00 10.17 ? 184 ASN A CB  1 
ATOM   946  C CG  . ASN A 1 135 ? -11.711 11.605  5.391   1.00 10.00 ? 184 ASN A CG  1 
ATOM   947  O OD1 . ASN A 1 135 ? -12.011 10.453  5.642   1.00 8.54  ? 184 ASN A OD1 1 
ATOM   948  N ND2 . ASN A 1 135 ? -12.746 12.408  5.321   1.00 10.68 ? 184 ASN A ND2 1 
ATOM   949  N N   . ALA A 1 136 ? -8.665  9.032   5.891   1.00 7.94  ? 190 ALA A N   1 
ATOM   950  C CA  . ALA A 1 136 ? -8.255  8.110   6.975   1.00 7.62  ? 190 ALA A CA  1 
ATOM   951  C C   . ALA A 1 136 ? -6.832  8.642   7.277   1.00 9.01  ? 190 ALA A C   1 
ATOM   952  O O   . ALA A 1 136 ? -6.147  9.064   6.298   1.00 8.79  ? 190 ALA A O   1 
ATOM   953  C CB  . ALA A 1 136 ? -8.220  6.715   6.366   1.00 5.27  ? 190 ALA A CB  1 
ATOM   954  N N   . CYS A 1 137 ? -6.406  8.742   8.529   1.00 6.23  ? 191 CYS A N   1 
ATOM   955  C CA  . CYS A 1 137 ? -5.057  9.233   8.823   1.00 6.74  ? 191 CYS A CA  1 
ATOM   956  C C   . CYS A 1 137 ? -4.055  8.122   8.526   1.00 9.39  ? 191 CYS A C   1 
ATOM   957  O O   . CYS A 1 137 ? -4.376  6.952   8.289   1.00 10.93 ? 191 CYS A O   1 
ATOM   958  C CB  . CYS A 1 137 ? -5.002  9.793   10.213  1.00 7.31  ? 191 CYS A CB  1 
ATOM   959  S SG  . CYS A 1 137 ? -4.880  8.613   11.590  1.00 8.69  ? 191 CYS A SG  1 
ATOM   960  N N   . MET A 1 138 ? -2.787  8.469   8.471   1.00 10.75 ? 192 MET A N   1 
ATOM   961  C CA  . MET A 1 138 ? -1.609  7.679   8.110   1.00 10.37 ? 192 MET A CA  1 
ATOM   962  C C   . MET A 1 138 ? -0.331  8.399   8.581   1.00 10.08 ? 192 MET A C   1 
ATOM   963  O O   . MET A 1 138 ? -0.335  9.589   8.900   1.00 9.01  ? 192 MET A O   1 
ATOM   964  C CB  . MET A 1 138 ? -1.610  7.576   6.569   1.00 9.56  ? 192 MET A CB  1 
ATOM   965  C CG  . MET A 1 138 ? -1.667  8.927   5.877   1.00 11.10 ? 192 MET A CG  1 
ATOM   966  S SD  . MET A 1 138 ? 0.032   9.519   5.503   1.00 15.81 ? 192 MET A SD  1 
ATOM   967  C CE  . MET A 1 138 ? -0.143  11.208  4.994   1.00 15.11 ? 192 MET A CE  1 
ATOM   968  N N   . GLY A 1 139 A 0.792   7.722   8.610   1.00 10.13 ? 192 GLY A N   1 
ATOM   969  C CA  . GLY A 1 139 A 2.089   8.213   9.029   1.00 8.92  ? 192 GLY A CA  1 
ATOM   970  C C   . GLY A 1 139 A 3.274   7.618   8.281   1.00 9.12  ? 192 GLY A C   1 
ATOM   971  O O   . GLY A 1 139 A 3.145   6.631   7.553   1.00 10.07 ? 192 GLY A O   1 
ATOM   972  N N   . ARG A 1 140 B 4.438   8.159   8.504   1.00 7.78  ? 192 ARG A N   1 
ATOM   973  C CA  . ARG A 1 140 B 5.697   7.775   7.934   1.00 8.01  ? 192 ARG A CA  1 
ATOM   974  C C   . ARG A 1 140 B 5.862   6.304   8.274   1.00 7.68  ? 192 ARG A C   1 
ATOM   975  O O   . ARG A 1 140 B 5.856   5.954   9.462   1.00 7.93  ? 192 ARG A O   1 
ATOM   976  C CB  . ARG A 1 140 B 6.820   8.548   8.643   1.00 10.57 ? 192 ARG A CB  1 
ATOM   977  C CG  . ARG A 1 140 B 6.978   9.986   8.126   1.00 14.46 ? 192 ARG A CG  1 
ATOM   978  C CD  . ARG A 1 140 B 8.142   10.529  8.897   1.00 17.31 ? 192 ARG A CD  1 
ATOM   979  N NE  . ARG A 1 140 B 8.106   11.979  8.770   1.00 21.39 ? 192 ARG A NE  1 
ATOM   980  C CZ  . ARG A 1 140 B 8.348   12.678  9.899   1.00 22.63 ? 192 ARG A CZ  1 
ATOM   981  N NH1 . ARG A 1 140 B 8.002   13.973  9.831   1.00 25.72 ? 192 ARG A NH1 1 
ATOM   982  N NH2 . ARG A 1 140 B 8.882   12.214  11.000  1.00 20.09 ? 192 ARG A NH2 1 
ATOM   983  N N   . GLY A 1 141 ? 5.976   5.488   7.267   1.00 7.15  ? 193 GLY A N   1 
ATOM   984  C CA  . GLY A 1 141 ? 6.115   4.030   7.459   1.00 6.23  ? 193 GLY A CA  1 
ATOM   985  C C   . GLY A 1 141 ? 4.929   3.280   6.890   1.00 6.18  ? 193 GLY A C   1 
ATOM   986  O O   . GLY A 1 141 ? 5.062   2.073   6.578   1.00 6.99  ? 193 GLY A O   1 
ATOM   987  N N   . ASP A 1 142 ? 3.791   3.955   6.792   1.00 5.01  ? 194 ASP A N   1 
ATOM   988  C CA  . ASP A 1 142 ? 2.572   3.311   6.270   1.00 4.86  ? 194 ASP A CA  1 
ATOM   989  C C   . ASP A 1 142 ? 2.628   3.095   4.742   1.00 7.70  ? 194 ASP A C   1 
ATOM   990  O O   . ASP A 1 142 ? 1.691   2.375   4.228   1.00 8.19  ? 194 ASP A O   1 
ATOM   991  C CB  . ASP A 1 142 ? 1.383   4.293   6.589   1.00 4.42  ? 194 ASP A CB  1 
ATOM   992  C CG  . ASP A 1 142 ? 0.974   4.102   8.039   1.00 8.06  ? 194 ASP A CG  1 
ATOM   993  O OD1 . ASP A 1 142 ? 0.290   4.988   8.561   1.00 8.04  ? 194 ASP A OD1 1 
ATOM   994  O OD2 . ASP A 1 142 ? 1.253   3.062   8.736   1.00 6.34  ? 194 ASP A OD2 1 
ATOM   995  N N   . SER A 1 143 ? 3.528   3.721   4.035   1.00 5.80  ? 195 SER A N   1 
ATOM   996  C CA  . SER A 1 143 ? 3.601   3.629   2.561   1.00 7.72  ? 195 SER A CA  1 
ATOM   997  C C   . SER A 1 143 ? 3.556   2.194   2.032   1.00 6.02  ? 195 SER A C   1 
ATOM   998  O O   . SER A 1 143 ? 4.191   1.341   2.652   1.00 7.20  ? 195 SER A O   1 
ATOM   999  C CB  . SER A 1 143 ? 4.881   4.186   1.944   1.00 8.65  ? 195 SER A CB  1 
ATOM   1000 O OG  . SER A 1 143 ? 5.073   5.550   2.403   1.00 9.44  ? 195 SER A OG  1 
ATOM   1001 N N   . GLY A 1 144 ? 2.843   2.016   0.944   1.00 5.19  ? 196 GLY A N   1 
ATOM   1002 C CA  . GLY A 1 144 ? 2.741   0.676   0.362   1.00 5.11  ? 196 GLY A CA  1 
ATOM   1003 C C   . GLY A 1 144 ? 1.612   -0.122  1.023   1.00 5.46  ? 196 GLY A C   1 
ATOM   1004 O O   . GLY A 1 144 ? 1.280   -1.130  0.356   1.00 5.81  ? 196 GLY A O   1 
ATOM   1005 N N   . GLY A 1 145 ? 1.091   0.287   2.172   1.00 3.71  ? 197 GLY A N   1 
ATOM   1006 C CA  . GLY A 1 145 ? 0.070   -0.528  2.809   1.00 6.68  ? 197 GLY A CA  1 
ATOM   1007 C C   . GLY A 1 145 ? -1.280  -0.453  2.071   1.00 7.89  ? 197 GLY A C   1 
ATOM   1008 O O   . GLY A 1 145 ? -1.650  0.397   1.241   1.00 8.32  ? 197 GLY A O   1 
ATOM   1009 N N   . SER A 1 146 ? -2.087  -1.418  2.446   1.00 7.70  ? 198 SER A N   1 
ATOM   1010 C CA  . SER A 1 146 ? -3.414  -1.675  1.883   1.00 8.47  ? 198 SER A CA  1 
ATOM   1011 C C   . SER A 1 146 ? -4.479  -0.634  2.129   1.00 8.57  ? 198 SER A C   1 
ATOM   1012 O O   . SER A 1 146 ? -4.566  -0.189  3.281   1.00 8.47  ? 198 SER A O   1 
ATOM   1013 C CB  . SER A 1 146 ? -3.974  -3.009  2.488   1.00 7.60  ? 198 SER A CB  1 
ATOM   1014 O OG  . SER A 1 146 ? -2.970  -3.918  2.896   1.00 6.25  ? 198 SER A OG  1 
ATOM   1015 N N   . TRP A 1 147 ? -5.320  -0.443  1.124   1.00 6.68  ? 199 TRP A N   1 
ATOM   1016 C CA  . TRP A 1 147 ? -6.498  0.453   1.264   1.00 7.28  ? 199 TRP A CA  1 
ATOM   1017 C C   . TRP A 1 147 ? -7.619  -0.545  0.904   1.00 8.58  ? 199 TRP A C   1 
ATOM   1018 O O   . TRP A 1 147 ? -7.446  -1.119  -0.191  1.00 8.55  ? 199 TRP A O   1 
ATOM   1019 C CB  . TRP A 1 147 ? -6.588  1.733   0.468   1.00 7.63  ? 199 TRP A CB  1 
ATOM   1020 C CG  . TRP A 1 147 ? -5.769  2.879   1.024   1.00 7.23  ? 199 TRP A CG  1 
ATOM   1021 C CD1 . TRP A 1 147 ? -4.411  2.971   1.112   1.00 5.50  ? 199 TRP A CD1 1 
ATOM   1022 C CD2 . TRP A 1 147 ? -6.290  4.110   1.544   1.00 7.46  ? 199 TRP A CD2 1 
ATOM   1023 N NE1 . TRP A 1 147 ? -4.047  4.174   1.630   1.00 6.32  ? 199 TRP A NE1 1 
ATOM   1024 C CE2 . TRP A 1 147 ? -5.193  4.886   1.927   1.00 7.37  ? 199 TRP A CE2 1 
ATOM   1025 C CE3 . TRP A 1 147 ? -7.574  4.609   1.714   1.00 8.97  ? 199 TRP A CE3 1 
ATOM   1026 C CZ2 . TRP A 1 147 ? -5.333  6.160   2.487   1.00 8.49  ? 199 TRP A CZ2 1 
ATOM   1027 C CZ3 . TRP A 1 147 ? -7.738  5.872   2.290   1.00 9.10  ? 199 TRP A CZ3 1 
ATOM   1028 C CH2 . TRP A 1 147 ? -6.641  6.619   2.681   1.00 8.74  ? 199 TRP A CH2 1 
ATOM   1029 N N   . ILE A 1 148 ? -8.577  -0.753  1.776   1.00 7.62  ? 200 ILE A N   1 
ATOM   1030 C CA  . ILE A 1 148 ? -9.596  -1.743  1.524   1.00 8.29  ? 200 ILE A CA  1 
ATOM   1031 C C   . ILE A 1 148 ? -10.931 -1.356  2.173   1.00 9.77  ? 200 ILE A C   1 
ATOM   1032 O O   . ILE A 1 148 ? -10.862 -0.607  3.159   1.00 10.72 ? 200 ILE A O   1 
ATOM   1033 C CB  . ILE A 1 148 ? -9.014  -3.125  2.117   1.00 7.77  ? 200 ILE A CB  1 
ATOM   1034 C CG1 . ILE A 1 148 ? -9.952  -4.286  1.760   1.00 7.58  ? 200 ILE A CG1 1 
ATOM   1035 C CG2 . ILE A 1 148 ? -8.885  -2.994  3.665   1.00 7.36  ? 200 ILE A CG2 1 
ATOM   1036 C CD1 . ILE A 1 148 ? -9.320  -5.704  1.625   1.00 6.34  ? 200 ILE A CD1 1 
ATOM   1037 N N   . THR A 1 149 ? -12.034 -1.814  1.575   1.00 10.01 ? 201 THR A N   1 
ATOM   1038 C CA  . THR A 1 149 ? -13.365 -1.524  2.137   1.00 10.89 ? 201 THR A CA  1 
ATOM   1039 C C   . THR A 1 149 ? -13.593 -2.667  3.117   1.00 12.54 ? 201 THR A C   1 
ATOM   1040 O O   . THR A 1 149 ? -12.943 -3.729  3.073   1.00 11.64 ? 201 THR A O   1 
ATOM   1041 C CB  . THR A 1 149 ? -14.450 -1.430  1.014   1.00 11.65 ? 201 THR A CB  1 
ATOM   1042 O OG1 . THR A 1 149 ? -14.465 -2.819  0.503   1.00 12.70 ? 201 THR A OG1 1 
ATOM   1043 C CG2 . THR A 1 149 ? -14.165 -0.542  -0.246  1.00 10.48 ? 201 THR A CG2 1 
ATOM   1044 N N   . SER A 1 150 ? -14.521 -2.484  4.055   1.00 16.27 ? 202 SER A N   1 
ATOM   1045 C CA  . SER A 1 150 ? -14.828 -3.515  5.070   1.00 19.09 ? 202 SER A CA  1 
ATOM   1046 C C   . SER A 1 150 ? -15.389 -4.713  4.312   1.00 18.84 ? 202 SER A C   1 
ATOM   1047 O O   . SER A 1 150 ? -15.197 -5.817  4.871   1.00 21.70 ? 202 SER A O   1 
ATOM   1048 C CB  . SER A 1 150 ? -15.815 -3.090  6.121   1.00 22.83 ? 202 SER A CB  1 
ATOM   1049 O OG  . SER A 1 150 ? -17.016 -2.851  5.356   1.00 29.35 ? 202 SER A OG  1 
ATOM   1050 N N   . ALA A 1 151 ? -15.981 -4.469  3.149   1.00 15.47 ? 203 ALA A N   1 
ATOM   1051 C CA  . ALA A 1 151 ? -16.482 -5.658  2.432   1.00 15.20 ? 203 ALA A CA  1 
ATOM   1052 C C   . ALA A 1 151 ? -15.350 -6.448  1.818   1.00 14.67 ? 203 ALA A C   1 
ATOM   1053 O O   . ALA A 1 151 ? -15.719 -7.405  1.114   1.00 17.61 ? 203 ALA A O   1 
ATOM   1054 C CB  . ALA A 1 151 ? -17.550 -5.279  1.394   1.00 15.80 ? 203 ALA A CB  1 
ATOM   1055 N N   . GLY A 1 152 ? -14.077 -6.072  1.919   1.00 13.32 ? 207 GLY A N   1 
ATOM   1056 C CA  . GLY A 1 152 ? -13.015 -6.874  1.298   1.00 9.70  ? 207 GLY A CA  1 
ATOM   1057 C C   . GLY A 1 152 ? -12.627 -6.501  -0.113  1.00 8.49  ? 207 GLY A C   1 
ATOM   1058 O O   . GLY A 1 152 ? -11.916 -7.296  -0.765  1.00 8.89  ? 207 GLY A O   1 
ATOM   1059 N N   . GLN A 1 153 ? -13.011 -5.346  -0.615  1.00 8.51  ? 208 GLN A N   1 
ATOM   1060 C CA  . GLN A 1 153 ? -12.625 -4.920  -1.966  1.00 6.92  ? 208 GLN A CA  1 
ATOM   1061 C C   . GLN A 1 153 ? -11.388 -4.008  -1.818  1.00 6.38  ? 208 GLN A C   1 
ATOM   1062 O O   . GLN A 1 153 ? -11.405 -2.886  -1.281  1.00 5.83  ? 208 GLN A O   1 
ATOM   1063 C CB  . GLN A 1 153 ? -13.784 -4.207  -2.650  1.00 7.70  ? 208 GLN A CB  1 
ATOM   1064 C CG  . GLN A 1 153 ? -15.054 -5.067  -2.795  1.00 8.45  ? 208 GLN A CG  1 
ATOM   1065 C CD  . GLN A 1 153 ? -14.775 -6.290  -3.623  1.00 8.89  ? 208 GLN A CD  1 
ATOM   1066 O OE1 . GLN A 1 153 ? -14.012 -6.265  -4.565  1.00 9.45  ? 208 GLN A OE1 1 
ATOM   1067 N NE2 . GLN A 1 153 ? -15.441 -7.351  -3.163  1.00 7.93  ? 208 GLN A NE2 1 
ATOM   1068 N N   . ALA A 1 154 ? -10.301 -4.557  -2.329  1.00 5.35  ? 209 ALA A N   1 
ATOM   1069 C CA  . ALA A 1 154 ? -8.978  -3.895  -2.337  1.00 5.82  ? 209 ALA A CA  1 
ATOM   1070 C C   . ALA A 1 154 ? -9.014  -2.678  -3.270  1.00 6.50  ? 209 ALA A C   1 
ATOM   1071 O O   . ALA A 1 154 ? -9.360  -2.810  -4.482  1.00 7.37  ? 209 ALA A O   1 
ATOM   1072 C CB  . ALA A 1 154 ? -8.022  -4.945  -2.889  1.00 3.41  ? 209 ALA A CB  1 
ATOM   1073 N N   . GLN A 1 155 ? -8.607  -1.526  -2.791  1.00 5.32  ? 210 GLN A N   1 
ATOM   1074 C CA  . GLN A 1 155 ? -8.610  -0.260  -3.535  1.00 8.33  ? 210 GLN A CA  1 
ATOM   1075 C C   . GLN A 1 155 ? -7.266  0.259   -4.082  1.00 9.19  ? 210 GLN A C   1 
ATOM   1076 O O   . GLN A 1 155 ? -7.219  0.857   -5.184  1.00 7.90  ? 210 GLN A O   1 
ATOM   1077 C CB  . GLN A 1 155 ? -9.165  0.848   -2.599  1.00 7.82  ? 210 GLN A CB  1 
ATOM   1078 C CG  . GLN A 1 155 ? -10.543 0.456   -2.062  1.00 9.69  ? 210 GLN A CG  1 
ATOM   1079 C CD  . GLN A 1 155 ? -11.523 0.209   -3.194  1.00 12.15 ? 210 GLN A CD  1 
ATOM   1080 O OE1 . GLN A 1 155 ? -11.717 1.121   -4.001  1.00 11.60 ? 210 GLN A OE1 1 
ATOM   1081 N NE2 . GLN A 1 155 ? -12.165 -0.974  -3.290  1.00 11.67 ? 210 GLN A NE2 1 
ATOM   1082 N N   . GLY A 1 156 ? -6.184  0.060   -3.321  1.00 8.38  ? 211 GLY A N   1 
ATOM   1083 C CA  . GLY A 1 156 ? -4.866  0.561   -3.748  1.00 6.44  ? 211 GLY A CA  1 
ATOM   1084 C C   . GLY A 1 156 ? -3.853  0.519   -2.607  1.00 7.13  ? 211 GLY A C   1 
ATOM   1085 O O   . GLY A 1 156 ? -4.116  -0.183  -1.576  1.00 8.46  ? 211 GLY A O   1 
ATOM   1086 N N   . VAL A 1 157 ? -2.737  1.169   -2.850  1.00 6.63  ? 212 VAL A N   1 
ATOM   1087 C CA  . VAL A 1 157 ? -1.627  1.148   -1.867  1.00 6.76  ? 212 VAL A CA  1 
ATOM   1088 C C   . VAL A 1 157 ? -1.284  2.589   -1.539  1.00 7.29  ? 212 VAL A C   1 
ATOM   1089 O O   . VAL A 1 157 ? -1.289  3.515   -2.375  1.00 6.19  ? 212 VAL A O   1 
ATOM   1090 C CB  . VAL A 1 157 ? -0.438  0.362   -2.444  1.00 7.75  ? 212 VAL A CB  1 
ATOM   1091 C CG1 . VAL A 1 157 ? -0.671  -1.094  -2.729  1.00 6.44  ? 212 VAL A CG1 1 
ATOM   1092 C CG2 . VAL A 1 157 ? 0.078   0.976   -3.776  1.00 7.40  ? 212 VAL A CG2 1 
ATOM   1093 N N   . MET A 1 158 ? -0.971  2.741   -0.257  1.00 8.00  ? 213 MET A N   1 
ATOM   1094 C CA  . MET A 1 158 ? -0.584  4.020   0.378   1.00 5.80  ? 213 MET A CA  1 
ATOM   1095 C C   . MET A 1 158 ? 0.620   4.668   -0.336  1.00 7.57  ? 213 MET A C   1 
ATOM   1096 O O   . MET A 1 158 ? 1.713   4.090   -0.483  1.00 5.44  ? 213 MET A O   1 
ATOM   1097 C CB  . MET A 1 158 ? -0.271  3.778   1.861   1.00 4.91  ? 213 MET A CB  1 
ATOM   1098 C CG  . MET A 1 158 ? 0.108   5.090   2.552   1.00 5.61  ? 213 MET A CG  1 
ATOM   1099 S SD  . MET A 1 158 ? -1.427  5.961   3.161   1.00 7.22  ? 213 MET A SD  1 
ATOM   1100 C CE  . MET A 1 158 ? -1.248  7.524   2.339   1.00 5.69  ? 213 MET A CE  1 
ATOM   1101 N N   . SER A 1 159 ? 0.412   5.937   -0.725  1.00 6.73  ? 214 SER A N   1 
ATOM   1102 C CA  . SER A 1 159 ? 1.484   6.695   -1.374  1.00 6.21  ? 214 SER A CA  1 
ATOM   1103 C C   . SER A 1 159 ? 2.021   7.811   -0.472  1.00 5.39  ? 214 SER A C   1 
ATOM   1104 O O   . SER A 1 159 ? 3.231   7.719   -0.157  1.00 6.11  ? 214 SER A O   1 
ATOM   1105 C CB  . SER A 1 159 ? 0.978   7.309   -2.711  1.00 5.82  ? 214 SER A CB  1 
ATOM   1106 O OG  . SER A 1 159 ? 2.078   8.055   -3.315  1.00 6.54  ? 214 SER A OG  1 
ATOM   1107 N N   . GLY A 1 160 ? 1.175   8.791   -0.146  1.00 4.83  ? 215 GLY A N   1 
ATOM   1108 C CA  . GLY A 1 160 ? 1.733   9.921   0.687   1.00 4.49  ? 215 GLY A CA  1 
ATOM   1109 C C   . GLY A 1 160 ? 0.599   10.837  1.116   1.00 7.39  ? 215 GLY A C   1 
ATOM   1110 O O   . GLY A 1 160 ? -0.595  10.438  1.016   1.00 8.68  ? 215 GLY A O   1 
ATOM   1111 N N   . GLY A 1 161 ? 0.909   12.007  1.626   1.00 8.42  ? 216 GLY A N   1 
ATOM   1112 C CA  . GLY A 1 161 ? -0.167  12.921  2.118   1.00 10.81 ? 216 GLY A CA  1 
ATOM   1113 C C   . GLY A 1 161 ? 0.422   14.004  2.992   1.00 9.37  ? 216 GLY A C   1 
ATOM   1114 O O   . GLY A 1 161 ? 1.677   14.052  2.958   1.00 10.17 ? 216 GLY A O   1 
ATOM   1115 N N   . ASN A 1 162 ? -0.419  14.753  3.647   1.00 8.43  ? 217 ASN A N   1 
ATOM   1116 C CA  . ASN A 1 162 ? 0.103   15.900  4.439   1.00 9.83  ? 217 ASN A CA  1 
ATOM   1117 C C   . ASN A 1 162 ? 0.500   15.514  5.863   1.00 11.48 ? 217 ASN A C   1 
ATOM   1118 O O   . ASN A 1 162 ? -0.245  15.787  6.829   1.00 12.88 ? 217 ASN A O   1 
ATOM   1119 C CB  . ASN A 1 162 ? -0.920  17.001  4.330   1.00 9.18  ? 217 ASN A CB  1 
ATOM   1120 C CG  . ASN A 1 162 ? -2.288  16.647  4.903   1.00 11.83 ? 217 ASN A CG  1 
ATOM   1121 O OD1 . ASN A 1 162 ? -2.714  15.475  5.029   1.00 11.65 ? 217 ASN A OD1 1 
ATOM   1122 N ND2 . ASN A 1 162 ? -2.959  17.741  5.323   1.00 9.84  ? 217 ASN A ND2 1 
ATOM   1123 N N   . VAL A 1 163 A 1.669   14.920  5.959   1.00 12.27 ? 217 VAL A N   1 
ATOM   1124 C CA  . VAL A 1 163 A 2.224   14.495  7.244   1.00 16.21 ? 217 VAL A CA  1 
ATOM   1125 C C   . VAL A 1 163 A 2.545   15.781  8.016   1.00 15.18 ? 217 VAL A C   1 
ATOM   1126 O O   . VAL A 1 163 A 3.110   16.675  7.351   1.00 14.64 ? 217 VAL A O   1 
ATOM   1127 C CB  . VAL A 1 163 A 3.415   13.508  7.149   1.00 16.53 ? 217 VAL A CB  1 
ATOM   1128 C CG1 . VAL A 1 163 A 3.301   12.575  5.959   1.00 18.36 ? 217 VAL A CG1 1 
ATOM   1129 C CG2 . VAL A 1 163 A 4.742   14.163  7.041   1.00 18.32 ? 217 VAL A CG2 1 
ATOM   1130 N N   . GLN A 1 164 B 2.232   15.771  9.290   1.00 14.66 ? 217 GLN A N   1 
ATOM   1131 C CA  . GLN A 1 164 B 2.550   16.965  10.126  1.00 13.53 ? 217 GLN A CA  1 
ATOM   1132 C C   . GLN A 1 164 B 3.916   16.695  10.771  1.00 13.93 ? 217 GLN A C   1 
ATOM   1133 O O   . GLN A 1 164 B 4.582   15.666  10.570  1.00 12.98 ? 217 GLN A O   1 
ATOM   1134 C CB  . GLN A 1 164 B 1.411   17.189  11.097  1.00 12.86 ? 217 GLN A CB  1 
ATOM   1135 C CG  . GLN A 1 164 B 0.072   17.122  10.392  1.00 15.59 ? 217 GLN A CG  1 
ATOM   1136 C CD  . GLN A 1 164 B -0.069  18.337  9.494   1.00 18.29 ? 217 GLN A CD  1 
ATOM   1137 O OE1 . GLN A 1 164 B -0.003  19.437  10.039  1.00 20.30 ? 217 GLN A OE1 1 
ATOM   1138 N NE2 . GLN A 1 164 B -0.236  18.307  8.167   1.00 17.74 ? 217 GLN A NE2 1 
ATOM   1139 N N   . SER A 1 165 C 4.325   17.646  11.606  1.00 14.10 ? 217 SER A N   1 
ATOM   1140 C CA  . SER A 1 165 C 5.626   17.554  12.286  1.00 15.39 ? 217 SER A CA  1 
ATOM   1141 C C   . SER A 1 165 C 5.626   16.317  13.172  1.00 14.20 ? 217 SER A C   1 
ATOM   1142 O O   . SER A 1 165 C 6.817   15.963  13.363  1.00 17.05 ? 217 SER A O   1 
ATOM   1143 C CB  . SER A 1 165 C 6.013   18.896  12.925  1.00 17.95 ? 217 SER A CB  1 
ATOM   1144 O OG  . SER A 1 165 C 5.187   19.039  14.105  1.00 23.43 ? 217 SER A OG  1 
ATOM   1145 N N   . ASN A 1 166 D 4.559   15.727  13.647  1.00 9.70  ? 217 ASN A N   1 
ATOM   1146 C CA  . ASN A 1 166 D 4.701   14.516  14.462  1.00 9.73  ? 217 ASN A CA  1 
ATOM   1147 C C   . ASN A 1 166 D 4.791   13.241  13.598  1.00 10.41 ? 217 ASN A C   1 
ATOM   1148 O O   . ASN A 1 166 D 4.741   12.106  14.127  1.00 9.59  ? 217 ASN A O   1 
ATOM   1149 C CB  . ASN A 1 166 D 3.530   14.517  15.436  1.00 10.02 ? 217 ASN A CB  1 
ATOM   1150 C CG  . ASN A 1 166 D 2.222   14.274  14.679  1.00 11.74 ? 217 ASN A CG  1 
ATOM   1151 O OD1 . ASN A 1 166 D 2.061   14.407  13.436  1.00 9.35  ? 217 ASN A OD1 1 
ATOM   1152 N ND2 . ASN A 1 166 D 1.255   13.852  15.492  1.00 10.77 ? 217 ASN A ND2 1 
ATOM   1153 N N   . GLY A 1 167 E 4.904   13.368  12.278  1.00 9.83  ? 217 GLY A N   1 
ATOM   1154 C CA  . GLY A 1 167 E 5.066   12.190  11.400  1.00 7.39  ? 217 GLY A CA  1 
ATOM   1155 C C   . GLY A 1 167 E 3.786   11.544  10.899  1.00 8.14  ? 217 GLY A C   1 
ATOM   1156 O O   . GLY A 1 167 E 3.930   10.549  10.157  1.00 10.32 ? 217 GLY A O   1 
ATOM   1157 N N   . ASN A 1 168 ? 2.632   12.093  11.204  1.00 6.32  ? 218 ASN A N   1 
ATOM   1158 C CA  . ASN A 1 168 ? 1.361   11.547  10.711  1.00 7.80  ? 218 ASN A CA  1 
ATOM   1159 C C   . ASN A 1 168 ? 0.395   12.711  10.489  1.00 8.97  ? 218 ASN A C   1 
ATOM   1160 O O   . ASN A 1 168 ? 0.721   13.883  10.795  1.00 10.36 ? 218 ASN A O   1 
ATOM   1161 C CB  . ASN A 1 168 ? 0.880   10.494  11.722  1.00 6.99  ? 218 ASN A CB  1 
ATOM   1162 C CG  . ASN A 1 168 ? 0.524   10.992  13.109  1.00 7.75  ? 218 ASN A CG  1 
ATOM   1163 O OD1 . ASN A 1 168 ? -0.429  11.792  13.237  1.00 8.91  ? 218 ASN A OD1 1 
ATOM   1164 N ND2 . ASN A 1 168 ? 1.225   10.511  14.122  1.00 5.26  ? 218 ASN A ND2 1 
ATOM   1165 N N   . ASN A 1 169 ? -0.814  12.438  10.066  1.00 9.09  ? 219 ASN A N   1 
ATOM   1166 C CA  . ASN A 1 169 ? -1.883  13.412  9.913   1.00 8.65  ? 219 ASN A CA  1 
ATOM   1167 C C   . ASN A 1 169 ? -3.012  12.990  10.867  1.00 9.59  ? 219 ASN A C   1 
ATOM   1168 O O   . ASN A 1 169 ? -4.154  13.462  10.680  1.00 9.73  ? 219 ASN A O   1 
ATOM   1169 C CB  . ASN A 1 169 ? -2.339  13.792  8.507   1.00 7.46  ? 219 ASN A CB  1 
ATOM   1170 C CG  . ASN A 1 169 ? -2.845  12.630  7.713   1.00 6.85  ? 219 ASN A CG  1 
ATOM   1171 O OD1 . ASN A 1 169 ? -3.121  11.537  8.217   1.00 7.08  ? 219 ASN A OD1 1 
ATOM   1172 N ND2 . ASN A 1 169 ? -2.989  12.829  6.393   1.00 7.67  ? 219 ASN A ND2 1 
ATOM   1173 N N   . CYS A 1 170 ? -2.740  12.164  11.863  1.00 8.69  ? 220 CYS A N   1 
ATOM   1174 C CA  . CYS A 1 170 ? -3.734  11.730  12.802  1.00 9.96  ? 220 CYS A CA  1 
ATOM   1175 C C   . CYS A 1 170 ? -4.057  12.830  13.791  1.00 12.41 ? 220 CYS A C   1 
ATOM   1176 O O   . CYS A 1 170 ? -5.169  12.615  14.287  1.00 14.77 ? 220 CYS A O   1 
ATOM   1177 C CB  . CYS A 1 170 ? -3.343  10.433  13.511  1.00 9.42  ? 220 CYS A CB  1 
ATOM   1178 S SG  . CYS A 1 170 ? -3.082  9.026   12.368  1.00 10.39 ? 220 CYS A SG  1 
ATOM   1179 N N   . GLY A 1 171 ? -3.318  13.879  14.049  1.00 13.62 ? 221 GLY A N   1 
ATOM   1180 C CA  . GLY A 1 171 ? -3.708  14.863  15.049  1.00 13.99 ? 221 GLY A CA  1 
ATOM   1181 C C   . GLY A 1 171 ? -4.420  16.066  14.441  1.00 18.41 ? 221 GLY A C   1 
ATOM   1182 O O   . GLY A 1 171 ? -4.488  17.073  15.163  1.00 20.01 ? 221 GLY A O   1 
ATOM   1183 N N   . ILE A 1 172 A -4.897  16.041  13.206  1.00 16.85 ? 221 ILE A N   1 
ATOM   1184 C CA  . ILE A 1 172 A -5.615  17.114  12.543  1.00 16.85 ? 221 ILE A CA  1 
ATOM   1185 C C   . ILE A 1 172 A -6.963  16.454  12.214  1.00 18.82 ? 221 ILE A C   1 
ATOM   1186 O O   . ILE A 1 172 A -7.030  15.219  12.098  1.00 19.73 ? 221 ILE A O   1 
ATOM   1187 C CB  . ILE A 1 172 A -4.878  17.752  11.354  1.00 15.87 ? 221 ILE A CB  1 
ATOM   1188 C CG1 . ILE A 1 172 A -4.481  16.722  10.286  1.00 14.99 ? 221 ILE A CG1 1 
ATOM   1189 C CG2 . ILE A 1 172 A -3.634  18.521  11.817  1.00 15.65 ? 221 ILE A CG2 1 
ATOM   1190 C CD1 . ILE A 1 172 A -4.218  17.348  8.873   1.00 13.02 ? 221 ILE A CD1 1 
ATOM   1191 N N   . PRO A 1 173 B -7.982  17.282  12.053  1.00 19.97 ? 221 PRO A N   1 
ATOM   1192 C CA  . PRO A 1 173 B -9.340  16.756  11.824  1.00 19.05 ? 221 PRO A CA  1 
ATOM   1193 C C   . PRO A 1 173 B -9.459  16.092  10.480  1.00 17.47 ? 221 PRO A C   1 
ATOM   1194 O O   . PRO A 1 173 B -8.750  16.565  9.600   1.00 17.22 ? 221 PRO A O   1 
ATOM   1195 C CB  . PRO A 1 173 B -10.258 17.950  12.067  1.00 18.57 ? 221 PRO A CB  1 
ATOM   1196 C CG  . PRO A 1 173 B -9.378  19.115  12.414  1.00 19.49 ? 221 PRO A CG  1 
ATOM   1197 C CD  . PRO A 1 173 B -7.940  18.761  12.145  1.00 18.78 ? 221 PRO A CD  1 
ATOM   1198 N N   . ALA A 1 174 C -10.352 15.161  10.339  1.00 15.84 ? 221 ALA A N   1 
ATOM   1199 C CA  . ALA A 1 174 C -10.579 14.439  9.096   1.00 15.66 ? 221 ALA A CA  1 
ATOM   1200 C C   . ALA A 1 174 C -10.733 15.400  7.953   1.00 16.41 ? 221 ALA A C   1 
ATOM   1201 O O   . ALA A 1 174 C -10.201 15.172  6.867   1.00 17.57 ? 221 ALA A O   1 
ATOM   1202 C CB  . ALA A 1 174 C -11.733 13.475  9.264   1.00 13.86 ? 221 ALA A CB  1 
ATOM   1203 N N   . SER A 1 175 ? -11.429 16.470  8.097   1.00 18.24 ? 222 SER A N   1 
ATOM   1204 C CA  . SER A 1 175 ? -11.686 17.467  7.076   1.00 19.04 ? 222 SER A CA  1 
ATOM   1205 C C   . SER A 1 175 ? -10.374 18.016  6.563   1.00 18.82 ? 222 SER A C   1 
ATOM   1206 O O   . SER A 1 175 ? -10.475 18.472  5.405   1.00 22.24 ? 222 SER A O   1 
ATOM   1207 C CB  . SER A 1 175 ? -12.599 18.602  7.534   1.00 20.21 ? 222 SER A CB  1 
ATOM   1208 O OG  . SER A 1 175 ? -12.009 19.270  8.662   1.00 23.71 ? 222 SER A OG  1 
ATOM   1209 N N   . GLN A 1 176 ? -9.285  18.010  7.243   1.00 17.39 ? 223 GLN A N   1 
ATOM   1210 C CA  . GLN A 1 176 ? -8.058  18.621  6.760   1.00 17.34 ? 223 GLN A CA  1 
ATOM   1211 C C   . GLN A 1 176 ? -7.050  17.596  6.336   1.00 16.63 ? 223 GLN A C   1 
ATOM   1212 O O   . GLN A 1 176 ? -5.920  18.058  6.084   1.00 15.99 ? 223 GLN A O   1 
ATOM   1213 C CB  . GLN A 1 176 ? -7.472  19.443  7.908   1.00 21.59 ? 223 GLN A CB  1 
ATOM   1214 C CG  . GLN A 1 176 ? -8.125  20.788  8.256   1.00 28.23 ? 223 GLN A CG  1 
ATOM   1215 C CD  . GLN A 1 176 ? -7.593  21.262  9.600   1.00 33.31 ? 223 GLN A CD  1 
ATOM   1216 O OE1 . GLN A 1 176 ? -6.398  21.180  9.972   1.00 34.99 ? 223 GLN A OE1 1 
ATOM   1217 N NE2 . GLN A 1 176 ? -8.481  21.786  10.462  1.00 35.46 ? 223 GLN A NE2 1 
ATOM   1218 N N   . ARG A 1 177 ? -7.393  16.321  6.255   1.00 13.29 ? 224 ARG A N   1 
ATOM   1219 C CA  . ARG A 1 177 ? -6.349  15.346  5.883   1.00 11.81 ? 224 ARG A CA  1 
ATOM   1220 C C   . ARG A 1 177 ? -6.308  15.044  4.406   1.00 11.91 ? 224 ARG A C   1 
ATOM   1221 O O   . ARG A 1 177 ? -7.430  14.933  3.913   1.00 14.26 ? 224 ARG A O   1 
ATOM   1222 C CB  . ARG A 1 177 ? -6.714  14.021  6.567   1.00 9.74  ? 224 ARG A CB  1 
ATOM   1223 C CG  . ARG A 1 177 ? -6.498  14.131  8.055   1.00 9.91  ? 224 ARG A CG  1 
ATOM   1224 C CD  . ARG A 1 177 ? -7.005  12.850  8.654   1.00 10.44 ? 224 ARG A CD  1 
ATOM   1225 N NE  . ARG A 1 177 ? -7.138  12.958  10.078  1.00 10.31 ? 224 ARG A NE  1 
ATOM   1226 C CZ  . ARG A 1 177 ? -7.970  12.178  10.746  1.00 13.22 ? 224 ARG A CZ  1 
ATOM   1227 N NH1 . ARG A 1 177 ? -8.738  11.254  10.200  1.00 12.20 ? 224 ARG A NH1 1 
ATOM   1228 N NH2 . ARG A 1 177 ? -8.061  12.374  12.058  1.00 14.10 ? 224 ARG A NH2 1 
ATOM   1229 N N   . SER A 1 178 ? -5.179  14.856  3.811   1.00 10.67 ? 225 SER A N   1 
ATOM   1230 C CA  . SER A 1 178 ? -5.122  14.422  2.394   1.00 11.28 ? 225 SER A CA  1 
ATOM   1231 C C   . SER A 1 178 ? -4.235  13.172  2.477   1.00 10.73 ? 225 SER A C   1 
ATOM   1232 O O   . SER A 1 178 ? -3.021  13.404  2.762   1.00 12.64 ? 225 SER A O   1 
ATOM   1233 C CB  . SER A 1 178 ? -4.447  15.464  1.529   1.00 14.05 ? 225 SER A CB  1 
ATOM   1234 O OG  . SER A 1 178 ? -4.266  14.872  0.248   1.00 15.80 ? 225 SER A OG  1 
ATOM   1235 N N   . SER A 1 179 ? -4.761  11.983  2.359   1.00 7.55  ? 226 SER A N   1 
ATOM   1236 C CA  . SER A 1 179 ? -3.991  10.732  2.443   1.00 8.48  ? 226 SER A CA  1 
ATOM   1237 C C   . SER A 1 179 ? -4.223  10.123  1.055   1.00 9.66  ? 226 SER A C   1 
ATOM   1238 O O   . SER A 1 179 ? -5.407  9.801   0.831   1.00 11.68 ? 226 SER A O   1 
ATOM   1239 C CB  . SER A 1 179 ? -4.622  9.780   3.487   1.00 7.50  ? 226 SER A CB  1 
ATOM   1240 O OG  . SER A 1 179 ? -4.515  10.436  4.743   1.00 10.35 ? 226 SER A OG  1 
ATOM   1241 N N   . LEU A 1 180 ? -3.201  9.944   0.261   1.00 8.64  ? 227 LEU A N   1 
ATOM   1242 C CA  . LEU A 1 180 ? -3.294  9.470   -1.115  1.00 9.54  ? 227 LEU A CA  1 
ATOM   1243 C C   . LEU A 1 180 ? -2.802  8.065   -1.408  1.00 9.23  ? 227 LEU A C   1 
ATOM   1244 O O   . LEU A 1 180 ? -1.777  7.656   -0.854  1.00 9.73  ? 227 LEU A O   1 
ATOM   1245 C CB  . LEU A 1 180 ? -2.406  10.459  -1.895  1.00 10.64 ? 227 LEU A CB  1 
ATOM   1246 C CG  . LEU A 1 180 ? -2.723  11.939  -1.595  1.00 13.42 ? 227 LEU A CG  1 
ATOM   1247 C CD1 . LEU A 1 180 ? -1.615  12.819  -2.202  1.00 13.70 ? 227 LEU A CD1 1 
ATOM   1248 C CD2 . LEU A 1 180 ? -4.107  12.339  -2.096  1.00 13.73 ? 227 LEU A CD2 1 
ATOM   1249 N N   . PHE A 1 181 ? -3.585  7.357   -2.224  1.00 7.05  ? 228 PHE A N   1 
ATOM   1250 C CA  . PHE A 1 181 ? -3.257  5.978   -2.577  1.00 7.91  ? 228 PHE A CA  1 
ATOM   1251 C C   . PHE A 1 181 ? -3.251  5.848   -4.113  1.00 9.23  ? 228 PHE A C   1 
ATOM   1252 O O   . PHE A 1 181 ? -4.050  6.564   -4.740  1.00 8.37  ? 228 PHE A O   1 
ATOM   1253 C CB  . PHE A 1 181 ? -4.155  4.950   -1.888  1.00 7.48  ? 228 PHE A CB  1 
ATOM   1254 C CG  . PHE A 1 181 ? -5.625  4.889   -2.204  1.00 8.83  ? 228 PHE A CG  1 
ATOM   1255 C CD1 . PHE A 1 181 ? -6.088  4.137   -3.285  1.00 7.79  ? 228 PHE A CD1 1 
ATOM   1256 C CD2 . PHE A 1 181 ? -6.553  5.557   -1.404  1.00 8.93  ? 228 PHE A CD2 1 
ATOM   1257 C CE1 . PHE A 1 181 ? -7.444  4.079   -3.559  1.00 9.76  ? 228 PHE A CE1 1 
ATOM   1258 C CE2 . PHE A 1 181 ? -7.935  5.479   -1.642  1.00 8.90  ? 228 PHE A CE2 1 
ATOM   1259 C CZ  . PHE A 1 181 ? -8.375  4.718   -2.736  1.00 8.27  ? 228 PHE A CZ  1 
ATOM   1260 N N   . GLU A 1 182 ? -2.398  4.941   -4.560  1.00 8.03  ? 229 GLU A N   1 
ATOM   1261 C CA  . GLU A 1 182 ? -2.303  4.572   -5.985  1.00 9.41  ? 229 GLU A CA  1 
ATOM   1262 C C   . GLU A 1 182 ? -3.368  3.486   -6.232  1.00 7.79  ? 229 GLU A C   1 
ATOM   1263 O O   . GLU A 1 182 ? -3.396  2.518   -5.429  1.00 7.45  ? 229 GLU A O   1 
ATOM   1264 C CB  . GLU A 1 182 ? -0.902  3.990   -6.228  1.00 7.81  ? 229 GLU A CB  1 
ATOM   1265 C CG  . GLU A 1 182 ? -0.513  3.258   -7.505  1.00 7.90  ? 229 GLU A CG  1 
ATOM   1266 C CD  . GLU A 1 182 ? -0.334  4.355   -8.564  1.00 10.69 ? 229 GLU A CD  1 
ATOM   1267 O OE1 . GLU A 1 182 ? -1.089  5.354   -8.710  1.00 12.20 ? 229 GLU A OE1 1 
ATOM   1268 O OE2 . GLU A 1 182 ? 0.672   4.211   -9.282  1.00 8.94  ? 229 GLU A OE2 1 
ATOM   1269 N N   . ARG A 1 183 ? -4.225  3.621   -7.205  1.00 6.33  ? 230 ARG A N   1 
ATOM   1270 C CA  . ARG A 1 183 ? -5.269  2.652   -7.547  1.00 7.61  ? 230 ARG A CA  1 
ATOM   1271 C C   . ARG A 1 183 ? -4.686  1.287   -7.808  1.00 6.89  ? 230 ARG A C   1 
ATOM   1272 O O   . ARG A 1 183 ? -3.619  1.250   -8.417  1.00 6.50  ? 230 ARG A O   1 
ATOM   1273 C CB  . ARG A 1 183 ? -6.021  3.004   -8.834  1.00 6.77  ? 230 ARG A CB  1 
ATOM   1274 C CG  . ARG A 1 183 ? -6.751  4.323   -8.547  1.00 8.80  ? 230 ARG A CG  1 
ATOM   1275 C CD  . ARG A 1 183 ? -7.324  4.947   -9.796  1.00 10.88 ? 230 ARG A CD  1 
ATOM   1276 N NE  . ARG A 1 183 ? -8.146  4.002   -10.539 1.00 13.49 ? 230 ARG A NE  1 
ATOM   1277 C CZ  . ARG A 1 183 ? -7.826  3.605   -11.774 1.00 15.64 ? 230 ARG A CZ  1 
ATOM   1278 N NH1 . ARG A 1 183 ? -6.861  4.023   -12.600 1.00 13.67 ? 230 ARG A NH1 1 
ATOM   1279 N NH2 . ARG A 1 183 ? -8.545  2.581   -12.256 1.00 15.90 ? 230 ARG A NH2 1 
ATOM   1280 N N   . LEU A 1 184 ? -5.282  0.224   -7.309  1.00 8.13  ? 231 LEU A N   1 
ATOM   1281 C CA  . LEU A 1 184 ? -4.737  -1.140  -7.522  1.00 6.69  ? 231 LEU A CA  1 
ATOM   1282 C C   . LEU A 1 184 ? -4.971  -1.627  -8.939  1.00 7.83  ? 231 LEU A C   1 
ATOM   1283 O O   . LEU A 1 184 ? -4.081  -2.316  -9.435  1.00 8.95  ? 231 LEU A O   1 
ATOM   1284 C CB  . LEU A 1 184 ? -5.462  -2.041  -6.467  1.00 6.11  ? 231 LEU A CB  1 
ATOM   1285 C CG  . LEU A 1 184 ? -5.065  -3.498  -6.496  1.00 9.03  ? 231 LEU A CG  1 
ATOM   1286 C CD1 . LEU A 1 184 ? -3.566  -3.752  -6.312  1.00 6.78  ? 231 LEU A CD1 1 
ATOM   1287 C CD2 . LEU A 1 184 ? -5.839  -4.404  -5.536  1.00 7.95  ? 231 LEU A CD2 1 
ATOM   1288 N N   . GLN A 1 185 ? -6.092  -1.349  -9.587  1.00 9.91  ? 232 GLN A N   1 
ATOM   1289 C CA  . GLN A 1 185 ? -6.384  -1.873  -10.945 1.00 12.85 ? 232 GLN A CA  1 
ATOM   1290 C C   . GLN A 1 185 ? -5.271  -1.778  -11.990 1.00 11.92 ? 232 GLN A C   1 
ATOM   1291 O O   . GLN A 1 185 ? -4.863  -2.804  -12.549 1.00 11.66 ? 232 GLN A O   1 
ATOM   1292 C CB  . GLN A 1 185 ? -7.764  -1.505  -11.458 1.00 15.86 ? 232 GLN A CB  1 
ATOM   1293 C CG  . GLN A 1 185 ? -8.834  -2.424  -10.842 1.00 23.37 ? 232 GLN A CG  1 
ATOM   1294 C CD  . GLN A 1 185 ? -10.201 -1.804  -11.016 1.00 28.46 ? 232 GLN A CD  1 
ATOM   1295 O OE1 . GLN A 1 185 ? -10.468 -0.834  -11.787 1.00 32.86 ? 232 GLN A OE1 1 
ATOM   1296 N NE2 . GLN A 1 185 ? -11.216 -2.306  -10.318 1.00 27.97 ? 232 GLN A NE2 1 
ATOM   1297 N N   . PRO A 1 186 ? -4.738  -0.603  -12.216 1.00 11.60 ? 233 PRO A N   1 
ATOM   1298 C CA  . PRO A 1 186 ? -3.652  -0.395  -13.195 1.00 11.55 ? 233 PRO A CA  1 
ATOM   1299 C C   . PRO A 1 186 ? -2.402  -1.114  -12.757 1.00 10.80 ? 233 PRO A C   1 
ATOM   1300 O O   . PRO A 1 186 ? -1.611  -1.525  -13.633 1.00 10.33 ? 233 PRO A O   1 
ATOM   1301 C CB  . PRO A 1 186 ? -3.623  1.125   -13.334 1.00 10.82 ? 233 PRO A CB  1 
ATOM   1302 C CG  . PRO A 1 186 ? -4.062  1.662   -12.025 1.00 11.73 ? 233 PRO A CG  1 
ATOM   1303 C CD  . PRO A 1 186 ? -5.184  0.670   -11.617 1.00 11.31 ? 233 PRO A CD  1 
ATOM   1304 N N   . ILE A 1 187 ? -2.177  -1.304  -11.465 1.00 9.70  ? 234 ILE A N   1 
ATOM   1305 C CA  . ILE A 1 187 ? -0.971  -2.059  -11.033 1.00 9.40  ? 234 ILE A CA  1 
ATOM   1306 C C   . ILE A 1 187 ? -1.162  -3.526  -11.500 1.00 9.70  ? 234 ILE A C   1 
ATOM   1307 O O   . ILE A 1 187 ? -0.198  -4.101  -12.046 1.00 11.18 ? 234 ILE A O   1 
ATOM   1308 C CB  . ILE A 1 187 ? -0.659  -2.015  -9.476  1.00 8.24  ? 234 ILE A CB  1 
ATOM   1309 C CG1 . ILE A 1 187 ? -0.735  -0.613  -8.874  1.00 8.44  ? 234 ILE A CG1 1 
ATOM   1310 C CG2 . ILE A 1 187 ? 0.666   -2.779  -9.145  1.00 5.19  ? 234 ILE A CG2 1 
ATOM   1311 C CD1 . ILE A 1 187 ? -0.453  -0.486  -7.350  1.00 6.83  ? 234 ILE A CD1 1 
ATOM   1312 N N   . LEU A 1 188 ? -2.311  -4.160  -11.217 1.00 7.79  ? 235 LEU A N   1 
ATOM   1313 C CA  . LEU A 1 188 ? -2.529  -5.547  -11.595 1.00 7.15  ? 235 LEU A CA  1 
ATOM   1314 C C   . LEU A 1 188 ? -2.404  -5.753  -13.125 1.00 6.99  ? 235 LEU A C   1 
ATOM   1315 O O   . LEU A 1 188 ? -1.762  -6.740  -13.539 1.00 6.03  ? 235 LEU A O   1 
ATOM   1316 C CB  . LEU A 1 188 ? -3.956  -5.926  -11.106 1.00 8.85  ? 235 LEU A CB  1 
ATOM   1317 C CG  . LEU A 1 188 ? -4.239  -5.838  -9.604  1.00 10.05 ? 235 LEU A CG  1 
ATOM   1318 C CD1 . LEU A 1 188 ? -5.631  -6.323  -9.344  1.00 8.54  ? 235 LEU A CD1 1 
ATOM   1319 C CD2 . LEU A 1 188 ? -3.219  -6.757  -8.906  1.00 9.14  ? 235 LEU A CD2 1 
ATOM   1320 N N   . SER A 1 189 A -2.998  -4.834  -13.895 1.00 5.40  ? 235 SER A N   1 
ATOM   1321 C CA  . SER A 1 189 A -2.892  -5.026  -15.331 1.00 9.07  ? 235 SER A CA  1 
ATOM   1322 C C   . SER A 1 189 A -1.493  -4.720  -15.870 1.00 10.82 ? 235 SER A C   1 
ATOM   1323 O O   . SER A 1 189 A -1.040  -5.495  -16.754 1.00 11.23 ? 235 SER A O   1 
ATOM   1324 C CB  . SER A 1 189 A -4.059  -4.429  -16.086 1.00 9.01  ? 235 SER A CB  1 
ATOM   1325 O OG  . SER A 1 189 A -4.006  -3.069  -15.837 1.00 9.80  ? 235 SER A OG  1 
ATOM   1326 N N   . GLN A 1 190 ? -0.845  -3.703  -15.339 1.00 9.84  ? 236 GLN A N   1 
ATOM   1327 C CA  . GLN A 1 190 ? 0.495   -3.331  -15.821 1.00 10.40 ? 236 GLN A CA  1 
ATOM   1328 C C   . GLN A 1 190 ? 1.446   -4.520  -15.656 1.00 11.24 ? 236 GLN A C   1 
ATOM   1329 O O   . GLN A 1 190 ? 2.211   -4.831  -16.615 1.00 12.27 ? 236 GLN A O   1 
ATOM   1330 C CB  . GLN A 1 190 ? 1.051   -2.073  -15.121 1.00 10.98 ? 236 GLN A CB  1 
ATOM   1331 C CG  . GLN A 1 190 ? 2.455   -1.860  -15.701 1.00 12.88 ? 236 GLN A CG  1 
ATOM   1332 C CD  . GLN A 1 190 ? 2.961   -0.519  -15.286 1.00 14.44 ? 236 GLN A CD  1 
ATOM   1333 O OE1 . GLN A 1 190 ? 2.354   0.328   -14.678 1.00 15.26 ? 236 GLN A OE1 1 
ATOM   1334 N NE2 . GLN A 1 190 ? 4.218   -0.354  -15.616 1.00 15.02 ? 236 GLN A NE2 1 
ATOM   1335 N N   . TYR A 1 191 ? 1.334   -5.203  -14.501 1.00 8.87  ? 237 TYR A N   1 
ATOM   1336 C CA  . TYR A 1 191 ? 2.255   -6.362  -14.332 1.00 8.45  ? 237 TYR A CA  1 
ATOM   1337 C C   . TYR A 1 191 ? 1.640   -7.727  -14.551 1.00 8.51  ? 237 TYR A C   1 
ATOM   1338 O O   . TYR A 1 191 ? 2.462   -8.632  -14.301 1.00 8.86  ? 237 TYR A O   1 
ATOM   1339 C CB  . TYR A 1 191 ? 2.952   -6.203  -12.970 1.00 9.15  ? 237 TYR A CB  1 
ATOM   1340 C CG  . TYR A 1 191 ? 3.662   -4.882  -12.766 1.00 9.62  ? 237 TYR A CG  1 
ATOM   1341 C CD1 . TYR A 1 191 ? 3.295   -3.999  -11.724 1.00 12.10 ? 237 TYR A CD1 1 
ATOM   1342 C CD2 . TYR A 1 191 ? 4.700   -4.507  -13.590 1.00 9.62  ? 237 TYR A CD2 1 
ATOM   1343 C CE1 . TYR A 1 191 ? 3.962   -2.786  -11.505 1.00 11.77 ? 237 TYR A CE1 1 
ATOM   1344 C CE2 . TYR A 1 191 ? 5.385   -3.299  -13.378 1.00 11.89 ? 237 TYR A CE2 1 
ATOM   1345 C CZ  . TYR A 1 191 ? 5.007   -2.442  -12.352 1.00 11.69 ? 237 TYR A CZ  1 
ATOM   1346 O OH  . TYR A 1 191 ? 5.706   -1.287  -12.260 1.00 12.85 ? 237 TYR A OH  1 
ATOM   1347 N N   . GLY A 1 192 ? 0.383   -7.857  -14.974 1.00 7.42  ? 238 GLY A N   1 
ATOM   1348 C CA  . GLY A 1 192 ? -0.139  -9.209  -15.241 1.00 5.78  ? 238 GLY A CA  1 
ATOM   1349 C C   . GLY A 1 192 ? -0.342  -9.930  -13.921 1.00 7.68  ? 238 GLY A C   1 
ATOM   1350 O O   . GLY A 1 192 ? -0.094  -11.182 -13.924 1.00 9.53  ? 238 GLY A O   1 
ATOM   1351 N N   . LEU A 1 193 ? -0.702  -9.240  -12.837 1.00 6.81  ? 239 LEU A N   1 
ATOM   1352 C CA  . LEU A 1 193 ? -0.805  -9.987  -11.532 1.00 7.70  ? 239 LEU A CA  1 
ATOM   1353 C C   . LEU A 1 193 ? -2.222  -10.417 -11.178 1.00 7.64  ? 239 LEU A C   1 
ATOM   1354 O O   . LEU A 1 193 ? -3.116  -9.696  -11.634 1.00 7.36  ? 239 LEU A O   1 
ATOM   1355 C CB  . LEU A 1 193 ? -0.298  -9.040  -10.404 1.00 4.45  ? 239 LEU A CB  1 
ATOM   1356 C CG  . LEU A 1 193 ? 1.034   -8.342  -10.660 1.00 6.95  ? 239 LEU A CG  1 
ATOM   1357 C CD1 . LEU A 1 193 ? 1.381   -7.262  -9.643  1.00 5.74  ? 239 LEU A CD1 1 
ATOM   1358 C CD2 . LEU A 1 193 ? 2.135   -9.429  -10.680 1.00 5.35  ? 239 LEU A CD2 1 
ATOM   1359 N N   . SER A 1 194 ? -2.393  -11.437 -10.403 1.00 8.55  ? 240 SER A N   1 
ATOM   1360 C CA  . SER A 1 194 ? -3.750  -11.804 -9.927  1.00 11.44 ? 240 SER A CA  1 
ATOM   1361 C C   . SER A 1 194 ? -3.752  -11.666 -8.389  1.00 10.62 ? 240 SER A C   1 
ATOM   1362 O O   . SER A 1 194 ? -2.778  -12.076 -7.720  1.00 11.34 ? 240 SER A O   1 
ATOM   1363 C CB  . SER A 1 194 ? -4.086  -13.240 -10.302 1.00 15.81 ? 240 SER A CB  1 
ATOM   1364 O OG  . SER A 1 194 ? -4.065  -13.328 -11.728 1.00 20.67 ? 240 SER A OG  1 
ATOM   1365 N N   . LEU A 1 195 ? -4.793  -11.102 -7.831  1.00 10.63 ? 241 LEU A N   1 
ATOM   1366 C CA  . LEU A 1 195 ? -4.848  -10.869 -6.361  1.00 10.64 ? 241 LEU A CA  1 
ATOM   1367 C C   . LEU A 1 195 ? -5.147  -12.191 -5.683  1.00 10.44 ? 241 LEU A C   1 
ATOM   1368 O O   . LEU A 1 195 ? -5.979  -12.879 -6.300  1.00 9.88  ? 241 LEU A O   1 
ATOM   1369 C CB  . LEU A 1 195 ? -6.048  -9.906  -6.223  1.00 11.72 ? 241 LEU A CB  1 
ATOM   1370 C CG  . LEU A 1 195 ? -6.253  -9.065  -4.990  1.00 13.14 ? 241 LEU A CG  1 
ATOM   1371 C CD1 . LEU A 1 195 ? -5.019  -8.226  -4.635  1.00 10.81 ? 241 LEU A CD1 1 
ATOM   1372 C CD2 . LEU A 1 195 ? -7.471  -8.153  -5.259  1.00 11.63 ? 241 LEU A CD2 1 
ATOM   1373 N N   . VAL A 1 196 ? -4.585  -12.495 -4.548  1.00 9.62  ? 242 VAL A N   1 
ATOM   1374 C CA  . VAL A 1 196 ? -4.961  -13.741 -3.816  1.00 9.38  ? 242 VAL A CA  1 
ATOM   1375 C C   . VAL A 1 196 ? -6.259  -13.457 -3.076  1.00 10.41 ? 242 VAL A C   1 
ATOM   1376 O O   . VAL A 1 196 ? -6.182  -12.442 -2.357  1.00 11.66 ? 242 VAL A O   1 
ATOM   1377 C CB  . VAL A 1 196 ? -3.788  -14.014 -2.871  1.00 9.02  ? 242 VAL A CB  1 
ATOM   1378 C CG1 . VAL A 1 196 ? -4.133  -15.130 -1.907  1.00 8.32  ? 242 VAL A CG1 1 
ATOM   1379 C CG2 . VAL A 1 196 ? -2.549  -14.438 -3.708  1.00 7.20  ? 242 VAL A CG2 1 
ATOM   1380 N N   . THR A 1 197 ? -7.330  -14.202 -3.192  1.00 11.24 ? 243 THR A N   1 
ATOM   1381 C CA  . THR A 1 197 ? -8.586  -13.871 -2.471  1.00 10.31 ? 243 THR A CA  1 
ATOM   1382 C C   . THR A 1 197 ? -9.065  -14.993 -1.578  1.00 10.10 ? 243 THR A C   1 
ATOM   1383 O O   . THR A 1 197 ? -8.493  -16.054 -1.724  1.00 9.25  ? 243 THR A O   1 
ATOM   1384 C CB  . THR A 1 197 ? -9.681  -13.306 -3.446  1.00 10.94 ? 243 THR A CB  1 
ATOM   1385 O OG1 . THR A 1 197 ? -9.956  -14.485 -4.302  1.00 11.72 ? 243 THR A OG1 1 
ATOM   1386 C CG2 . THR A 1 197 ? -9.240  -12.086 -4.277  1.00 10.79 ? 243 THR A CG2 1 
ATOM   1387 N N   . GLY A 1 198 ? -10.003 -14.792 -0.677  1.00 9.59  ? 244 GLY A N   1 
ATOM   1388 C CA  . GLY A 1 198 ? -10.454 -15.861 0.215   1.00 10.33 ? 244 GLY A CA  1 
ATOM   1389 C C   . GLY A 1 198 ? -11.933 -15.714 0.508   1.00 12.30 ? 244 GLY A C   1 
ATOM   1390 O O   . GLY A 1 198 ? -12.292 -16.256 1.562   1.00 15.14 ? 244 GLY A O   1 
ATOM   1391 O OXT . GLY A 1 198 ? -12.640 -15.032 -0.226  1.00 13.26 ? 244 GLY A OXT 1 
ATOM   1392 N N   . ALA B 2 2   ? 2.701   17.757  0.417   1.00 24.99 ? 4   ALA P N   1 
ATOM   1393 C CA  . ALA B 2 2   ? 2.583   16.281  0.405   1.00 21.30 ? 4   ALA P CA  1 
ATOM   1394 C C   . ALA B 2 2   ? 3.930   15.580  0.341   1.00 18.53 ? 4   ALA P C   1 
ATOM   1395 O O   . ALA B 2 2   ? 4.861   16.060  -0.348  1.00 18.75 ? 4   ALA P O   1 
ATOM   1396 C CB  . ALA B 2 2   ? 1.739   15.698  -0.711  1.00 22.45 ? 4   ALA P CB  1 
ATOM   1397 N N   . ALA B 2 3   ? 3.990   14.451  1.039   1.00 14.55 ? 3   ALA P N   1 
ATOM   1398 C CA  . ALA B 2 3   ? 5.273   13.693  1.003   1.00 12.11 ? 3   ALA P CA  1 
ATOM   1399 C C   . ALA B 2 3   ? 4.914   12.212  0.987   1.00 11.69 ? 3   ALA P C   1 
ATOM   1400 O O   . ALA B 2 3   ? 3.840   11.912  1.510   1.00 10.17 ? 3   ALA P O   1 
ATOM   1401 C CB  . ALA B 2 3   ? 6.136   14.024  2.199   1.00 11.36 ? 3   ALA P CB  1 
ATOM   1402 N N   . PRO B 2 4   ? 5.789   11.414  0.391   1.00 11.35 ? 2   PRO P N   1 
ATOM   1403 C CA  . PRO B 2 4   ? 5.621   9.956   0.368   1.00 10.03 ? 2   PRO P CA  1 
ATOM   1404 C C   . PRO B 2 4   ? 5.889   9.413   1.769   1.00 10.72 ? 2   PRO P C   1 
ATOM   1405 O O   . PRO B 2 4   ? 6.756   10.009  2.473   1.00 10.32 ? 2   PRO P O   1 
ATOM   1406 C CB  . PRO B 2 4   ? 6.800   9.475   -0.473  1.00 9.33  ? 2   PRO P CB  1 
ATOM   1407 C CG  . PRO B 2 4   ? 7.488   10.667  -1.025  1.00 11.69 ? 2   PRO P CG  1 
ATOM   1408 C CD  . PRO B 2 4   ? 7.080   11.852  -0.181  1.00 10.47 ? 2   PRO P CD  1 
HETATM 1409 N N   . B2V B 2 5   ? 5.196   8.345   2.164   1.00 9.87  ? 1   B2V P N   1 
HETATM 1410 C CA  . B2V B 2 5   ? 5.377   7.759   3.510   1.00 8.67  ? 1   B2V P CA  1 
HETATM 1411 C CB  . B2V B 2 5   ? 4.070   7.876   4.361   1.00 9.57  ? 1   B2V P CB  1 
HETATM 1412 C CG1 . B2V B 2 5   ? 3.795   9.285   4.883   1.00 6.50  ? 1   B2V P CG1 1 
HETATM 1413 C CG2 . B2V B 2 5   ? 2.828   7.309   3.646   1.00 5.94  ? 1   B2V P CG2 1 
HETATM 1414 B B   . B2V B 2 5   ? 5.988   6.357   3.464   1.00 9.59  ? 1   B2V P B   1 
HETATM 1415 O O1  . B2V B 2 5   ? 5.853   5.461   4.678   1.00 8.40  ? 1   B2V P O1  1 
HETATM 1416 O O2  . B2V B 2 5   ? 7.221   6.182   2.636   1.00 9.48  ? 1   B2V P O2  1 
HETATM 1417 S S   . SO4 C 3 .   ? -6.693  1.919   -15.768 0.76 34.51 ? 1   SO4 A S   1 
HETATM 1418 O O1  . SO4 C 3 .   ? -6.932  1.866   -17.255 0.98 37.71 ? 1   SO4 A O1  1 
HETATM 1419 O O2  . SO4 C 3 .   ? -6.226  3.276   -15.364 0.86 33.98 ? 1   SO4 A O2  1 
HETATM 1420 O O3  . SO4 C 3 .   ? -7.816  1.437   -14.852 1.00 36.64 ? 1   SO4 A O3  1 
HETATM 1421 O O4  . SO4 C 3 .   ? -5.624  0.870   -15.440 0.42 44.58 ? 1   SO4 A O4  1 
HETATM 1422 O O   . HOH D 4 .   ? 1.398   -19.215 -0.536  0.93 15.57 ? 245 HOH A O   1 
HETATM 1423 O O   . HOH D 4 .   ? -15.877 -1.855  -3.723  0.75 29.02 ? 246 HOH A O   1 
HETATM 1424 O O   . HOH D 4 .   ? -18.011 -5.695  -5.300  0.98 10.09 ? 247 HOH A O   1 
HETATM 1425 O O   . HOH D 4 .   ? -1.122  2.065   4.947   1.00 5.14  ? 248 HOH A O   1 
HETATM 1426 O O   . HOH D 4 .   ? 20.460  -5.504  1.668   0.96 27.33 ? 249 HOH A O   1 
HETATM 1427 O O   . HOH D 4 .   ? 8.094   15.404  5.035   0.99 18.78 ? 250 HOH A O   1 
HETATM 1428 O O   . HOH D 4 .   ? 15.562  -0.202  9.138   1.00 21.54 ? 251 HOH A O   1 
HETATM 1429 O O   . HOH D 4 .   ? 13.819  2.760   0.150   0.88 24.53 ? 252 HOH A O   1 
HETATM 1430 O O   . HOH D 4 .   ? 7.707   -17.186 -6.021  1.00 18.23 ? 253 HOH A O   1 
HETATM 1431 O O   . HOH D 4 .   ? -13.353 -7.955  -8.545  0.60 7.92  ? 254 HOH A O   1 
HETATM 1432 O O   . HOH D 4 .   ? -9.210  -8.752  -8.685  0.87 16.03 ? 255 HOH A O   1 
HETATM 1433 O O   . HOH D 4 .   ? -9.991  4.905   -6.620  1.00 5.43  ? 256 HOH A O   1 
HETATM 1434 O O   . HOH D 4 .   ? -14.109 -9.178  3.752   0.63 17.24 ? 257 HOH A O   1 
HETATM 1435 O O   . HOH D 4 .   ? -7.178  -10.177 -9.580  0.92 11.54 ? 258 HOH A O   1 
HETATM 1436 O O   . HOH D 4 .   ? 9.631   -7.087  9.423   0.58 22.18 ? 259 HOH A O   1 
HETATM 1437 O O   . HOH D 4 .   ? -15.028 4.988   7.571   1.00 25.17 ? 260 HOH A O   1 
HETATM 1438 O O   . HOH D 4 .   ? 9.985   -17.841 -8.398  0.61 29.31 ? 261 HOH A O   1 
HETATM 1439 O O   . HOH D 4 .   ? 7.855   11.022  -13.966 0.78 31.52 ? 262 HOH A O   1 
HETATM 1440 O O   . HOH D 4 .   ? 10.527  -13.817 8.879   0.85 35.13 ? 263 HOH A O   1 
HETATM 1441 O O   . HOH D 4 .   ? -13.930 -1.609  -10.459 0.75 14.90 ? 264 HOH A O   1 
HETATM 1442 O O   . HOH D 4 .   ? -8.322  7.901   10.420  1.00 14.55 ? 265 HOH A O   1 
HETATM 1443 O O   . HOH D 4 .   ? -1.334  -15.425 -11.685 0.79 19.97 ? 266 HOH A O   1 
HETATM 1444 O O   . HOH D 4 .   ? -1.946  -2.688  10.352  1.00 17.99 ? 267 HOH A O   1 
HETATM 1445 O O   . HOH D 4 .   ? 6.733   13.229  -12.504 1.00 20.28 ? 268 HOH A O   1 
HETATM 1446 O O   . HOH D 4 .   ? 10.230  4.831   -12.417 0.63 22.82 ? 269 HOH A O   1 
HETATM 1447 O O   . HOH D 4 .   ? 7.529   -0.992  -14.129 0.77 17.48 ? 270 HOH A O   1 
HETATM 1448 O O   . HOH D 4 .   ? 5.398   -18.139 8.575   0.92 26.78 ? 271 HOH A O   1 
HETATM 1449 O O   . HOH D 4 .   ? -9.242  -13.072 7.013   0.58 6.19  ? 272 HOH A O   1 
HETATM 1450 O O   . HOH D 4 .   ? -3.554  5.681   -9.085  0.94 8.77  ? 273 HOH A O   1 
HETATM 1451 O O   . HOH D 4 .   ? -13.183 -2.504  8.929   0.98 29.99 ? 274 HOH A O   1 
HETATM 1452 O O   . HOH D 4 .   ? 10.565  -1.648  -13.283 0.57 11.11 ? 275 HOH A O   1 
HETATM 1453 O O   . HOH D 4 .   ? -10.983 6.062   -11.320 0.73 21.87 ? 276 HOH A O   1 
HETATM 1454 O O   . HOH D 4 .   ? -10.178 4.849   12.071  0.77 10.84 ? 277 HOH A O   1 
HETATM 1455 O O   . HOH D 4 .   ? -1.936  -13.256 -12.955 0.72 19.43 ? 278 HOH A O   1 
HETATM 1456 O O   . HOH D 4 .   ? 13.148  11.776  -9.396  0.63 22.70 ? 279 HOH A O   1 
HETATM 1457 O O   . HOH D 4 .   ? -3.964  13.532  -11.434 0.99 21.11 ? 280 HOH A O   1 
HETATM 1458 O O   . HOH D 4 .   ? 14.927  1.173   -10.033 0.68 18.24 ? 281 HOH A O   1 
HETATM 1459 O O   . HOH D 4 .   ? -6.169  -1.851  -15.626 0.75 21.57 ? 282 HOH A O   1 
HETATM 1460 O O   . HOH D 4 .   ? -3.255  -3.174  12.569  0.98 12.49 ? 283 HOH A O   1 
HETATM 1461 O O   . HOH D 4 .   ? -6.808  -4.546  -13.663 0.83 24.47 ? 284 HOH A O   1 
HETATM 1462 O O   . HOH D 4 .   ? -7.119  -2.017  14.628  0.95 14.19 ? 285 HOH A O   1 
HETATM 1463 O O   . HOH D 4 .   ? 7.123   -7.217  -13.791 0.91 16.91 ? 286 HOH A O   1 
HETATM 1464 O O   . HOH D 4 .   ? -3.694  -8.937  12.397  0.76 12.48 ? 287 HOH A O   1 
HETATM 1465 O O   . HOH D 4 .   ? -0.439  7.013   -10.730 1.00 10.82 ? 288 HOH A O   1 
HETATM 1466 O O   . HOH D 4 .   ? -11.740 -7.238  10.767  0.78 24.68 ? 289 HOH A O   1 
HETATM 1467 O O   . HOH D 4 .   ? -1.555  -5.745  13.446  0.93 26.47 ? 290 HOH A O   1 
HETATM 1468 O O   . HOH D 4 .   ? -4.757  -1.035  14.253  0.73 9.31  ? 291 HOH A O   1 
HETATM 1469 O O   . HOH D 4 .   ? -1.456  20.396  5.686   1.00 34.62 ? 292 HOH A O   1 
HETATM 1470 O O   . HOH D 4 .   ? -8.215  18.053  2.484   0.63 31.03 ? 293 HOH A O   1 
HETATM 1471 O O   . HOH D 4 .   ? -16.723 -2.765  -1.043  0.93 15.19 ? 294 HOH A O   1 
HETATM 1472 O O   . HOH D 4 .   ? 19.531  1.873   -0.896  0.50 17.02 ? 295 HOH A O   1 
HETATM 1473 O O   . HOH D 4 .   ? -15.299 -8.000  -6.873  0.74 17.90 ? 296 HOH A O   1 
HETATM 1474 O O   . HOH D 4 .   ? -15.732 14.544  -1.566  0.83 37.13 ? 297 HOH A O   1 
HETATM 1475 O O   . HOH D 4 .   ? 21.016  0.081   2.000   0.95 16.21 ? 298 HOH A O   1 
HETATM 1476 O O   . HOH D 4 .   ? -11.516 3.996   -4.767  0.60 9.06  ? 299 HOH A O   1 
HETATM 1477 O O   . HOH D 4 .   ? 9.184   15.332  12.035  1.00 21.62 ? 300 HOH A O   1 
HETATM 1478 O O   . HOH D 4 .   ? -7.330  5.673   16.101  0.77 36.52 ? 301 HOH A O   1 
HETATM 1479 O O   . HOH D 4 .   ? -19.798 9.431   -5.805  0.33 11.34 ? 302 HOH A O   1 
HETATM 1480 O O   . HOH D 4 .   ? 16.124  -2.540  9.575   0.62 28.02 ? 303 HOH A O   1 
HETATM 1481 O O   . HOH D 4 .   ? 12.429  -6.870  8.186   0.77 27.71 ? 304 HOH A O   1 
HETATM 1482 O O   . HOH D 4 .   ? -9.320  -0.579  15.046  0.58 24.01 ? 305 HOH A O   1 
HETATM 1483 O O   . HOH D 4 .   ? 14.141  16.345  -5.749  0.50 14.37 ? 306 HOH A O   1 
HETATM 1484 O O   . HOH D 4 .   ? 3.339   8.634   13.443  0.81 25.53 ? 307 HOH A O   1 
HETATM 1485 O O   . HOH D 4 .   ? 16.281  1.163   -3.311  0.90 33.81 ? 308 HOH A O   1 
HETATM 1486 O O   . HOH D 4 .   ? -13.347 16.947  10.134  0.72 36.73 ? 309 HOH A O   1 
HETATM 1487 O O   . HOH D 4 .   ? 8.957   7.647   -13.637 1.00 30.36 ? 310 HOH A O   1 
HETATM 1488 O O   . HOH D 4 .   ? 4.408   -3.589  -17.780 0.76 37.65 ? 311 HOH A O   1 
HETATM 1489 O O   . HOH D 4 .   ? -5.752  -9.306  -11.610 0.77 14.76 ? 312 HOH A O   1 
HETATM 1490 O O   . HOH D 4 .   ? 2.243   17.427  14.977  1.00 34.44 ? 313 HOH A O   1 
HETATM 1491 O O   . HOH D 4 .   ? 8.399   -18.329 -10.219 1.00 24.33 ? 314 HOH A O   1 
HETATM 1492 O O   . HOH D 4 .   ? 3.457   -20.534 7.681   0.81 29.77 ? 315 HOH A O   1 
HETATM 1493 O O   . HOH D 4 .   ? -13.213 13.848  -7.368  0.46 18.57 ? 316 HOH A O   1 
HETATM 1494 O O   . HOH D 4 .   ? 1.116   18.512  -3.460  0.61 33.10 ? 317 HOH A O   1 
HETATM 1495 O O   . HOH D 4 .   ? 4.010   -5.137  10.908  0.89 30.92 ? 318 HOH A O   1 
HETATM 1496 O O   . HOH D 4 .   ? 0.753   -3.756  10.638  0.52 13.69 ? 319 HOH A O   1 
HETATM 1497 O O   . HOH D 4 .   ? -13.135 -10.354 6.740   0.56 31.60 ? 320 HOH A O   1 
HETATM 1498 O O   . HOH D 4 .   ? 10.475  9.822   -14.032 0.63 36.61 ? 321 HOH A O   1 
HETATM 1499 O O   . HOH D 4 .   ? -2.361  4.296   -14.030 0.75 10.94 ? 322 HOH A O   1 
HETATM 1500 O O   . HOH D 4 .   ? -12.003 -10.584 15.343  0.84 28.02 ? 323 HOH A O   1 
HETATM 1501 O O   . HOH D 4 .   ? 18.325  -1.969  -6.078  0.72 32.83 ? 324 HOH A O   1 
HETATM 1502 O O   . HOH D 4 .   ? 0.718   -0.874  13.115  0.53 14.36 ? 325 HOH A O   1 
HETATM 1503 O O   . HOH D 4 .   ? -9.087  7.835   -10.942 0.73 22.98 ? 326 HOH A O   1 
HETATM 1504 O O   . HOH D 4 .   ? -0.921  -9.187  11.521  0.47 29.91 ? 327 HOH A O   1 
HETATM 1505 O O   . HOH D 4 .   ? -6.444  1.128   14.682  1.00 36.49 ? 328 HOH A O   1 
HETATM 1506 O O   . HOH D 4 .   ? 12.819  -19.707 -4.692  1.00 37.37 ? 329 HOH A O   1 
HETATM 1507 O O   . HOH D 4 .   ? 10.654  -15.650 6.843   0.82 38.22 ? 330 HOH A O   1 
HETATM 1508 O O   . HOH D 4 .   ? 13.066  5.647   -4.763  0.74 32.62 ? 331 HOH A O   1 
HETATM 1509 O O   . HOH D 4 .   ? -10.683 -14.326 8.975   0.42 8.19  ? 332 HOH A O   1 
HETATM 1510 O O   . HOH D 4 .   ? 6.265   -7.738  9.696   0.84 23.72 ? 333 HOH A O   1 
HETATM 1511 O O   . HOH D 4 .   ? -0.883  14.836  13.022  0.95 7.93  ? 334 HOH A O   1 
HETATM 1512 O O   . HOH D 4 .   ? -7.576  8.322   -8.720  0.97 11.75 ? 335 HOH A O   1 
HETATM 1513 O O   . HOH D 4 .   ? -17.124 13.037  -0.331  0.56 40.52 ? 336 HOH A O   1 
HETATM 1514 O O   . HOH D 4 .   ? 16.230  -5.174  8.290   0.51 10.67 ? 337 HOH A O   1 
HETATM 1515 O O   . HOH D 4 .   ? -8.359  0.129   -8.508  1.00 6.95  ? 338 HOH A O   1 
HETATM 1516 O O   . HOH D 4 .   ? -15.790 -5.121  -10.143 0.73 40.76 ? 339 HOH A O   1 
HETATM 1517 O O   . HOH D 4 .   ? 16.253  1.612   1.553   0.81 32.16 ? 340 HOH A O   1 
HETATM 1518 O O   . HOH D 4 .   ? 15.018  3.586   -2.357  0.39 31.31 ? 341 HOH A O   1 
HETATM 1519 O O   . HOH D 4 .   ? -3.238  -9.514  0.778   0.81 5.05  ? 342 HOH A O   1 
HETATM 1520 O O   . HOH D 4 .   ? 8.991   4.713   4.738   1.00 28.38 ? 343 HOH A O   1 
HETATM 1521 O O   . HOH D 4 .   ? -4.136  -15.666 -7.526  1.00 40.50 ? 344 HOH A O   1 
HETATM 1522 O O   . HOH D 4 .   ? 6.218   -19.051 5.284   0.39 16.09 ? 345 HOH A O   1 
HETATM 1523 O O   . HOH D 4 .   ? 0.413   -6.461  11.690  0.76 26.76 ? 346 HOH A O   1 
HETATM 1524 O O   . HOH D 4 .   ? 10.114  9.258   12.065  0.90 20.04 ? 347 HOH A O   1 
HETATM 1525 O O   . HOH D 4 .   ? -7.146  -18.444 -0.477  0.61 34.25 ? 348 HOH A O   1 
HETATM 1526 O O   . HOH D 4 .   ? -12.780 0.093   12.173  0.88 36.83 ? 349 HOH A O   1 
HETATM 1527 O O   . HOH D 4 .   ? -15.088 0.129   4.476   0.99 28.83 ? 350 HOH A O   1 
HETATM 1528 O O   . HOH D 4 .   ? 7.961   15.683  -0.774  0.96 16.18 ? 351 HOH A O   1 
HETATM 1529 O O   . HOH D 4 .   ? -16.434 8.232   -8.238  0.94 17.79 ? 352 HOH A O   1 
HETATM 1530 O O   . HOH D 4 .   ? 6.199   -14.488 -13.268 0.85 20.79 ? 353 HOH A O   1 
HETATM 1531 O O   . HOH D 4 .   ? -9.445  14.004  2.045   0.81 18.00 ? 354 HOH A O   1 
HETATM 1532 O O   . HOH D 4 .   ? 15.769  -5.210  3.972   0.81 7.95  ? 355 HOH A O   1 
HETATM 1533 O O   . HOH D 4 .   ? 8.059   13.307  6.136   0.92 20.89 ? 356 HOH A O   1 
HETATM 1534 O O   . HOH D 4 .   ? -2.320  6.864   -12.819 0.38 10.66 ? 357 HOH A O   1 
HETATM 1535 O O   . HOH D 4 .   ? 12.677  -16.129 4.300   0.72 28.20 ? 358 HOH A O   1 
HETATM 1536 O O   . HOH D 4 .   ? -16.365 -10.150 -4.469  1.00 33.61 ? 359 HOH A O   1 
HETATM 1537 O O   . HOH D 4 .   ? -9.644  -1.452  -6.851  1.00 13.70 ? 360 HOH A O   1 
HETATM 1538 O O   . HOH D 4 .   ? -18.010 -1.843  1.923   0.77 34.85 ? 361 HOH A O   1 
HETATM 1539 O O   . HOH D 4 .   ? -9.795  2.541   -5.804  0.97 35.78 ? 362 HOH A O   1 
HETATM 1540 O O   . HOH D 4 .   ? 8.698   -4.475  -15.988 0.63 19.54 ? 363 HOH A O   1 
HETATM 1541 O O   . HOH D 4 .   ? 11.774  -4.587  9.835   0.96 38.27 ? 364 HOH A O   1 
HETATM 1542 O O   . HOH D 4 .   ? -1.458  -19.609 0.711   0.70 33.79 ? 365 HOH A O   1 
HETATM 1543 O O   . HOH D 4 .   ? -10.771 -17.108 3.260   0.60 28.41 ? 366 HOH A O   1 
HETATM 1544 O O   . HOH D 4 .   ? -16.463 0.017   -9.821  0.50 26.47 ? 367 HOH A O   1 
HETATM 1545 O O   . HOH D 4 .   ? -0.486  17.377  14.358  1.00 24.30 ? 368 HOH A O   1 
HETATM 1546 O O   . HOH D 4 .   ? 10.124  2.440   -13.799 0.41 6.74  ? 369 HOH A O   1 
HETATM 1547 O O   . HOH D 4 .   ? 4.019   -12.284 8.945   0.87 21.71 ? 370 HOH A O   1 
HETATM 1548 O O   . HOH D 4 .   ? 12.755  7.754   -10.641 0.69 33.51 ? 371 HOH A O   1 
HETATM 1549 O O   . HOH D 4 .   ? 5.541   -10.204 10.324  0.77 30.74 ? 372 HOH A O   1 
HETATM 1550 O O   . HOH D 4 .   ? 11.531  -4.362  -14.055 0.44 14.98 ? 373 HOH A O   1 
HETATM 1551 O O   . HOH D 4 .   ? -19.276 12.791  -2.922  0.66 43.71 ? 374 HOH A O   1 
HETATM 1552 O O   . HOH D 4 .   ? -10.806 -2.015  13.131  1.00 39.79 ? 375 HOH A O   1 
HETATM 1553 O O   . HOH D 4 .   ? 20.769  -8.674  7.563   0.68 38.02 ? 376 HOH A O   1 
HETATM 1554 O O   . HOH D 4 .   ? -2.111  20.279  3.200   0.55 33.52 ? 377 HOH A O   1 
HETATM 1555 O O   . HOH D 4 .   ? 4.231   -11.147 -16.619 0.45 40.43 ? 378 HOH A O   1 
HETATM 1556 O O   . HOH D 4 .   ? 7.493   6.384   11.640  0.54 20.00 ? 379 HOH A O   1 
HETATM 1557 O O   . HOH D 4 .   ? -21.601 7.218   -0.277  0.87 32.67 ? 380 HOH A O   1 
HETATM 1558 O O   . HOH D 4 .   ? -4.456  -10.361 -1.532  0.92 5.03  ? 381 HOH A O   1 
HETATM 1559 O O   . HOH E 4 .   ? 10.276  4.916   2.466   0.59 41.71 ? 54  HOH P O   1 
HETATM 1560 O O   . HOH E 4 .   ? 11.248  8.344   1.072   0.71 20.71 ? 87  HOH P O   1 
HETATM 1561 O O   . HOH E 4 .   ? 8.968   8.478   2.773   0.86 19.72 ? 90  HOH P O   1 
HETATM 1562 O O   . HOH E 4 .   ? 7.779   10.734  4.793   0.96 31.34 ? 103 HOH P O   1 
# 
